data_2CPN
#
_entry.id   2CPN
#
_entity_poly.entity_id   1
_entity_poly.type   'polypeptide(L)'
_entity_poly.pdbx_seq_one_letter_code
;GSSGSSGPVSPQQSECNPVGALQELVVQKGWRLPEYTVTQESGPAHRKEFTMTCRVERFIEIGSGTSKKLAKRNAAAKML
LRVSGPSSG
;
_entity_poly.pdbx_strand_id   A
#
# COMPACT_ATOMS: atom_id res chain seq x y z
N GLY A 1 -17.03 -28.45 4.56
CA GLY A 1 -16.33 -27.98 3.38
C GLY A 1 -16.29 -26.47 3.29
N SER A 2 -16.29 -25.94 2.08
CA SER A 2 -16.24 -24.50 1.86
C SER A 2 -16.69 -24.15 0.44
N SER A 3 -17.21 -22.94 0.27
CA SER A 3 -17.67 -22.48 -1.03
C SER A 3 -17.17 -21.06 -1.31
N GLY A 4 -16.82 -20.79 -2.57
CA GLY A 4 -16.34 -19.49 -2.95
C GLY A 4 -17.12 -18.89 -4.10
N SER A 5 -17.51 -17.63 -3.96
CA SER A 5 -18.27 -16.93 -4.99
C SER A 5 -18.30 -15.43 -4.74
N SER A 6 -18.01 -14.65 -5.77
CA SER A 6 -18.00 -13.19 -5.65
C SER A 6 -19.29 -12.60 -6.21
N GLY A 7 -19.67 -13.04 -7.41
CA GLY A 7 -20.89 -12.54 -8.02
C GLY A 7 -20.62 -11.35 -8.92
N PRO A 8 -21.45 -11.20 -9.96
CA PRO A 8 -21.32 -10.09 -10.92
C PRO A 8 -21.71 -8.75 -10.32
N VAL A 9 -20.73 -7.88 -10.14
CA VAL A 9 -20.96 -6.56 -9.57
C VAL A 9 -20.50 -5.46 -10.52
N SER A 10 -21.38 -4.48 -10.75
CA SER A 10 -21.07 -3.38 -11.64
C SER A 10 -19.78 -2.68 -11.23
N PRO A 11 -19.00 -2.22 -12.21
CA PRO A 11 -17.72 -1.54 -11.97
C PRO A 11 -17.92 -0.16 -11.36
N GLN A 12 -17.68 -0.05 -10.06
CA GLN A 12 -17.84 1.21 -9.34
C GLN A 12 -16.72 2.18 -9.71
N GLN A 13 -17.05 3.19 -10.51
CA GLN A 13 -16.06 4.18 -10.93
C GLN A 13 -15.63 5.05 -9.75
N SER A 14 -14.39 4.86 -9.32
CA SER A 14 -13.85 5.63 -8.21
C SER A 14 -12.38 5.98 -8.44
N GLU A 15 -11.96 7.13 -7.93
CA GLU A 15 -10.58 7.58 -8.08
C GLU A 15 -9.61 6.42 -7.88
N CYS A 16 -8.38 6.60 -8.36
CA CYS A 16 -7.35 5.58 -8.23
C CYS A 16 -6.55 5.77 -6.96
N ASN A 17 -6.29 4.66 -6.25
CA ASN A 17 -5.53 4.72 -5.01
C ASN A 17 -5.00 3.33 -4.65
N PRO A 18 -3.78 3.29 -4.07
CA PRO A 18 -3.14 2.04 -3.66
C PRO A 18 -3.83 1.40 -2.47
N VAL A 19 -4.06 2.19 -1.42
CA VAL A 19 -4.72 1.70 -0.22
C VAL A 19 -5.96 0.89 -0.57
N GLY A 20 -6.67 1.31 -1.61
CA GLY A 20 -7.87 0.61 -2.03
C GLY A 20 -7.57 -0.56 -2.93
N ALA A 21 -6.38 -0.57 -3.52
CA ALA A 21 -5.97 -1.63 -4.42
C ALA A 21 -5.41 -2.82 -3.64
N LEU A 22 -4.44 -2.55 -2.78
CA LEU A 22 -3.82 -3.60 -1.98
C LEU A 22 -4.87 -4.43 -1.26
N GLN A 23 -6.00 -3.80 -0.96
CA GLN A 23 -7.09 -4.48 -0.26
C GLN A 23 -7.75 -5.51 -1.18
N GLU A 24 -7.73 -5.25 -2.49
CA GLU A 24 -8.32 -6.15 -3.45
C GLU A 24 -7.37 -7.30 -3.79
N LEU A 25 -6.10 -6.97 -3.97
CA LEU A 25 -5.08 -7.97 -4.29
C LEU A 25 -4.95 -8.98 -3.16
N VAL A 26 -4.71 -8.49 -1.95
CA VAL A 26 -4.56 -9.34 -0.79
C VAL A 26 -5.59 -10.47 -0.80
N VAL A 27 -6.86 -10.10 -0.91
CA VAL A 27 -7.94 -11.07 -0.93
C VAL A 27 -7.70 -12.15 -1.99
N GLN A 28 -7.14 -11.73 -3.12
CA GLN A 28 -6.84 -12.65 -4.21
C GLN A 28 -5.66 -13.55 -3.88
N LYS A 29 -4.73 -13.03 -3.09
CA LYS A 29 -3.56 -13.78 -2.68
C LYS A 29 -3.85 -14.62 -1.44
N GLY A 30 -4.89 -14.24 -0.70
CA GLY A 30 -5.25 -14.97 0.50
C GLY A 30 -4.55 -14.45 1.73
N TRP A 31 -4.35 -13.14 1.79
CA TRP A 31 -3.68 -12.51 2.93
C TRP A 31 -4.64 -11.61 3.70
N ARG A 32 -4.18 -11.10 4.84
CA ARG A 32 -5.00 -10.23 5.67
C ARG A 32 -4.61 -8.77 5.48
N LEU A 33 -5.49 -7.86 5.88
CA LEU A 33 -5.24 -6.43 5.75
C LEU A 33 -3.79 -6.11 6.11
N PRO A 34 -3.21 -5.11 5.40
CA PRO A 34 -1.84 -4.68 5.64
C PRO A 34 -1.66 -3.97 6.96
N GLU A 35 -0.46 -4.03 7.52
CA GLU A 35 -0.16 -3.39 8.80
C GLU A 35 0.51 -2.04 8.58
N TYR A 36 -0.04 -1.00 9.20
CA TYR A 36 0.50 0.34 9.07
C TYR A 36 1.07 0.84 10.41
N THR A 37 2.36 1.09 10.43
CA THR A 37 3.03 1.56 11.64
C THR A 37 4.15 2.53 11.31
N VAL A 38 4.22 3.63 12.07
CA VAL A 38 5.25 4.64 11.85
C VAL A 38 6.59 4.19 12.42
N THR A 39 7.61 4.13 11.57
CA THR A 39 8.94 3.72 12.00
C THR A 39 9.79 4.93 12.40
N GLN A 40 10.01 5.83 11.44
CA GLN A 40 10.80 7.02 11.70
C GLN A 40 9.98 8.28 11.48
N GLU A 41 10.44 9.40 12.05
CA GLU A 41 9.74 10.67 11.92
C GLU A 41 10.73 11.83 11.83
N SER A 42 10.77 12.49 10.69
CA SER A 42 11.68 13.61 10.47
C SER A 42 10.95 14.77 9.80
N GLY A 43 11.59 15.94 9.79
CA GLY A 43 11.00 17.11 9.18
C GLY A 43 10.70 18.19 10.19
N PRO A 44 10.76 19.46 9.74
CA PRO A 44 10.49 20.62 10.60
C PRO A 44 9.02 20.73 10.98
N ALA A 45 8.64 21.86 11.57
CA ALA A 45 7.27 22.09 11.99
C ALA A 45 6.40 22.48 10.80
N HIS A 46 6.88 23.42 9.99
CA HIS A 46 6.14 23.89 8.82
C HIS A 46 5.89 22.74 7.86
N ARG A 47 6.85 21.82 7.76
CA ARG A 47 6.73 20.67 6.88
C ARG A 47 7.14 19.38 7.59
N LYS A 48 6.17 18.71 8.19
CA LYS A 48 6.42 17.46 8.90
C LYS A 48 6.37 16.27 7.95
N GLU A 49 7.18 15.26 8.22
CA GLU A 49 7.22 14.06 7.40
C GLU A 49 7.33 12.81 8.26
N PHE A 50 6.38 11.89 8.08
CA PHE A 50 6.37 10.65 8.84
C PHE A 50 6.75 9.47 7.96
N THR A 51 7.62 8.60 8.48
CA THR A 51 8.06 7.42 7.74
C THR A 51 7.30 6.17 8.17
N MET A 52 6.27 5.82 7.40
CA MET A 52 5.46 4.65 7.71
C MET A 52 5.87 3.47 6.84
N THR A 53 5.93 2.28 7.45
CA THR A 53 6.31 1.07 6.73
C THR A 53 5.16 0.07 6.69
N CYS A 54 4.95 -0.54 5.53
CA CYS A 54 3.88 -1.52 5.36
C CYS A 54 4.38 -2.93 5.60
N ARG A 55 3.87 -3.56 6.64
CA ARG A 55 4.28 -4.92 7.00
C ARG A 55 3.27 -5.94 6.47
N VAL A 56 3.63 -6.60 5.37
CA VAL A 56 2.76 -7.61 4.76
C VAL A 56 3.13 -9.01 5.23
N GLU A 57 2.17 -9.93 5.14
CA GLU A 57 2.41 -11.31 5.56
C GLU A 57 3.84 -11.74 5.26
N ARG A 58 4.18 -11.79 3.98
CA ARG A 58 5.52 -12.19 3.56
C ARG A 58 6.17 -11.11 2.71
N PHE A 59 5.81 -9.86 2.98
CA PHE A 59 6.35 -8.73 2.24
C PHE A 59 6.50 -7.50 3.13
N ILE A 60 7.40 -6.60 2.76
CA ILE A 60 7.63 -5.39 3.52
C ILE A 60 8.09 -4.25 2.63
N GLU A 61 7.61 -3.05 2.91
CA GLU A 61 7.98 -1.86 2.12
C GLU A 61 7.87 -0.60 2.97
N ILE A 62 8.99 0.13 3.06
CA ILE A 62 9.02 1.37 3.83
C ILE A 62 8.53 2.55 2.99
N GLY A 63 7.76 3.44 3.63
CA GLY A 63 7.25 4.61 2.94
C GLY A 63 7.28 5.85 3.79
N SER A 64 7.12 7.01 3.15
CA SER A 64 7.14 8.28 3.86
C SER A 64 6.13 9.25 3.27
N GLY A 65 5.61 10.15 4.10
CA GLY A 65 4.64 11.12 3.63
C GLY A 65 4.45 12.27 4.61
N THR A 66 4.32 13.48 4.07
CA THR A 66 4.14 14.67 4.90
C THR A 66 3.26 14.36 6.11
N SER A 67 2.16 13.64 5.86
CA SER A 67 1.23 13.29 6.93
C SER A 67 1.11 11.77 7.07
N LYS A 68 0.55 11.33 8.19
CA LYS A 68 0.37 9.91 8.44
C LYS A 68 -0.52 9.27 7.39
N LYS A 69 -1.68 9.88 7.15
CA LYS A 69 -2.62 9.37 6.17
C LYS A 69 -1.94 9.15 4.82
N LEU A 70 -1.14 10.14 4.41
CA LEU A 70 -0.43 10.06 3.14
C LEU A 70 0.61 8.93 3.17
N ALA A 71 1.46 8.94 4.19
CA ALA A 71 2.48 7.92 4.33
C ALA A 71 1.95 6.53 3.98
N LYS A 72 0.90 6.12 4.69
CA LYS A 72 0.28 4.82 4.45
C LYS A 72 0.22 4.51 2.96
N ARG A 73 -0.29 5.46 2.18
CA ARG A 73 -0.41 5.28 0.74
C ARG A 73 0.97 5.14 0.10
N ASN A 74 1.88 6.03 0.45
CA ASN A 74 3.23 6.01 -0.08
C ASN A 74 3.83 4.60 0.01
N ALA A 75 3.59 3.94 1.14
CA ALA A 75 4.10 2.59 1.36
C ALA A 75 3.30 1.56 0.55
N ALA A 76 1.98 1.60 0.72
CA ALA A 76 1.11 0.67 0.01
C ALA A 76 1.44 0.64 -1.49
N ALA A 77 1.33 1.80 -2.13
CA ALA A 77 1.62 1.90 -3.56
C ALA A 77 2.84 1.07 -3.94
N LYS A 78 3.97 1.40 -3.33
CA LYS A 78 5.22 0.68 -3.60
C LYS A 78 5.03 -0.82 -3.43
N MET A 79 4.34 -1.21 -2.37
CA MET A 79 4.09 -2.63 -2.11
C MET A 79 3.44 -3.30 -3.31
N LEU A 80 2.49 -2.62 -3.93
CA LEU A 80 1.80 -3.15 -5.10
C LEU A 80 2.77 -3.86 -6.03
N LEU A 81 3.77 -3.12 -6.49
CA LEU A 81 4.77 -3.68 -7.40
C LEU A 81 5.60 -4.75 -6.70
N ARG A 82 6.06 -4.44 -5.49
CA ARG A 82 6.86 -5.39 -4.72
C ARG A 82 6.24 -6.77 -4.73
N VAL A 83 4.97 -6.86 -4.33
CA VAL A 83 4.26 -8.13 -4.30
C VAL A 83 3.93 -8.60 -5.71
N SER A 84 3.62 -7.65 -6.59
CA SER A 84 3.29 -7.97 -7.97
C SER A 84 4.36 -8.82 -8.62
N GLY A 85 5.55 -8.25 -8.78
CA GLY A 85 6.65 -8.97 -9.38
C GLY A 85 7.87 -8.09 -9.62
N PRO A 86 7.83 -7.31 -10.71
CA PRO A 86 8.93 -6.41 -11.07
C PRO A 86 9.05 -5.23 -10.11
N SER A 87 10.28 -4.95 -9.68
CA SER A 87 10.53 -3.84 -8.76
C SER A 87 11.45 -2.80 -9.40
N SER A 88 10.85 -1.75 -9.95
CA SER A 88 11.62 -0.68 -10.59
C SER A 88 12.22 0.25 -9.55
N GLY A 89 13.54 0.18 -9.39
CA GLY A 89 14.22 1.02 -8.42
C GLY A 89 15.70 0.67 -8.30
N GLY A 1 6.07 -33.57 -30.21
CA GLY A 1 6.71 -32.59 -29.37
C GLY A 1 5.75 -31.91 -28.42
N SER A 2 5.95 -30.60 -28.21
CA SER A 2 5.09 -29.84 -27.30
C SER A 2 5.27 -28.34 -27.54
N SER A 3 4.14 -27.65 -27.73
CA SER A 3 4.17 -26.21 -27.96
C SER A 3 2.81 -25.58 -27.66
N GLY A 4 2.82 -24.33 -27.25
CA GLY A 4 1.59 -23.63 -26.93
C GLY A 4 1.37 -23.47 -25.45
N SER A 5 0.90 -22.30 -25.04
CA SER A 5 0.65 -22.03 -23.62
C SER A 5 -0.32 -20.86 -23.46
N SER A 6 -1.12 -20.91 -22.40
CA SER A 6 -2.10 -19.86 -22.14
C SER A 6 -1.42 -18.63 -21.54
N GLY A 7 -1.58 -17.49 -22.22
CA GLY A 7 -0.98 -16.26 -21.75
C GLY A 7 -1.67 -15.03 -22.28
N PRO A 8 -2.92 -14.81 -21.85
CA PRO A 8 -3.73 -13.66 -22.28
C PRO A 8 -3.19 -12.34 -21.73
N VAL A 9 -3.14 -11.32 -22.58
CA VAL A 9 -2.65 -10.01 -22.18
C VAL A 9 -3.44 -9.47 -20.99
N SER A 10 -2.74 -9.25 -19.88
CA SER A 10 -3.37 -8.74 -18.67
C SER A 10 -2.83 -7.36 -18.32
N PRO A 11 -3.35 -6.33 -19.00
CA PRO A 11 -2.93 -4.94 -18.78
C PRO A 11 -3.40 -4.40 -17.44
N GLN A 12 -2.71 -3.38 -16.93
CA GLN A 12 -3.07 -2.77 -15.66
C GLN A 12 -2.34 -1.45 -15.46
N GLN A 13 -2.99 -0.50 -14.80
CA GLN A 13 -2.41 0.80 -14.56
C GLN A 13 -2.34 1.10 -13.05
N SER A 14 -1.64 2.16 -12.70
CA SER A 14 -1.49 2.54 -11.31
C SER A 14 -2.21 3.86 -11.02
N GLU A 15 -3.40 4.02 -11.61
CA GLU A 15 -4.18 5.23 -11.42
C GLU A 15 -4.99 5.16 -10.13
N CYS A 16 -5.83 4.13 -10.00
CA CYS A 16 -6.65 3.94 -8.82
C CYS A 16 -5.80 3.95 -7.56
N ASN A 17 -6.28 4.64 -6.52
CA ASN A 17 -5.57 4.71 -5.26
C ASN A 17 -4.96 3.36 -4.88
N PRO A 18 -3.76 3.40 -4.28
CA PRO A 18 -3.05 2.20 -3.86
C PRO A 18 -3.72 1.50 -2.68
N VAL A 19 -4.02 2.27 -1.63
CA VAL A 19 -4.68 1.73 -0.45
C VAL A 19 -5.87 0.86 -0.83
N GLY A 20 -6.69 1.36 -1.75
CA GLY A 20 -7.86 0.62 -2.19
C GLY A 20 -7.51 -0.51 -3.14
N ALA A 21 -6.28 -0.49 -3.65
CA ALA A 21 -5.82 -1.53 -4.57
C ALA A 21 -5.26 -2.72 -3.83
N LEU A 22 -4.36 -2.46 -2.89
CA LEU A 22 -3.74 -3.53 -2.10
C LEU A 22 -4.79 -4.35 -1.37
N GLN A 23 -5.83 -3.68 -0.89
CA GLN A 23 -6.91 -4.34 -0.17
C GLN A 23 -7.57 -5.40 -1.05
N GLU A 24 -7.52 -5.19 -2.36
CA GLU A 24 -8.12 -6.12 -3.31
C GLU A 24 -7.18 -7.28 -3.60
N LEU A 25 -5.91 -6.95 -3.87
CA LEU A 25 -4.90 -7.97 -4.17
C LEU A 25 -4.77 -8.95 -3.02
N VAL A 26 -4.53 -8.42 -1.81
CA VAL A 26 -4.38 -9.26 -0.62
C VAL A 26 -5.38 -10.39 -0.63
N VAL A 27 -6.66 -10.06 -0.83
CA VAL A 27 -7.72 -11.06 -0.86
C VAL A 27 -7.45 -12.12 -1.92
N GLN A 28 -6.85 -11.70 -3.02
CA GLN A 28 -6.53 -12.62 -4.12
C GLN A 28 -5.33 -13.48 -3.76
N LYS A 29 -4.39 -12.92 -3.01
CA LYS A 29 -3.19 -13.63 -2.62
C LYS A 29 -3.44 -14.47 -1.36
N GLY A 30 -4.55 -14.17 -0.68
CA GLY A 30 -4.89 -14.91 0.53
C GLY A 30 -4.19 -14.35 1.75
N TRP A 31 -4.15 -13.03 1.85
CA TRP A 31 -3.51 -12.37 2.99
C TRP A 31 -4.50 -11.53 3.77
N ARG A 32 -4.06 -10.98 4.90
CA ARG A 32 -4.91 -10.15 5.73
C ARG A 32 -4.61 -8.67 5.53
N LEU A 33 -5.52 -7.81 5.96
CA LEU A 33 -5.35 -6.37 5.82
C LEU A 33 -3.90 -5.97 6.05
N PRO A 34 -3.43 -4.98 5.28
CA PRO A 34 -2.06 -4.48 5.39
C PRO A 34 -1.81 -3.73 6.69
N GLU A 35 -0.61 -3.89 7.24
CA GLU A 35 -0.24 -3.22 8.49
C GLU A 35 0.53 -1.94 8.22
N TYR A 36 0.16 -0.86 8.91
CA TYR A 36 0.82 0.42 8.74
C TYR A 36 1.17 1.04 10.09
N THR A 37 2.47 1.18 10.35
CA THR A 37 2.94 1.76 11.60
C THR A 37 4.13 2.69 11.37
N VAL A 38 4.06 3.88 11.94
CA VAL A 38 5.12 4.86 11.81
C VAL A 38 6.42 4.36 12.43
N THR A 39 7.41 4.11 11.59
CA THR A 39 8.71 3.62 12.06
C THR A 39 9.64 4.78 12.39
N GLN A 40 9.53 5.87 11.64
CA GLN A 40 10.36 7.04 11.86
C GLN A 40 9.63 8.31 11.44
N GLU A 41 10.05 9.44 12.01
CA GLU A 41 9.43 10.72 11.69
C GLU A 41 10.48 11.83 11.59
N SER A 42 10.70 12.32 10.37
CA SER A 42 11.68 13.37 10.15
C SER A 42 11.06 14.55 9.41
N GLY A 43 11.80 15.64 9.30
CA GLY A 43 11.30 16.82 8.62
C GLY A 43 11.20 18.02 9.55
N PRO A 44 11.10 19.23 8.95
CA PRO A 44 10.99 20.47 9.72
C PRO A 44 9.66 20.61 10.44
N ALA A 45 9.48 21.72 11.14
CA ALA A 45 8.25 21.97 11.87
C ALA A 45 7.10 22.29 10.92
N HIS A 46 7.34 23.23 10.01
CA HIS A 46 6.33 23.62 9.04
C HIS A 46 5.85 22.44 8.23
N ARG A 47 6.79 21.59 7.82
CA ARG A 47 6.47 20.40 7.04
C ARG A 47 7.04 19.14 7.68
N LYS A 48 6.28 18.54 8.56
CA LYS A 48 6.70 17.31 9.26
C LYS A 48 6.44 16.09 8.40
N GLU A 49 7.50 15.31 8.15
CA GLU A 49 7.37 14.09 7.35
C GLU A 49 7.35 12.85 8.24
N PHE A 50 6.36 11.99 8.01
CA PHE A 50 6.22 10.76 8.79
C PHE A 50 6.54 9.54 7.93
N THR A 51 7.56 8.80 8.32
CA THR A 51 7.97 7.60 7.59
C THR A 51 7.31 6.35 8.16
N MET A 52 6.30 5.85 7.47
CA MET A 52 5.58 4.67 7.90
C MET A 52 5.94 3.46 7.05
N THR A 53 6.07 2.29 7.68
CA THR A 53 6.41 1.07 6.97
C THR A 53 5.22 0.13 6.88
N CYS A 54 5.00 -0.44 5.71
CA CYS A 54 3.90 -1.37 5.49
C CYS A 54 4.34 -2.81 5.71
N ARG A 55 3.86 -3.42 6.78
CA ARG A 55 4.22 -4.79 7.11
C ARG A 55 3.17 -5.76 6.56
N VAL A 56 3.55 -6.51 5.52
CA VAL A 56 2.65 -7.47 4.91
C VAL A 56 3.01 -8.90 5.31
N GLU A 57 2.03 -9.79 5.21
CA GLU A 57 2.23 -11.19 5.58
C GLU A 57 3.65 -11.64 5.26
N ARG A 58 3.95 -11.74 3.97
CA ARG A 58 5.29 -12.17 3.53
C ARG A 58 5.95 -11.07 2.70
N PHE A 59 5.65 -9.82 3.02
CA PHE A 59 6.21 -8.68 2.31
C PHE A 59 6.39 -7.49 3.24
N ILE A 60 7.33 -6.62 2.89
CA ILE A 60 7.61 -5.42 3.69
C ILE A 60 8.11 -4.28 2.82
N GLU A 61 7.60 -3.08 3.08
CA GLU A 61 8.00 -1.90 2.32
C GLU A 61 7.99 -0.66 3.20
N ILE A 62 8.89 0.26 2.92
CA ILE A 62 8.99 1.51 3.68
C ILE A 62 8.42 2.69 2.91
N GLY A 63 7.49 3.40 3.54
CA GLY A 63 6.87 4.54 2.88
C GLY A 63 6.97 5.80 3.73
N SER A 64 6.65 6.94 3.12
CA SER A 64 6.70 8.22 3.81
C SER A 64 5.57 9.14 3.36
N GLY A 65 5.26 10.13 4.18
CA GLY A 65 4.20 11.07 3.85
C GLY A 65 4.03 12.16 4.89
N THR A 66 3.77 13.38 4.43
CA THR A 66 3.59 14.51 5.33
C THR A 66 2.74 14.11 6.54
N SER A 67 1.66 13.38 6.28
CA SER A 67 0.77 12.95 7.35
C SER A 67 0.58 11.44 7.32
N LYS A 68 0.53 10.83 8.50
CA LYS A 68 0.35 9.39 8.61
C LYS A 68 -0.59 8.87 7.53
N LYS A 69 -1.71 9.55 7.36
CA LYS A 69 -2.70 9.17 6.36
C LYS A 69 -2.04 8.97 5.00
N LEU A 70 -1.28 9.97 4.55
CA LEU A 70 -0.60 9.90 3.27
C LEU A 70 0.49 8.84 3.29
N ALA A 71 1.31 8.84 4.35
CA ALA A 71 2.39 7.88 4.49
C ALA A 71 1.93 6.47 4.10
N LYS A 72 0.77 6.08 4.60
CA LYS A 72 0.21 4.77 4.30
C LYS A 72 0.14 4.54 2.79
N ARG A 73 -0.38 5.54 2.07
CA ARG A 73 -0.50 5.45 0.63
C ARG A 73 0.85 5.21 -0.03
N ASN A 74 1.84 6.01 0.36
CA ASN A 74 3.18 5.88 -0.20
C ASN A 74 3.72 4.46 -0.02
N ALA A 75 3.51 3.90 1.17
CA ALA A 75 3.97 2.55 1.46
C ALA A 75 3.20 1.52 0.64
N ALA A 76 1.88 1.59 0.70
CA ALA A 76 1.02 0.66 -0.04
C ALA A 76 1.45 0.59 -1.51
N ALA A 77 1.32 1.70 -2.21
CA ALA A 77 1.69 1.77 -3.63
C ALA A 77 2.96 0.95 -3.89
N LYS A 78 4.06 1.36 -3.30
CA LYS A 78 5.33 0.66 -3.47
C LYS A 78 5.15 -0.84 -3.33
N MET A 79 4.45 -1.26 -2.28
CA MET A 79 4.20 -2.67 -2.04
C MET A 79 3.56 -3.34 -3.26
N LEU A 80 2.59 -2.65 -3.86
CA LEU A 80 1.91 -3.16 -5.04
C LEU A 80 2.90 -3.74 -6.04
N LEU A 81 3.82 -2.90 -6.51
CA LEU A 81 4.82 -3.33 -7.48
C LEU A 81 5.66 -4.48 -6.92
N ARG A 82 6.06 -4.35 -5.65
CA ARG A 82 6.86 -5.38 -5.01
C ARG A 82 6.17 -6.74 -5.09
N VAL A 83 4.99 -6.85 -4.49
CA VAL A 83 4.24 -8.09 -4.49
C VAL A 83 3.86 -8.49 -5.91
N SER A 84 3.53 -7.50 -6.74
CA SER A 84 3.15 -7.76 -8.12
C SER A 84 4.38 -8.08 -8.97
N GLY A 85 4.13 -8.61 -10.17
CA GLY A 85 5.23 -8.96 -11.06
C GLY A 85 6.10 -7.77 -11.40
N PRO A 86 7.38 -8.03 -11.69
CA PRO A 86 8.35 -6.98 -12.03
C PRO A 86 8.07 -6.37 -13.40
N SER A 87 7.40 -7.12 -14.27
CA SER A 87 7.08 -6.65 -15.60
C SER A 87 6.38 -5.29 -15.54
N SER A 88 6.99 -4.30 -16.20
CA SER A 88 6.43 -2.95 -16.22
C SER A 88 5.87 -2.61 -17.60
N GLY A 89 4.97 -1.65 -17.64
CA GLY A 89 4.36 -1.25 -18.89
C GLY A 89 2.94 -0.76 -18.72
N GLY A 1 -17.46 -32.02 3.46
CA GLY A 1 -18.13 -30.83 2.99
C GLY A 1 -17.16 -29.72 2.65
N SER A 2 -17.62 -28.77 1.84
CA SER A 2 -16.77 -27.66 1.42
C SER A 2 -17.28 -26.35 2.02
N SER A 3 -18.59 -26.13 1.94
CA SER A 3 -19.20 -24.92 2.47
C SER A 3 -18.45 -23.68 1.98
N GLY A 4 -18.10 -23.67 0.70
CA GLY A 4 -17.38 -22.54 0.14
C GLY A 4 -18.12 -21.90 -1.01
N SER A 5 -18.13 -20.58 -1.05
CA SER A 5 -18.82 -19.84 -2.11
C SER A 5 -17.95 -18.68 -2.62
N SER A 6 -18.35 -18.12 -3.76
CA SER A 6 -17.60 -17.02 -4.36
C SER A 6 -18.53 -16.11 -5.16
N GLY A 7 -18.09 -14.89 -5.40
CA GLY A 7 -18.89 -13.94 -6.15
C GLY A 7 -18.15 -12.65 -6.44
N PRO A 8 -18.44 -12.05 -7.60
CA PRO A 8 -17.80 -10.81 -8.03
C PRO A 8 -18.26 -9.61 -7.20
N VAL A 9 -17.33 -8.71 -6.90
CA VAL A 9 -17.63 -7.53 -6.11
C VAL A 9 -17.00 -6.29 -6.72
N SER A 10 -17.74 -5.17 -6.68
CA SER A 10 -17.26 -3.92 -7.23
C SER A 10 -17.61 -2.75 -6.31
N PRO A 11 -16.71 -1.77 -6.24
CA PRO A 11 -16.90 -0.57 -5.41
C PRO A 11 -17.99 0.35 -5.95
N GLN A 12 -18.55 1.19 -5.08
CA GLN A 12 -19.60 2.11 -5.46
C GLN A 12 -19.02 3.40 -6.03
N GLN A 13 -18.15 4.05 -5.24
CA GLN A 13 -17.52 5.29 -5.67
C GLN A 13 -16.43 5.02 -6.70
N SER A 14 -16.28 5.95 -7.64
CA SER A 14 -15.28 5.81 -8.69
C SER A 14 -14.06 6.67 -8.39
N GLU A 15 -12.98 6.04 -7.96
CA GLU A 15 -11.75 6.75 -7.64
C GLU A 15 -10.55 5.80 -7.62
N CYS A 16 -9.36 6.35 -7.73
CA CYS A 16 -8.14 5.55 -7.73
C CYS A 16 -7.38 5.74 -6.41
N ASN A 17 -6.85 4.64 -5.87
CA ASN A 17 -6.10 4.67 -4.63
C ASN A 17 -5.43 3.33 -4.35
N PRO A 18 -4.22 3.38 -3.76
CA PRO A 18 -3.46 2.18 -3.44
C PRO A 18 -4.08 1.38 -2.30
N VAL A 19 -4.39 2.07 -1.20
CA VAL A 19 -5.00 1.42 -0.04
C VAL A 19 -6.21 0.59 -0.45
N GLY A 20 -7.01 1.13 -1.35
CA GLY A 20 -8.19 0.42 -1.81
C GLY A 20 -7.87 -0.65 -2.83
N ALA A 21 -6.64 -0.63 -3.33
CA ALA A 21 -6.21 -1.62 -4.32
C ALA A 21 -5.56 -2.83 -3.64
N LEU A 22 -4.64 -2.56 -2.72
CA LEU A 22 -3.94 -3.62 -2.00
C LEU A 22 -4.94 -4.60 -1.38
N GLN A 23 -6.08 -4.07 -0.96
CA GLN A 23 -7.12 -4.90 -0.35
C GLN A 23 -7.61 -5.97 -1.31
N GLU A 24 -7.57 -5.65 -2.60
CA GLU A 24 -8.02 -6.59 -3.64
C GLU A 24 -6.94 -7.65 -3.90
N LEU A 25 -5.69 -7.21 -3.97
CA LEU A 25 -4.57 -8.12 -4.21
C LEU A 25 -4.43 -9.12 -3.07
N VAL A 26 -4.19 -8.62 -1.86
CA VAL A 26 -4.03 -9.47 -0.69
C VAL A 26 -4.96 -10.67 -0.76
N VAL A 27 -6.24 -10.42 -1.04
CA VAL A 27 -7.23 -11.48 -1.14
C VAL A 27 -6.86 -12.48 -2.22
N GLN A 28 -6.40 -11.97 -3.37
CA GLN A 28 -6.00 -12.83 -4.48
C GLN A 28 -4.80 -13.69 -4.11
N LYS A 29 -4.05 -13.23 -3.12
CA LYS A 29 -2.86 -13.96 -2.67
C LYS A 29 -3.17 -14.77 -1.40
N GLY A 30 -4.30 -14.48 -0.78
CA GLY A 30 -4.70 -15.18 0.42
C GLY A 30 -4.04 -14.60 1.66
N TRP A 31 -3.96 -13.29 1.73
CA TRP A 31 -3.35 -12.61 2.88
C TRP A 31 -4.39 -11.77 3.63
N ARG A 32 -3.97 -11.22 4.76
CA ARG A 32 -4.86 -10.39 5.58
C ARG A 32 -4.58 -8.91 5.36
N LEU A 33 -5.42 -8.06 5.93
CA LEU A 33 -5.27 -6.62 5.80
C LEU A 33 -3.83 -6.19 6.10
N PRO A 34 -3.34 -5.19 5.36
CA PRO A 34 -1.98 -4.66 5.54
C PRO A 34 -1.82 -3.91 6.85
N GLU A 35 -0.60 -3.90 7.37
CA GLU A 35 -0.30 -3.21 8.63
C GLU A 35 0.30 -1.84 8.36
N TYR A 36 -0.24 -0.82 9.03
CA TYR A 36 0.24 0.55 8.86
C TYR A 36 0.72 1.12 10.20
N THR A 37 2.01 1.35 10.32
CA THR A 37 2.59 1.90 11.53
C THR A 37 3.78 2.80 11.23
N VAL A 38 3.94 3.86 12.01
CA VAL A 38 5.03 4.80 11.82
C VAL A 38 6.32 4.26 12.42
N THR A 39 7.40 4.29 11.64
CA THR A 39 8.69 3.79 12.08
C THR A 39 9.64 4.95 12.40
N GLN A 40 9.62 5.97 11.55
CA GLN A 40 10.48 7.13 11.74
C GLN A 40 9.73 8.42 11.38
N GLU A 41 10.23 9.55 11.89
CA GLU A 41 9.61 10.84 11.63
C GLU A 41 10.65 11.94 11.64
N SER A 42 10.94 12.49 10.46
CA SER A 42 11.92 13.56 10.33
C SER A 42 11.27 14.84 9.79
N GLY A 43 12.03 15.92 9.78
CA GLY A 43 11.52 17.18 9.28
C GLY A 43 11.09 18.11 10.40
N PRO A 44 11.27 19.42 10.20
CA PRO A 44 10.89 20.44 11.18
C PRO A 44 9.39 20.58 11.33
N ALA A 45 8.95 21.63 12.02
CA ALA A 45 7.53 21.87 12.24
C ALA A 45 6.85 22.28 10.94
N HIS A 46 7.49 23.15 10.18
CA HIS A 46 6.94 23.62 8.92
C HIS A 46 6.84 22.49 7.91
N ARG A 47 7.87 21.65 7.87
CA ARG A 47 7.90 20.52 6.95
C ARG A 47 7.95 19.21 7.71
N LYS A 48 6.78 18.65 8.02
CA LYS A 48 6.68 17.40 8.75
C LYS A 48 6.71 16.21 7.79
N GLU A 49 7.54 15.23 8.09
CA GLU A 49 7.66 14.03 7.24
C GLU A 49 7.57 12.76 8.09
N PHE A 50 6.51 11.99 7.87
CA PHE A 50 6.31 10.76 8.61
C PHE A 50 6.65 9.54 7.74
N THR A 51 7.55 8.69 8.25
CA THR A 51 7.97 7.50 7.52
C THR A 51 7.21 6.28 8.00
N MET A 52 6.16 5.90 7.27
CA MET A 52 5.36 4.74 7.62
C MET A 52 5.74 3.53 6.78
N THR A 53 5.76 2.36 7.39
CA THR A 53 6.12 1.12 6.70
C THR A 53 4.93 0.16 6.66
N CYS A 54 4.74 -0.47 5.51
CA CYS A 54 3.65 -1.42 5.33
C CYS A 54 4.12 -2.85 5.59
N ARG A 55 3.54 -3.48 6.61
CA ARG A 55 3.91 -4.85 6.97
C ARG A 55 2.90 -5.84 6.40
N VAL A 56 3.38 -6.79 5.60
CA VAL A 56 2.53 -7.80 5.00
C VAL A 56 2.94 -9.20 5.43
N GLU A 57 2.00 -10.14 5.35
CA GLU A 57 2.26 -11.52 5.74
C GLU A 57 3.70 -11.91 5.42
N ARG A 58 4.01 -12.00 4.13
CA ARG A 58 5.35 -12.36 3.69
C ARG A 58 5.96 -11.26 2.82
N PHE A 59 5.59 -10.02 3.13
CA PHE A 59 6.10 -8.86 2.38
C PHE A 59 6.27 -7.65 3.29
N ILE A 60 7.23 -6.80 2.96
CA ILE A 60 7.49 -5.60 3.74
C ILE A 60 8.03 -4.48 2.87
N GLU A 61 7.57 -3.26 3.12
CA GLU A 61 8.00 -2.10 2.35
C GLU A 61 7.86 -0.82 3.17
N ILE A 62 8.83 0.09 3.00
CA ILE A 62 8.81 1.35 3.72
C ILE A 62 8.31 2.49 2.84
N GLY A 63 7.52 3.38 3.44
CA GLY A 63 6.98 4.51 2.70
C GLY A 63 7.20 5.83 3.40
N SER A 64 6.88 6.92 2.72
CA SER A 64 7.05 8.25 3.28
C SER A 64 5.90 9.17 2.86
N GLY A 65 5.53 10.09 3.76
CA GLY A 65 4.45 11.01 3.47
C GLY A 65 4.38 12.14 4.47
N THR A 66 4.37 13.38 3.97
CA THR A 66 4.31 14.55 4.84
C THR A 66 3.40 14.30 6.04
N SER A 67 2.25 13.70 5.79
CA SER A 67 1.30 13.39 6.85
C SER A 67 1.06 11.89 6.96
N LYS A 68 0.87 11.42 8.20
CA LYS A 68 0.64 10.00 8.44
C LYS A 68 -0.36 9.43 7.44
N LYS A 69 -1.46 10.14 7.24
CA LYS A 69 -2.50 9.70 6.30
C LYS A 69 -1.89 9.42 4.93
N LEU A 70 -1.07 10.34 4.45
CA LEU A 70 -0.43 10.20 3.15
C LEU A 70 0.57 9.04 3.16
N ALA A 71 1.39 8.99 4.20
CA ALA A 71 2.39 7.93 4.33
C ALA A 71 1.76 6.56 4.07
N LYS A 72 0.59 6.32 4.66
CA LYS A 72 -0.10 5.06 4.49
C LYS A 72 -0.32 4.74 3.01
N ARG A 73 -0.75 5.74 2.25
CA ARG A 73 -0.99 5.57 0.83
C ARG A 73 0.32 5.38 0.07
N ASN A 74 1.33 6.15 0.45
CA ASN A 74 2.64 6.08 -0.20
C ASN A 74 3.25 4.69 -0.01
N ALA A 75 3.12 4.15 1.20
CA ALA A 75 3.67 2.84 1.51
C ALA A 75 2.92 1.74 0.75
N ALA A 76 1.60 1.71 0.90
CA ALA A 76 0.78 0.72 0.22
C ALA A 76 1.02 0.74 -1.29
N ALA A 77 0.95 1.92 -1.87
CA ALA A 77 1.17 2.08 -3.31
C ALA A 77 2.39 1.29 -3.76
N LYS A 78 3.55 1.67 -3.24
CA LYS A 78 4.79 0.99 -3.61
C LYS A 78 4.67 -0.52 -3.43
N MET A 79 4.09 -0.94 -2.32
CA MET A 79 3.90 -2.36 -2.04
C MET A 79 3.26 -3.07 -3.24
N LEU A 80 2.29 -2.40 -3.86
CA LEU A 80 1.60 -2.97 -5.01
C LEU A 80 2.58 -3.63 -5.97
N LEU A 81 3.61 -2.88 -6.36
CA LEU A 81 4.63 -3.38 -7.27
C LEU A 81 5.53 -4.39 -6.57
N ARG A 82 6.02 -4.04 -5.40
CA ARG A 82 6.89 -4.91 -4.62
C ARG A 82 6.35 -6.34 -4.60
N VAL A 83 5.04 -6.46 -4.38
CA VAL A 83 4.39 -7.76 -4.34
C VAL A 83 4.06 -8.26 -5.73
N SER A 84 3.71 -7.33 -6.63
CA SER A 84 3.37 -7.68 -8.00
C SER A 84 4.60 -8.15 -8.76
N GLY A 85 4.61 -9.45 -9.09
CA GLY A 85 5.74 -10.00 -9.83
C GLY A 85 5.70 -9.66 -11.30
N PRO A 86 6.87 -9.71 -11.96
CA PRO A 86 6.98 -9.41 -13.38
C PRO A 86 6.35 -10.48 -14.26
N SER A 87 5.70 -10.04 -15.33
CA SER A 87 5.04 -10.95 -16.26
C SER A 87 5.92 -11.24 -17.47
N SER A 88 6.23 -10.20 -18.22
CA SER A 88 7.07 -10.34 -19.41
C SER A 88 8.40 -9.62 -19.23
N GLY A 89 8.33 -8.30 -19.02
CA GLY A 89 9.54 -7.51 -18.83
C GLY A 89 9.29 -6.03 -18.94
N GLY A 1 -13.03 -28.88 -11.46
CA GLY A 1 -11.59 -28.89 -11.62
C GLY A 1 -11.10 -27.83 -12.58
N SER A 2 -11.47 -27.96 -13.85
CA SER A 2 -11.06 -27.01 -14.87
C SER A 2 -11.71 -25.65 -14.63
N SER A 3 -10.92 -24.59 -14.77
CA SER A 3 -11.41 -23.24 -14.57
C SER A 3 -10.78 -22.27 -15.56
N GLY A 4 -11.59 -21.35 -16.09
CA GLY A 4 -11.10 -20.37 -17.05
C GLY A 4 -12.17 -19.40 -17.48
N SER A 5 -13.32 -19.92 -17.89
CA SER A 5 -14.42 -19.08 -18.34
C SER A 5 -14.90 -18.16 -17.21
N SER A 6 -15.10 -18.74 -16.03
CA SER A 6 -15.56 -17.97 -14.88
C SER A 6 -14.45 -17.08 -14.34
N GLY A 7 -14.53 -15.79 -14.65
CA GLY A 7 -13.52 -14.84 -14.19
C GLY A 7 -14.04 -13.93 -13.10
N PRO A 8 -13.12 -13.39 -12.29
CA PRO A 8 -13.46 -12.49 -11.19
C PRO A 8 -13.96 -11.14 -11.68
N VAL A 9 -14.44 -10.31 -10.75
CA VAL A 9 -14.96 -8.99 -11.09
C VAL A 9 -15.02 -8.10 -9.86
N SER A 10 -14.37 -6.94 -9.93
CA SER A 10 -14.35 -6.00 -8.83
C SER A 10 -14.90 -4.64 -9.26
N PRO A 11 -15.62 -3.98 -8.34
CA PRO A 11 -16.21 -2.66 -8.61
C PRO A 11 -15.16 -1.56 -8.73
N GLN A 12 -15.33 -0.70 -9.73
CA GLN A 12 -14.39 0.39 -9.95
C GLN A 12 -14.73 1.60 -9.07
N GLN A 13 -13.71 2.37 -8.72
CA GLN A 13 -13.91 3.55 -7.88
C GLN A 13 -13.31 4.79 -8.54
N SER A 14 -14.17 5.69 -9.00
CA SER A 14 -13.72 6.92 -9.66
C SER A 14 -12.45 7.44 -9.00
N GLU A 15 -12.40 7.37 -7.67
CA GLU A 15 -11.24 7.84 -6.92
C GLU A 15 -10.18 6.74 -6.81
N CYS A 16 -9.16 6.84 -7.65
CA CYS A 16 -8.08 5.86 -7.65
C CYS A 16 -7.21 6.00 -6.40
N ASN A 17 -6.75 4.87 -5.88
CA ASN A 17 -5.91 4.87 -4.68
C ASN A 17 -5.35 3.47 -4.42
N PRO A 18 -4.09 3.43 -3.97
CA PRO A 18 -3.40 2.17 -3.67
C PRO A 18 -3.96 1.48 -2.43
N VAL A 19 -4.13 2.26 -1.36
CA VAL A 19 -4.67 1.73 -0.11
C VAL A 19 -5.95 0.94 -0.35
N GLY A 20 -6.77 1.43 -1.27
CA GLY A 20 -8.02 0.76 -1.59
C GLY A 20 -7.85 -0.37 -2.58
N ALA A 21 -6.68 -0.43 -3.20
CA ALA A 21 -6.38 -1.47 -4.18
C ALA A 21 -5.76 -2.70 -3.51
N LEU A 22 -4.78 -2.46 -2.65
CA LEU A 22 -4.12 -3.55 -1.94
C LEU A 22 -5.11 -4.42 -1.18
N GLN A 23 -6.17 -3.78 -0.68
CA GLN A 23 -7.20 -4.49 0.06
C GLN A 23 -7.87 -5.55 -0.81
N GLU A 24 -8.00 -5.24 -2.10
CA GLU A 24 -8.62 -6.16 -3.04
C GLU A 24 -7.66 -7.29 -3.42
N LEU A 25 -6.44 -6.92 -3.80
CA LEU A 25 -5.43 -7.89 -4.19
C LEU A 25 -5.21 -8.91 -3.08
N VAL A 26 -4.83 -8.42 -1.90
CA VAL A 26 -4.58 -9.30 -0.76
C VAL A 26 -5.59 -10.44 -0.71
N VAL A 27 -6.86 -10.11 -0.91
CA VAL A 27 -7.92 -11.11 -0.88
C VAL A 27 -7.62 -12.25 -1.86
N GLN A 28 -7.21 -11.89 -3.07
CA GLN A 28 -6.89 -12.88 -4.09
C GLN A 28 -5.66 -13.69 -3.70
N LYS A 29 -4.69 -13.03 -3.09
CA LYS A 29 -3.46 -13.68 -2.65
C LYS A 29 -3.70 -14.54 -1.42
N GLY A 30 -4.75 -14.20 -0.67
CA GLY A 30 -5.08 -14.95 0.53
C GLY A 30 -4.44 -14.37 1.77
N TRP A 31 -4.33 -13.05 1.81
CA TRP A 31 -3.72 -12.36 2.96
C TRP A 31 -4.73 -11.44 3.63
N ARG A 32 -4.35 -10.90 4.79
CA ARG A 32 -5.22 -10.01 5.53
C ARG A 32 -4.80 -8.55 5.33
N LEU A 33 -5.61 -7.63 5.85
CA LEU A 33 -5.33 -6.20 5.72
C LEU A 33 -3.85 -5.92 6.00
N PRO A 34 -3.29 -4.94 5.25
CA PRO A 34 -1.89 -4.55 5.40
C PRO A 34 -1.62 -3.83 6.71
N GLU A 35 -0.37 -3.89 7.17
CA GLU A 35 0.02 -3.25 8.42
C GLU A 35 0.55 -1.84 8.17
N TYR A 36 0.11 -0.90 8.99
CA TYR A 36 0.56 0.49 8.86
C TYR A 36 1.05 1.04 10.19
N THR A 37 2.35 1.30 10.27
CA THR A 37 2.94 1.83 11.49
C THR A 37 4.09 2.78 11.17
N VAL A 38 4.20 3.85 11.97
CA VAL A 38 5.26 4.83 11.77
C VAL A 38 6.59 4.33 12.31
N THR A 39 7.59 4.26 11.43
CA THR A 39 8.91 3.79 11.82
C THR A 39 9.79 4.95 12.28
N GLN A 40 9.77 6.04 11.53
CA GLN A 40 10.56 7.22 11.87
C GLN A 40 9.74 8.50 11.69
N GLU A 41 10.22 9.58 12.30
CA GLU A 41 9.52 10.87 12.23
C GLU A 41 10.51 12.02 12.35
N SER A 42 10.66 12.78 11.27
CA SER A 42 11.58 13.91 11.26
C SER A 42 10.94 15.12 10.58
N GLY A 43 11.61 16.26 10.67
CA GLY A 43 11.09 17.47 10.06
C GLY A 43 10.32 18.33 11.03
N PRO A 44 10.40 19.66 10.86
CA PRO A 44 9.70 20.61 11.73
C PRO A 44 8.19 20.58 11.54
N ALA A 45 7.51 21.62 12.03
CA ALA A 45 6.06 21.71 11.90
C ALA A 45 5.66 22.11 10.49
N HIS A 46 6.42 23.02 9.89
CA HIS A 46 6.15 23.49 8.54
C HIS A 46 6.55 22.45 7.51
N ARG A 47 7.45 21.55 7.90
CA ARG A 47 7.92 20.50 7.01
C ARG A 47 7.88 19.14 7.69
N LYS A 48 6.69 18.75 8.15
CA LYS A 48 6.52 17.47 8.82
C LYS A 48 6.71 16.31 7.85
N GLU A 49 7.46 15.29 8.29
CA GLU A 49 7.72 14.13 7.46
C GLU A 49 7.61 12.85 8.28
N PHE A 50 6.62 12.03 7.95
CA PHE A 50 6.41 10.76 8.66
C PHE A 50 6.81 9.58 7.78
N THR A 51 7.59 8.67 8.36
CA THR A 51 8.04 7.48 7.63
C THR A 51 7.28 6.24 8.06
N MET A 52 6.26 5.88 7.29
CA MET A 52 5.45 4.71 7.59
C MET A 52 5.84 3.53 6.71
N THR A 53 5.96 2.35 7.33
CA THR A 53 6.34 1.15 6.61
C THR A 53 5.21 0.14 6.60
N CYS A 54 4.97 -0.48 5.44
CA CYS A 54 3.92 -1.47 5.31
C CYS A 54 4.45 -2.88 5.55
N ARG A 55 3.98 -3.50 6.63
CA ARG A 55 4.41 -4.84 6.98
C ARG A 55 3.42 -5.89 6.47
N VAL A 56 3.79 -6.58 5.40
CA VAL A 56 2.93 -7.60 4.82
C VAL A 56 3.37 -9.00 5.26
N GLU A 57 2.45 -9.96 5.19
CA GLU A 57 2.74 -11.33 5.58
C GLU A 57 4.18 -11.69 5.24
N ARG A 58 4.45 -11.87 3.96
CA ARG A 58 5.79 -12.23 3.50
C ARG A 58 6.39 -11.10 2.66
N PHE A 59 6.00 -9.87 2.95
CA PHE A 59 6.50 -8.71 2.22
C PHE A 59 6.64 -7.50 3.14
N ILE A 60 7.58 -6.63 2.82
CA ILE A 60 7.82 -5.43 3.62
C ILE A 60 8.34 -4.28 2.76
N GLU A 61 7.83 -3.09 3.00
CA GLU A 61 8.23 -1.91 2.25
C GLU A 61 8.09 -0.65 3.09
N ILE A 62 9.12 0.19 3.07
CA ILE A 62 9.10 1.44 3.83
C ILE A 62 8.61 2.60 2.98
N GLY A 63 7.75 3.43 3.56
CA GLY A 63 7.22 4.56 2.83
C GLY A 63 7.47 5.88 3.54
N SER A 64 7.11 6.98 2.91
CA SER A 64 7.30 8.31 3.49
C SER A 64 6.27 9.29 2.96
N GLY A 65 5.76 10.13 3.85
CA GLY A 65 4.76 11.11 3.46
C GLY A 65 4.60 12.23 4.48
N THR A 66 4.38 13.44 4.00
CA THR A 66 4.21 14.59 4.89
C THR A 66 3.34 14.24 6.08
N SER A 67 2.29 13.45 5.84
CA SER A 67 1.38 13.05 6.90
C SER A 67 1.17 11.54 6.89
N LYS A 68 0.95 10.98 8.08
CA LYS A 68 0.74 9.54 8.21
C LYS A 68 -0.28 9.04 7.17
N LYS A 69 -1.32 9.83 6.96
CA LYS A 69 -2.36 9.47 5.99
C LYS A 69 -1.76 9.23 4.62
N LEU A 70 -0.91 10.15 4.17
CA LEU A 70 -0.27 10.02 2.87
C LEU A 70 0.76 8.90 2.87
N ALA A 71 1.60 8.88 3.90
CA ALA A 71 2.62 7.85 4.02
C ALA A 71 2.07 6.47 3.71
N LYS A 72 0.98 6.11 4.38
CA LYS A 72 0.35 4.82 4.18
C LYS A 72 0.23 4.49 2.69
N ARG A 73 -0.24 5.47 1.92
CA ARG A 73 -0.38 5.29 0.48
C ARG A 73 0.96 5.01 -0.18
N ASN A 74 1.95 5.84 0.16
CA ASN A 74 3.30 5.69 -0.41
C ASN A 74 3.80 4.26 -0.23
N ALA A 75 3.63 3.71 0.97
CA ALA A 75 4.07 2.35 1.26
C ALA A 75 3.22 1.33 0.52
N ALA A 76 1.90 1.46 0.63
CA ALA A 76 0.97 0.55 -0.03
C ALA A 76 1.29 0.45 -1.52
N ALA A 77 1.20 1.57 -2.22
CA ALA A 77 1.47 1.61 -3.64
C ALA A 77 2.74 0.85 -3.98
N LYS A 78 3.84 1.23 -3.34
CA LYS A 78 5.13 0.58 -3.58
C LYS A 78 4.99 -0.94 -3.47
N MET A 79 4.23 -1.39 -2.49
CA MET A 79 4.02 -2.83 -2.29
C MET A 79 3.34 -3.45 -3.50
N LEU A 80 2.30 -2.79 -4.00
CA LEU A 80 1.57 -3.29 -5.17
C LEU A 80 2.50 -3.94 -6.17
N LEU A 81 3.61 -3.26 -6.47
CA LEU A 81 4.58 -3.78 -7.42
C LEU A 81 5.47 -4.85 -6.77
N ARG A 82 5.96 -4.55 -5.57
CA ARG A 82 6.81 -5.48 -4.84
C ARG A 82 6.20 -6.88 -4.84
N VAL A 83 4.98 -6.99 -4.35
CA VAL A 83 4.29 -8.29 -4.30
C VAL A 83 3.96 -8.78 -5.70
N SER A 84 3.83 -7.85 -6.64
CA SER A 84 3.52 -8.20 -8.02
C SER A 84 4.78 -8.54 -8.80
N GLY A 85 5.16 -9.82 -8.77
CA GLY A 85 6.35 -10.26 -9.48
C GLY A 85 6.37 -9.81 -10.92
N PRO A 86 5.90 -10.69 -11.82
CA PRO A 86 5.85 -10.40 -13.26
C PRO A 86 4.81 -9.35 -13.60
N SER A 87 5.26 -8.27 -14.25
CA SER A 87 4.37 -7.18 -14.63
C SER A 87 4.21 -7.10 -16.14
N SER A 88 3.00 -6.84 -16.60
CA SER A 88 2.72 -6.74 -18.03
C SER A 88 2.89 -5.31 -18.52
N GLY A 89 4.06 -4.73 -18.27
CA GLY A 89 4.32 -3.38 -18.69
C GLY A 89 5.76 -3.17 -19.13
N GLY A 1 0.10 -29.82 -22.50
CA GLY A 1 -0.26 -29.93 -23.90
C GLY A 1 -1.10 -28.77 -24.38
N SER A 2 -0.48 -27.82 -25.05
CA SER A 2 -1.17 -26.65 -25.56
C SER A 2 -0.59 -26.20 -26.89
N SER A 3 -1.46 -25.81 -27.81
CA SER A 3 -1.02 -25.36 -29.14
C SER A 3 -0.83 -23.85 -29.16
N GLY A 4 -0.26 -23.31 -28.09
CA GLY A 4 -0.03 -21.87 -28.00
C GLY A 4 -1.28 -21.11 -27.59
N SER A 5 -1.15 -20.29 -26.56
CA SER A 5 -2.28 -19.50 -26.08
C SER A 5 -2.29 -18.11 -26.71
N SER A 6 -3.48 -17.61 -26.99
CA SER A 6 -3.64 -16.29 -27.60
C SER A 6 -4.56 -15.41 -26.76
N GLY A 7 -3.97 -14.41 -26.11
CA GLY A 7 -4.75 -13.51 -25.28
C GLY A 7 -4.21 -12.09 -25.29
N PRO A 8 -5.11 -11.10 -25.20
CA PRO A 8 -4.74 -9.68 -25.21
C PRO A 8 -4.02 -9.27 -23.93
N VAL A 9 -3.49 -8.06 -23.91
CA VAL A 9 -2.78 -7.53 -22.75
C VAL A 9 -3.73 -6.79 -21.82
N SER A 10 -3.76 -7.20 -20.56
CA SER A 10 -4.63 -6.57 -19.57
C SER A 10 -4.16 -5.15 -19.28
N PRO A 11 -5.12 -4.24 -19.05
CA PRO A 11 -4.84 -2.83 -18.75
C PRO A 11 -4.20 -2.65 -17.38
N GLN A 12 -3.09 -1.92 -17.35
CA GLN A 12 -2.38 -1.67 -16.10
C GLN A 12 -2.21 -0.17 -15.87
N GLN A 13 -3.19 0.44 -15.21
CA GLN A 13 -3.14 1.86 -14.92
C GLN A 13 -2.91 2.12 -13.44
N SER A 14 -2.16 3.17 -13.12
CA SER A 14 -1.86 3.51 -11.73
C SER A 14 -2.63 4.77 -11.31
N GLU A 15 -3.92 4.79 -11.60
CA GLU A 15 -4.76 5.93 -11.25
C GLU A 15 -5.48 5.69 -9.93
N CYS A 16 -6.18 4.56 -9.84
CA CYS A 16 -6.91 4.21 -8.63
C CYS A 16 -6.02 4.31 -7.40
N ASN A 17 -6.63 4.52 -6.24
CA ASN A 17 -5.88 4.63 -4.99
C ASN A 17 -5.25 3.30 -4.62
N PRO A 18 -4.04 3.35 -4.04
CA PRO A 18 -3.31 2.15 -3.63
C PRO A 18 -3.94 1.47 -2.42
N VAL A 19 -4.21 2.26 -1.38
CA VAL A 19 -4.82 1.74 -0.17
C VAL A 19 -6.05 0.89 -0.49
N GLY A 20 -6.75 1.27 -1.56
CA GLY A 20 -7.94 0.54 -1.95
C GLY A 20 -7.63 -0.61 -2.88
N ALA A 21 -6.49 -0.53 -3.56
CA ALA A 21 -6.08 -1.58 -4.50
C ALA A 21 -5.48 -2.76 -3.76
N LEU A 22 -4.47 -2.49 -2.93
CA LEU A 22 -3.80 -3.54 -2.16
C LEU A 22 -4.83 -4.42 -1.45
N GLN A 23 -5.89 -3.81 -0.95
CA GLN A 23 -6.94 -4.54 -0.24
C GLN A 23 -7.58 -5.57 -1.16
N GLU A 24 -7.64 -5.26 -2.45
CA GLU A 24 -8.23 -6.15 -3.44
C GLU A 24 -7.29 -7.31 -3.77
N LEU A 25 -5.99 -7.00 -3.80
CA LEU A 25 -4.98 -8.00 -4.11
C LEU A 25 -4.82 -9.00 -2.96
N VAL A 26 -4.54 -8.48 -1.77
CA VAL A 26 -4.39 -9.32 -0.59
C VAL A 26 -5.43 -10.43 -0.55
N VAL A 27 -6.70 -10.04 -0.68
CA VAL A 27 -7.79 -11.01 -0.66
C VAL A 27 -7.58 -12.10 -1.71
N GLN A 28 -7.03 -11.72 -2.85
CA GLN A 28 -6.77 -12.66 -3.93
C GLN A 28 -5.56 -13.53 -3.61
N LYS A 29 -4.55 -12.94 -2.98
CA LYS A 29 -3.35 -13.67 -2.61
C LYS A 29 -3.56 -14.51 -1.36
N GLY A 30 -4.65 -14.23 -0.66
CA GLY A 30 -4.96 -14.96 0.56
C GLY A 30 -4.29 -14.38 1.78
N TRP A 31 -4.23 -13.05 1.85
CA TRP A 31 -3.61 -12.37 2.98
C TRP A 31 -4.60 -11.46 3.69
N ARG A 32 -4.19 -10.93 4.83
CA ARG A 32 -5.06 -10.04 5.61
C ARG A 32 -4.66 -8.57 5.39
N LEU A 33 -5.51 -7.66 5.86
CA LEU A 33 -5.25 -6.24 5.72
C LEU A 33 -3.80 -5.92 6.06
N PRO A 34 -3.22 -4.97 5.31
CA PRO A 34 -1.84 -4.53 5.50
C PRO A 34 -1.65 -3.76 6.81
N GLU A 35 -0.45 -3.86 7.37
CA GLU A 35 -0.14 -3.17 8.62
C GLU A 35 0.67 -1.91 8.37
N TYR A 36 0.20 -0.79 8.89
CA TYR A 36 0.88 0.49 8.72
C TYR A 36 1.24 1.11 10.07
N THR A 37 2.53 1.23 10.33
CA THR A 37 3.01 1.79 11.58
C THR A 37 4.17 2.76 11.34
N VAL A 38 4.07 3.95 11.93
CA VAL A 38 5.11 4.96 11.78
C VAL A 38 6.42 4.50 12.44
N THR A 39 7.43 4.25 11.61
CA THR A 39 8.72 3.81 12.12
C THR A 39 9.59 4.99 12.49
N GLN A 40 9.86 5.86 11.52
CA GLN A 40 10.69 7.04 11.75
C GLN A 40 9.89 8.32 11.52
N GLU A 41 10.36 9.41 12.11
CA GLU A 41 9.68 10.70 11.97
C GLU A 41 10.69 11.84 11.94
N SER A 42 10.80 12.51 10.80
CA SER A 42 11.73 13.63 10.65
C SER A 42 11.05 14.82 9.99
N GLY A 43 11.73 15.95 9.99
CA GLY A 43 11.18 17.15 9.39
C GLY A 43 10.54 18.07 10.42
N PRO A 44 10.65 19.39 10.18
CA PRO A 44 10.10 20.40 11.08
C PRO A 44 8.58 20.43 11.05
N ALA A 45 7.99 21.39 11.76
CA ALA A 45 6.54 21.53 11.82
C ALA A 45 5.97 21.89 10.45
N HIS A 46 6.62 22.84 9.78
CA HIS A 46 6.18 23.28 8.46
C HIS A 46 6.35 22.18 7.43
N ARG A 47 7.45 21.45 7.52
CA ARG A 47 7.73 20.36 6.60
C ARG A 47 7.70 19.02 7.31
N LYS A 48 6.62 18.76 8.03
CA LYS A 48 6.47 17.51 8.77
C LYS A 48 6.54 16.31 7.83
N GLU A 49 7.38 15.34 8.18
CA GLU A 49 7.56 14.14 7.38
C GLU A 49 7.53 12.89 8.23
N PHE A 50 6.53 12.04 8.00
CA PHE A 50 6.39 10.80 8.76
C PHE A 50 6.76 9.60 7.90
N THR A 51 7.64 8.76 8.44
CA THR A 51 8.09 7.56 7.72
C THR A 51 7.40 6.31 8.26
N MET A 52 6.38 5.86 7.54
CA MET A 52 5.63 4.67 7.94
C MET A 52 5.98 3.48 7.04
N THR A 53 6.11 2.30 7.65
CA THR A 53 6.44 1.10 6.92
C THR A 53 5.26 0.14 6.86
N CYS A 54 5.05 -0.49 5.71
CA CYS A 54 3.96 -1.44 5.54
C CYS A 54 4.43 -2.87 5.79
N ARG A 55 3.85 -3.51 6.79
CA ARG A 55 4.22 -4.88 7.14
C ARG A 55 3.19 -5.87 6.58
N VAL A 56 3.54 -6.51 5.47
CA VAL A 56 2.65 -7.48 4.84
C VAL A 56 2.98 -8.90 5.27
N GLU A 57 2.01 -9.79 5.15
CA GLU A 57 2.20 -11.19 5.53
C GLU A 57 3.64 -11.63 5.25
N ARG A 58 3.98 -11.75 3.97
CA ARG A 58 5.32 -12.16 3.57
C ARG A 58 6.01 -11.07 2.74
N PHE A 59 5.68 -9.82 3.04
CA PHE A 59 6.26 -8.69 2.32
C PHE A 59 6.41 -7.48 3.24
N ILE A 60 7.39 -6.64 2.94
CA ILE A 60 7.64 -5.44 3.75
C ILE A 60 8.23 -4.32 2.89
N GLU A 61 7.72 -3.11 3.08
CA GLU A 61 8.19 -1.95 2.33
C GLU A 61 8.04 -0.67 3.15
N ILE A 62 9.08 0.15 3.15
CA ILE A 62 9.05 1.41 3.88
C ILE A 62 8.44 2.53 3.05
N GLY A 63 7.57 3.32 3.67
CA GLY A 63 6.93 4.41 2.97
C GLY A 63 7.17 5.74 3.65
N SER A 64 6.80 6.83 2.96
CA SER A 64 6.98 8.17 3.50
C SER A 64 5.83 9.08 3.08
N GLY A 65 5.43 9.97 3.98
CA GLY A 65 4.35 10.89 3.69
C GLY A 65 4.22 11.99 4.73
N THR A 66 4.11 13.23 4.25
CA THR A 66 3.98 14.37 5.14
C THR A 66 3.12 14.05 6.36
N SER A 67 2.03 13.32 6.12
CA SER A 67 1.12 12.93 7.20
C SER A 67 0.91 11.41 7.21
N LYS A 68 0.74 10.87 8.40
CA LYS A 68 0.52 9.43 8.56
C LYS A 68 -0.38 8.89 7.46
N LYS A 69 -1.47 9.61 7.19
CA LYS A 69 -2.42 9.20 6.16
C LYS A 69 -1.72 9.04 4.83
N LEU A 70 -1.07 10.10 4.36
CA LEU A 70 -0.35 10.07 3.09
C LEU A 70 0.72 8.98 3.09
N ALA A 71 1.46 8.88 4.18
CA ALA A 71 2.51 7.88 4.31
C ALA A 71 1.96 6.47 4.02
N LYS A 72 0.85 6.14 4.65
CA LYS A 72 0.22 4.82 4.47
C LYS A 72 0.06 4.51 2.99
N ARG A 73 -0.27 5.53 2.20
CA ARG A 73 -0.45 5.36 0.76
C ARG A 73 0.88 5.06 0.08
N ASN A 74 1.77 6.05 0.08
CA ASN A 74 3.07 5.89 -0.55
C ASN A 74 3.62 4.48 -0.33
N ALA A 75 3.61 4.03 0.91
CA ALA A 75 4.09 2.69 1.25
C ALA A 75 3.27 1.62 0.54
N ALA A 76 1.95 1.72 0.65
CA ALA A 76 1.06 0.76 0.01
C ALA A 76 1.33 0.67 -1.49
N ALA A 77 1.25 1.81 -2.17
CA ALA A 77 1.48 1.85 -3.60
C ALA A 77 2.72 1.04 -3.98
N LYS A 78 3.87 1.46 -3.48
CA LYS A 78 5.13 0.79 -3.75
C LYS A 78 4.98 -0.73 -3.61
N MET A 79 4.34 -1.15 -2.53
CA MET A 79 4.13 -2.56 -2.27
C MET A 79 3.47 -3.24 -3.47
N LEU A 80 2.47 -2.58 -4.04
CA LEU A 80 1.76 -3.12 -5.20
C LEU A 80 2.73 -3.72 -6.20
N LEU A 81 3.69 -2.91 -6.65
CA LEU A 81 4.68 -3.36 -7.61
C LEU A 81 5.57 -4.46 -7.01
N ARG A 82 5.91 -4.31 -5.74
CA ARG A 82 6.75 -5.28 -5.06
C ARG A 82 6.14 -6.68 -5.13
N VAL A 83 4.96 -6.84 -4.55
CA VAL A 83 4.27 -8.13 -4.55
C VAL A 83 3.84 -8.50 -5.97
N SER A 84 3.51 -7.50 -6.78
CA SER A 84 3.08 -7.72 -8.15
C SER A 84 4.04 -8.65 -8.88
N GLY A 85 3.61 -9.17 -10.02
CA GLY A 85 4.45 -10.06 -10.79
C GLY A 85 4.13 -10.00 -12.28
N PRO A 86 4.73 -9.01 -12.97
CA PRO A 86 4.53 -8.82 -14.41
C PRO A 86 5.18 -9.92 -15.24
N SER A 87 5.89 -10.81 -14.56
CA SER A 87 6.58 -11.91 -15.23
C SER A 87 5.63 -12.64 -16.18
N SER A 88 6.04 -12.77 -17.43
CA SER A 88 5.23 -13.45 -18.45
C SER A 88 5.80 -14.83 -18.76
N GLY A 89 4.92 -15.72 -19.23
CA GLY A 89 5.34 -17.07 -19.56
C GLY A 89 5.43 -17.30 -21.05
N GLY A 1 -17.65 -12.22 -7.68
CA GLY A 1 -17.55 -13.47 -6.96
C GLY A 1 -16.90 -13.31 -5.60
N SER A 2 -15.77 -12.63 -5.56
CA SER A 2 -15.05 -12.40 -4.30
C SER A 2 -15.07 -10.92 -3.93
N SER A 3 -16.14 -10.50 -3.26
CA SER A 3 -16.28 -9.11 -2.84
C SER A 3 -16.45 -8.19 -4.05
N GLY A 4 -17.34 -8.59 -4.96
CA GLY A 4 -17.58 -7.79 -6.14
C GLY A 4 -18.87 -8.16 -6.85
N SER A 5 -19.84 -7.26 -6.81
CA SER A 5 -21.14 -7.51 -7.44
C SER A 5 -20.97 -7.82 -8.92
N SER A 6 -21.67 -8.84 -9.39
CA SER A 6 -21.60 -9.23 -10.79
C SER A 6 -20.16 -9.55 -11.20
N GLY A 7 -19.45 -10.27 -10.33
CA GLY A 7 -18.07 -10.62 -10.61
C GLY A 7 -17.34 -9.54 -11.39
N PRO A 8 -17.29 -9.70 -12.72
CA PRO A 8 -16.61 -8.75 -13.60
C PRO A 8 -17.35 -7.42 -13.70
N VAL A 9 -16.79 -6.38 -13.09
CA VAL A 9 -17.39 -5.06 -13.10
C VAL A 9 -16.56 -4.08 -13.90
N SER A 10 -17.19 -3.02 -14.40
CA SER A 10 -16.50 -2.00 -15.18
C SER A 10 -15.24 -1.52 -14.46
N PRO A 11 -14.19 -1.22 -15.24
CA PRO A 11 -12.92 -0.74 -14.70
C PRO A 11 -13.02 0.67 -14.12
N GLN A 12 -14.02 1.42 -14.58
CA GLN A 12 -14.23 2.78 -14.12
C GLN A 12 -14.39 2.81 -12.60
N GLN A 13 -13.60 3.65 -11.95
CA GLN A 13 -13.66 3.78 -10.50
C GLN A 13 -13.65 5.25 -10.08
N SER A 14 -14.49 5.59 -9.12
CA SER A 14 -14.59 6.96 -8.63
C SER A 14 -13.23 7.65 -8.65
N GLU A 15 -12.27 7.05 -7.94
CA GLU A 15 -10.92 7.61 -7.88
C GLU A 15 -9.88 6.50 -7.72
N CYS A 16 -8.66 6.76 -8.17
CA CYS A 16 -7.59 5.79 -8.07
C CYS A 16 -6.82 5.94 -6.76
N ASN A 17 -6.53 4.81 -6.12
CA ASN A 17 -5.81 4.82 -4.85
C ASN A 17 -5.23 3.45 -4.54
N PRO A 18 -4.01 3.43 -3.99
CA PRO A 18 -3.31 2.18 -3.63
C PRO A 18 -3.97 1.47 -2.45
N VAL A 19 -4.20 2.22 -1.37
CA VAL A 19 -4.83 1.66 -0.18
C VAL A 19 -6.06 0.82 -0.54
N GLY A 20 -6.78 1.27 -1.57
CA GLY A 20 -7.97 0.56 -2.00
C GLY A 20 -7.66 -0.58 -2.94
N ALA A 21 -6.48 -0.54 -3.55
CA ALA A 21 -6.06 -1.58 -4.48
C ALA A 21 -5.48 -2.78 -3.74
N LEU A 22 -4.45 -2.53 -2.92
CA LEU A 22 -3.81 -3.59 -2.16
C LEU A 22 -4.85 -4.45 -1.44
N GLN A 23 -5.98 -3.85 -1.11
CA GLN A 23 -7.05 -4.56 -0.42
C GLN A 23 -7.68 -5.61 -1.32
N GLU A 24 -7.70 -5.33 -2.62
CA GLU A 24 -8.27 -6.26 -3.58
C GLU A 24 -7.29 -7.38 -3.90
N LEU A 25 -6.01 -7.04 -3.98
CA LEU A 25 -4.97 -8.02 -4.28
C LEU A 25 -4.82 -9.02 -3.13
N VAL A 26 -4.69 -8.51 -1.92
CA VAL A 26 -4.55 -9.36 -0.74
C VAL A 26 -5.62 -10.45 -0.72
N VAL A 27 -6.85 -10.06 -1.01
CA VAL A 27 -7.96 -11.01 -1.03
C VAL A 27 -7.75 -12.09 -2.07
N GLN A 28 -7.10 -11.73 -3.17
CA GLN A 28 -6.82 -12.68 -4.25
C GLN A 28 -5.61 -13.55 -3.91
N LYS A 29 -4.67 -12.98 -3.18
CA LYS A 29 -3.47 -13.71 -2.78
C LYS A 29 -3.72 -14.56 -1.55
N GLY A 30 -4.80 -14.24 -0.83
CA GLY A 30 -5.14 -14.99 0.37
C GLY A 30 -4.41 -14.48 1.60
N TRP A 31 -4.35 -13.16 1.72
CA TRP A 31 -3.67 -12.53 2.87
C TRP A 31 -4.65 -11.68 3.66
N ARG A 32 -4.16 -11.14 4.79
CA ARG A 32 -4.99 -10.30 5.64
C ARG A 32 -4.63 -8.83 5.46
N LEU A 33 -5.52 -7.94 5.90
CA LEU A 33 -5.31 -6.50 5.79
C LEU A 33 -3.85 -6.15 6.06
N PRO A 34 -3.34 -5.16 5.32
CA PRO A 34 -1.95 -4.71 5.47
C PRO A 34 -1.72 -3.97 6.79
N GLU A 35 -0.47 -3.98 7.25
CA GLU A 35 -0.12 -3.31 8.50
C GLU A 35 0.44 -1.92 8.23
N TYR A 36 0.08 -0.98 9.09
CA TYR A 36 0.54 0.40 8.95
C TYR A 36 1.02 0.95 10.29
N THR A 37 2.32 1.22 10.39
CA THR A 37 2.91 1.75 11.61
C THR A 37 4.10 2.64 11.31
N VAL A 38 4.17 3.77 12.00
CA VAL A 38 5.28 4.71 11.81
C VAL A 38 6.56 4.21 12.46
N THR A 39 7.65 4.21 11.69
CA THR A 39 8.94 3.74 12.18
C THR A 39 9.88 4.92 12.46
N GLN A 40 9.78 5.96 11.63
CA GLN A 40 10.62 7.14 11.79
C GLN A 40 9.81 8.41 11.57
N GLU A 41 10.26 9.50 12.18
CA GLU A 41 9.58 10.79 12.06
C GLU A 41 10.58 11.94 11.98
N SER A 42 10.73 12.50 10.79
CA SER A 42 11.66 13.61 10.59
C SER A 42 10.96 14.79 9.92
N GLY A 43 11.65 15.92 9.86
CA GLY A 43 11.08 17.11 9.25
C GLY A 43 10.83 18.22 10.26
N PRO A 44 10.92 19.48 9.79
CA PRO A 44 10.70 20.65 10.64
C PRO A 44 9.25 20.80 11.07
N ALA A 45 8.90 21.97 11.58
CA ALA A 45 7.53 22.25 12.02
C ALA A 45 6.63 22.59 10.85
N HIS A 46 7.11 23.48 9.98
CA HIS A 46 6.35 23.89 8.80
C HIS A 46 6.00 22.69 7.92
N ARG A 47 6.94 21.75 7.82
CA ARG A 47 6.74 20.56 7.00
C ARG A 47 7.21 19.31 7.76
N LYS A 48 6.26 18.62 8.40
CA LYS A 48 6.57 17.41 9.15
C LYS A 48 6.54 16.18 8.24
N GLU A 49 7.64 15.44 8.22
CA GLU A 49 7.73 14.23 7.40
C GLU A 49 7.61 12.98 8.25
N PHE A 50 6.73 12.07 7.83
CA PHE A 50 6.52 10.83 8.56
C PHE A 50 6.85 9.62 7.68
N THR A 51 7.67 8.72 8.21
CA THR A 51 8.06 7.53 7.47
C THR A 51 7.32 6.30 7.98
N MET A 52 6.29 5.89 7.25
CA MET A 52 5.50 4.72 7.63
C MET A 52 5.91 3.50 6.83
N THR A 53 5.94 2.34 7.47
CA THR A 53 6.32 1.09 6.80
C THR A 53 5.13 0.14 6.73
N CYS A 54 5.02 -0.57 5.62
CA CYS A 54 3.93 -1.53 5.43
C CYS A 54 4.42 -2.96 5.64
N ARG A 55 3.94 -3.59 6.70
CA ARG A 55 4.33 -4.96 7.02
C ARG A 55 3.31 -5.95 6.47
N VAL A 56 3.71 -6.69 5.44
CA VAL A 56 2.84 -7.67 4.81
C VAL A 56 3.19 -9.09 5.28
N GLU A 57 2.22 -10.00 5.16
CA GLU A 57 2.44 -11.38 5.57
C GLU A 57 3.87 -11.81 5.33
N ARG A 58 4.28 -11.82 4.06
CA ARG A 58 5.64 -12.22 3.69
C ARG A 58 6.29 -11.15 2.83
N PHE A 59 5.95 -9.89 3.08
CA PHE A 59 6.51 -8.78 2.33
C PHE A 59 6.63 -7.53 3.20
N ILE A 60 7.50 -6.62 2.80
CA ILE A 60 7.72 -5.38 3.54
C ILE A 60 8.13 -4.25 2.61
N GLU A 61 7.59 -3.06 2.86
CA GLU A 61 7.91 -1.90 2.05
C GLU A 61 7.88 -0.61 2.88
N ILE A 62 8.95 0.16 2.80
CA ILE A 62 9.05 1.41 3.56
C ILE A 62 8.43 2.57 2.79
N GLY A 63 7.63 3.39 3.48
CA GLY A 63 6.99 4.52 2.85
C GLY A 63 7.09 5.78 3.68
N SER A 64 6.80 6.92 3.06
CA SER A 64 6.86 8.20 3.76
C SER A 64 5.80 9.16 3.23
N GLY A 65 5.57 10.25 3.95
CA GLY A 65 4.58 11.22 3.54
C GLY A 65 4.44 12.37 4.53
N THR A 66 4.23 13.57 4.01
CA THR A 66 4.09 14.75 4.85
C THR A 66 3.15 14.48 6.03
N SER A 67 2.16 13.63 5.81
CA SER A 67 1.19 13.29 6.84
C SER A 67 1.02 11.78 6.95
N LYS A 68 0.60 11.32 8.12
CA LYS A 68 0.40 9.90 8.36
C LYS A 68 -0.47 9.29 7.27
N LYS A 69 -1.66 9.87 7.07
CA LYS A 69 -2.59 9.38 6.05
C LYS A 69 -1.87 9.13 4.73
N LEU A 70 -0.92 9.99 4.41
CA LEU A 70 -0.15 9.86 3.17
C LEU A 70 0.83 8.71 3.26
N ALA A 71 1.81 8.84 4.16
CA ALA A 71 2.82 7.80 4.34
C ALA A 71 2.21 6.41 4.17
N LYS A 72 0.99 6.23 4.69
CA LYS A 72 0.30 4.95 4.59
C LYS A 72 0.07 4.56 3.13
N ARG A 73 -0.59 5.43 2.39
CA ARG A 73 -0.88 5.18 0.98
C ARG A 73 0.42 5.06 0.18
N ASN A 74 1.46 5.72 0.66
CA ASN A 74 2.76 5.69 -0.02
C ASN A 74 3.39 4.31 0.09
N ALA A 75 3.37 3.73 1.29
CA ALA A 75 3.93 2.41 1.51
C ALA A 75 3.15 1.34 0.77
N ALA A 76 1.82 1.45 0.81
CA ALA A 76 0.96 0.50 0.13
C ALA A 76 1.17 0.54 -1.38
N ALA A 77 1.17 1.74 -1.95
CA ALA A 77 1.37 1.91 -3.38
C ALA A 77 2.60 1.15 -3.86
N LYS A 78 3.74 1.45 -3.25
CA LYS A 78 5.00 0.79 -3.62
C LYS A 78 4.90 -0.71 -3.42
N MET A 79 4.17 -1.13 -2.40
CA MET A 79 3.99 -2.54 -2.11
C MET A 79 3.35 -3.27 -3.29
N LEU A 80 2.35 -2.63 -3.90
CA LEU A 80 1.66 -3.21 -5.04
C LEU A 80 2.64 -3.83 -6.03
N LEU A 81 3.74 -3.13 -6.28
CA LEU A 81 4.76 -3.61 -7.20
C LEU A 81 5.66 -4.65 -6.51
N ARG A 82 6.05 -4.37 -5.28
CA ARG A 82 6.91 -5.28 -4.52
C ARG A 82 6.36 -6.70 -4.57
N VAL A 83 5.10 -6.86 -4.17
CA VAL A 83 4.45 -8.16 -4.16
C VAL A 83 4.33 -8.71 -5.57
N SER A 84 4.09 -7.83 -6.54
CA SER A 84 3.95 -8.25 -7.94
C SER A 84 5.30 -8.64 -8.52
N GLY A 85 5.38 -9.87 -9.01
CA GLY A 85 6.62 -10.35 -9.60
C GLY A 85 7.16 -11.59 -8.89
N PRO A 86 6.66 -12.76 -9.28
CA PRO A 86 7.08 -14.04 -8.69
C PRO A 86 8.51 -14.41 -9.07
N SER A 87 9.15 -15.20 -8.23
CA SER A 87 10.52 -15.64 -8.48
C SER A 87 10.64 -16.29 -9.85
N SER A 88 9.77 -17.25 -10.12
CA SER A 88 9.79 -17.96 -11.40
C SER A 88 8.40 -17.98 -12.02
N GLY A 89 7.46 -18.61 -11.33
CA GLY A 89 6.10 -18.69 -11.83
C GLY A 89 5.14 -19.28 -10.82
N GLY A 1 3.42 -10.03 -39.70
CA GLY A 1 1.98 -9.91 -39.48
C GLY A 1 1.53 -8.47 -39.39
N SER A 2 0.44 -8.25 -38.67
CA SER A 2 -0.11 -6.90 -38.51
C SER A 2 -0.36 -6.60 -37.03
N SER A 3 -1.04 -7.51 -36.35
CA SER A 3 -1.35 -7.34 -34.93
C SER A 3 -0.08 -7.11 -34.12
N GLY A 4 0.13 -5.88 -33.70
CA GLY A 4 1.31 -5.54 -32.92
C GLY A 4 0.98 -5.24 -31.47
N SER A 5 1.46 -6.10 -30.57
CA SER A 5 1.21 -5.93 -29.15
C SER A 5 2.41 -5.28 -28.45
N SER A 6 2.30 -3.99 -28.18
CA SER A 6 3.38 -3.25 -27.54
C SER A 6 2.96 -2.79 -26.14
N GLY A 7 3.94 -2.60 -25.26
CA GLY A 7 3.65 -2.16 -23.91
C GLY A 7 4.60 -1.08 -23.43
N PRO A 8 4.52 0.10 -24.07
CA PRO A 8 5.39 1.24 -23.73
C PRO A 8 5.03 1.84 -22.37
N VAL A 9 5.84 2.81 -21.92
CA VAL A 9 5.60 3.46 -20.64
C VAL A 9 4.22 4.08 -20.59
N SER A 10 3.43 3.67 -19.60
CA SER A 10 2.08 4.19 -19.42
C SER A 10 1.61 4.03 -17.98
N PRO A 11 0.76 4.96 -17.53
CA PRO A 11 0.21 4.95 -16.17
C PRO A 11 -0.76 3.80 -15.94
N GLN A 12 -0.32 2.79 -15.20
CA GLN A 12 -1.15 1.64 -14.90
C GLN A 12 -1.74 1.72 -13.50
N GLN A 13 -3.06 1.78 -13.41
CA GLN A 13 -3.74 1.87 -12.13
C GLN A 13 -3.21 3.03 -11.31
N SER A 14 -3.07 4.20 -11.94
CA SER A 14 -2.56 5.38 -11.26
C SER A 14 -3.70 6.20 -10.67
N GLU A 15 -4.76 6.37 -11.44
CA GLU A 15 -5.92 7.14 -10.98
C GLU A 15 -6.50 6.53 -9.70
N CYS A 16 -6.77 5.23 -9.75
CA CYS A 16 -7.33 4.52 -8.60
C CYS A 16 -6.38 4.58 -7.41
N ASN A 17 -6.95 4.67 -6.21
CA ASN A 17 -6.14 4.73 -4.99
C ASN A 17 -5.46 3.39 -4.71
N PRO A 18 -4.20 3.44 -4.26
CA PRO A 18 -3.42 2.24 -3.94
C PRO A 18 -3.94 1.52 -2.71
N VAL A 19 -4.28 2.29 -1.68
CA VAL A 19 -4.79 1.71 -0.43
C VAL A 19 -5.95 0.76 -0.71
N GLY A 20 -6.94 1.24 -1.46
CA GLY A 20 -8.09 0.42 -1.78
C GLY A 20 -7.77 -0.65 -2.81
N ALA A 21 -6.59 -0.54 -3.42
CA ALA A 21 -6.17 -1.51 -4.44
C ALA A 21 -5.47 -2.70 -3.80
N LEU A 22 -4.54 -2.42 -2.89
CA LEU A 22 -3.79 -3.47 -2.21
C LEU A 22 -4.73 -4.42 -1.48
N GLN A 23 -5.90 -3.92 -1.10
CA GLN A 23 -6.89 -4.72 -0.41
C GLN A 23 -7.48 -5.78 -1.33
N GLU A 24 -7.46 -5.50 -2.62
CA GLU A 24 -8.00 -6.43 -3.62
C GLU A 24 -7.00 -7.54 -3.93
N LEU A 25 -5.71 -7.22 -3.81
CA LEU A 25 -4.66 -8.19 -4.08
C LEU A 25 -4.52 -9.18 -2.94
N VAL A 26 -4.31 -8.66 -1.73
CA VAL A 26 -4.18 -9.50 -0.55
C VAL A 26 -5.20 -10.64 -0.56
N VAL A 27 -6.47 -10.28 -0.77
CA VAL A 27 -7.54 -11.26 -0.80
C VAL A 27 -7.28 -12.33 -1.85
N GLN A 28 -6.74 -11.90 -3.00
CA GLN A 28 -6.44 -12.82 -4.09
C GLN A 28 -5.24 -13.71 -3.74
N LYS A 29 -4.29 -13.14 -3.01
CA LYS A 29 -3.10 -13.88 -2.61
C LYS A 29 -3.37 -14.73 -1.38
N GLY A 30 -4.44 -14.40 -0.66
CA GLY A 30 -4.78 -15.14 0.53
C GLY A 30 -4.12 -14.59 1.78
N TRP A 31 -4.06 -13.27 1.88
CA TRP A 31 -3.44 -12.62 3.03
C TRP A 31 -4.45 -11.75 3.77
N ARG A 32 -4.02 -11.15 4.87
CA ARG A 32 -4.88 -10.30 5.67
C ARG A 32 -4.56 -8.83 5.43
N LEU A 33 -5.39 -7.95 6.00
CA LEU A 33 -5.19 -6.51 5.85
C LEU A 33 -3.76 -6.11 6.20
N PRO A 34 -3.22 -5.13 5.45
CA PRO A 34 -1.85 -4.64 5.66
C PRO A 34 -1.71 -3.86 6.96
N GLU A 35 -0.53 -3.90 7.55
CA GLU A 35 -0.26 -3.21 8.80
C GLU A 35 0.55 -1.93 8.55
N TYR A 36 0.00 -0.80 8.96
CA TYR A 36 0.67 0.48 8.79
C TYR A 36 1.06 1.09 10.14
N THR A 37 2.36 1.21 10.37
CA THR A 37 2.87 1.78 11.61
C THR A 37 4.07 2.67 11.35
N VAL A 38 4.05 3.86 11.95
CA VAL A 38 5.13 4.82 11.79
C VAL A 38 6.44 4.28 12.37
N THR A 39 7.45 4.14 11.52
CA THR A 39 8.74 3.63 11.94
C THR A 39 9.72 4.77 12.22
N GLN A 40 9.65 5.82 11.39
CA GLN A 40 10.52 6.98 11.55
C GLN A 40 9.75 8.27 11.35
N GLU A 41 10.26 9.35 11.94
CA GLU A 41 9.61 10.65 11.83
C GLU A 41 10.65 11.77 11.77
N SER A 42 10.79 12.37 10.59
CA SER A 42 11.75 13.45 10.39
C SER A 42 11.07 14.70 9.85
N GLY A 43 11.82 15.80 9.78
CA GLY A 43 11.27 17.04 9.28
C GLY A 43 10.89 18.00 10.38
N PRO A 44 11.07 19.31 10.13
CA PRO A 44 10.75 20.36 11.10
C PRO A 44 9.24 20.50 11.32
N ALA A 45 8.86 21.57 12.01
CA ALA A 45 7.45 21.83 12.29
C ALA A 45 6.72 22.29 11.04
N HIS A 46 7.31 23.27 10.34
CA HIS A 46 6.71 23.80 9.12
C HIS A 46 6.54 22.70 8.08
N ARG A 47 7.55 21.84 7.96
CA ARG A 47 7.51 20.74 6.99
C ARG A 47 7.69 19.40 7.68
N LYS A 48 6.60 18.89 8.27
CA LYS A 48 6.64 17.61 8.97
C LYS A 48 6.65 16.45 7.98
N GLU A 49 7.43 15.42 8.29
CA GLU A 49 7.52 14.25 7.42
C GLU A 49 7.48 12.96 8.24
N PHE A 50 6.47 12.14 8.00
CA PHE A 50 6.31 10.89 8.72
C PHE A 50 6.55 9.70 7.80
N THR A 51 7.49 8.83 8.19
CA THR A 51 7.81 7.65 7.39
C THR A 51 7.18 6.39 7.99
N MET A 52 6.12 5.92 7.35
CA MET A 52 5.43 4.72 7.82
C MET A 52 5.78 3.52 6.96
N THR A 53 5.86 2.35 7.58
CA THR A 53 6.19 1.12 6.87
C THR A 53 5.02 0.14 6.87
N CYS A 54 4.76 -0.48 5.73
CA CYS A 54 3.67 -1.45 5.60
C CYS A 54 4.18 -2.87 5.81
N ARG A 55 3.68 -3.52 6.85
CA ARG A 55 4.09 -4.90 7.15
C ARG A 55 3.08 -5.89 6.60
N VAL A 56 3.46 -6.56 5.50
CA VAL A 56 2.59 -7.55 4.88
C VAL A 56 2.92 -8.96 5.34
N GLU A 57 1.95 -9.87 5.23
CA GLU A 57 2.15 -11.26 5.63
C GLU A 57 3.59 -11.69 5.38
N ARG A 58 3.94 -11.82 4.11
CA ARG A 58 5.29 -12.24 3.73
C ARG A 58 5.98 -11.16 2.89
N PHE A 59 5.63 -9.90 3.16
CA PHE A 59 6.22 -8.78 2.45
C PHE A 59 6.34 -7.56 3.34
N ILE A 60 7.27 -6.66 3.01
CA ILE A 60 7.49 -5.45 3.79
C ILE A 60 7.99 -4.32 2.91
N GLU A 61 7.50 -3.12 3.16
CA GLU A 61 7.90 -1.94 2.39
C GLU A 61 7.79 -0.68 3.23
N ILE A 62 8.75 0.22 3.06
CA ILE A 62 8.76 1.48 3.81
C ILE A 62 8.33 2.64 2.92
N GLY A 63 7.45 3.47 3.45
CA GLY A 63 6.96 4.62 2.70
C GLY A 63 7.13 5.93 3.45
N SER A 64 6.95 7.04 2.75
CA SER A 64 7.08 8.36 3.37
C SER A 64 5.92 9.26 2.98
N GLY A 65 5.58 10.20 3.85
CA GLY A 65 4.49 11.11 3.59
C GLY A 65 4.39 12.23 4.62
N THR A 66 4.17 13.45 4.15
CA THR A 66 4.06 14.60 5.03
C THR A 66 3.17 14.29 6.24
N SER A 67 2.06 13.60 5.98
CA SER A 67 1.13 13.24 7.04
C SER A 67 0.86 11.74 7.04
N LYS A 68 0.75 11.16 8.24
CA LYS A 68 0.50 9.74 8.38
C LYS A 68 -0.49 9.25 7.31
N LYS A 69 -1.60 9.97 7.18
CA LYS A 69 -2.63 9.62 6.20
C LYS A 69 -2.01 9.38 4.83
N LEU A 70 -1.07 10.24 4.45
CA LEU A 70 -0.40 10.14 3.17
C LEU A 70 0.62 8.99 3.18
N ALA A 71 1.49 8.98 4.19
CA ALA A 71 2.50 7.94 4.32
C ALA A 71 1.93 6.57 3.98
N LYS A 72 0.70 6.31 4.45
CA LYS A 72 0.04 5.04 4.19
C LYS A 72 0.00 4.74 2.69
N ARG A 73 -0.58 5.65 1.93
CA ARG A 73 -0.70 5.47 0.48
C ARG A 73 0.68 5.28 -0.14
N ASN A 74 1.66 6.04 0.34
CA ASN A 74 3.02 5.95 -0.18
C ASN A 74 3.56 4.53 -0.05
N ALA A 75 3.35 3.93 1.12
CA ALA A 75 3.81 2.57 1.37
C ALA A 75 3.03 1.56 0.54
N ALA A 76 1.70 1.64 0.62
CA ALA A 76 0.84 0.73 -0.12
C ALA A 76 1.28 0.62 -1.58
N ALA A 77 1.20 1.73 -2.30
CA ALA A 77 1.60 1.76 -3.71
C ALA A 77 2.85 0.93 -3.95
N LYS A 78 3.96 1.36 -3.38
CA LYS A 78 5.23 0.65 -3.52
C LYS A 78 5.02 -0.85 -3.40
N MET A 79 4.28 -1.26 -2.37
CA MET A 79 4.02 -2.68 -2.13
C MET A 79 3.35 -3.30 -3.35
N LEU A 80 2.39 -2.60 -3.93
CA LEU A 80 1.68 -3.09 -5.11
C LEU A 80 2.65 -3.69 -6.12
N LEU A 81 3.58 -2.86 -6.59
CA LEU A 81 4.57 -3.30 -7.56
C LEU A 81 5.40 -4.47 -7.01
N ARG A 82 5.86 -4.32 -5.78
CA ARG A 82 6.66 -5.35 -5.14
C ARG A 82 6.00 -6.72 -5.28
N VAL A 83 4.84 -6.89 -4.66
CA VAL A 83 4.11 -8.14 -4.71
C VAL A 83 3.62 -8.42 -6.13
N SER A 84 3.33 -7.36 -6.87
CA SER A 84 2.84 -7.50 -8.24
C SER A 84 4.00 -7.72 -9.21
N GLY A 85 4.17 -8.95 -9.65
CA GLY A 85 5.25 -9.27 -10.57
C GLY A 85 6.21 -10.31 -10.02
N PRO A 86 5.77 -11.58 -10.03
CA PRO A 86 6.58 -12.70 -9.51
C PRO A 86 7.77 -13.00 -10.42
N SER A 87 7.64 -12.65 -11.69
CA SER A 87 8.70 -12.89 -12.66
C SER A 87 9.29 -11.58 -13.17
N SER A 88 10.56 -11.61 -13.56
CA SER A 88 11.24 -10.42 -14.07
C SER A 88 11.02 -10.28 -15.58
N GLY A 89 11.53 -9.17 -16.13
CA GLY A 89 11.38 -8.94 -17.55
C GLY A 89 12.50 -8.09 -18.11
N GLY A 1 -4.08 -4.72 24.85
CA GLY A 1 -5.21 -3.96 24.36
C GLY A 1 -6.31 -4.85 23.84
N SER A 2 -6.95 -4.43 22.74
CA SER A 2 -8.04 -5.21 22.14
C SER A 2 -7.73 -5.53 20.69
N SER A 3 -8.10 -6.74 20.26
CA SER A 3 -7.86 -7.17 18.89
C SER A 3 -8.95 -8.13 18.43
N GLY A 4 -9.26 -8.09 17.14
CA GLY A 4 -10.29 -8.96 16.59
C GLY A 4 -10.57 -8.68 15.13
N SER A 5 -11.53 -9.41 14.57
CA SER A 5 -11.90 -9.23 13.17
C SER A 5 -12.49 -7.84 12.93
N SER A 6 -11.63 -6.86 12.73
CA SER A 6 -12.07 -5.49 12.50
C SER A 6 -10.89 -4.60 12.13
N GLY A 7 -11.18 -3.38 11.70
CA GLY A 7 -10.14 -2.44 11.32
C GLY A 7 -10.69 -1.15 10.75
N PRO A 8 -9.98 -0.04 11.02
CA PRO A 8 -10.39 1.28 10.54
C PRO A 8 -10.24 1.42 9.03
N VAL A 9 -10.92 2.43 8.46
CA VAL A 9 -10.86 2.67 7.03
C VAL A 9 -11.44 4.04 6.68
N SER A 10 -10.72 4.79 5.86
CA SER A 10 -11.15 6.12 5.45
C SER A 10 -11.54 6.14 3.98
N PRO A 11 -12.56 6.94 3.63
CA PRO A 11 -13.04 7.06 2.26
C PRO A 11 -12.05 7.79 1.36
N GLN A 12 -11.96 7.36 0.11
CA GLN A 12 -11.05 7.97 -0.86
C GLN A 12 -11.81 8.85 -1.84
N GLN A 13 -11.17 9.94 -2.26
CA GLN A 13 -11.78 10.87 -3.19
C GLN A 13 -11.70 10.34 -4.62
N SER A 14 -10.47 10.28 -5.15
CA SER A 14 -10.25 9.80 -6.50
C SER A 14 -10.25 8.27 -6.54
N GLU A 15 -10.92 7.71 -7.54
CA GLU A 15 -10.99 6.26 -7.69
C GLU A 15 -9.61 5.63 -7.58
N CYS A 16 -8.63 6.26 -8.23
CA CYS A 16 -7.26 5.77 -8.20
C CYS A 16 -6.66 5.89 -6.81
N ASN A 17 -6.23 4.77 -6.24
CA ASN A 17 -5.65 4.75 -4.91
C ASN A 17 -5.05 3.39 -4.59
N PRO A 18 -3.88 3.38 -3.93
CA PRO A 18 -3.19 2.15 -3.55
C PRO A 18 -3.91 1.39 -2.45
N VAL A 19 -4.25 2.10 -1.37
CA VAL A 19 -4.96 1.50 -0.25
C VAL A 19 -6.18 0.72 -0.72
N GLY A 20 -6.91 1.30 -1.67
CA GLY A 20 -8.10 0.65 -2.19
C GLY A 20 -7.78 -0.47 -3.15
N ALA A 21 -6.51 -0.57 -3.54
CA ALA A 21 -6.07 -1.62 -4.45
C ALA A 21 -5.51 -2.81 -3.69
N LEU A 22 -4.51 -2.56 -2.85
CA LEU A 22 -3.88 -3.61 -2.07
C LEU A 22 -4.92 -4.47 -1.36
N GLN A 23 -6.05 -3.85 -1.02
CA GLN A 23 -7.13 -4.55 -0.33
C GLN A 23 -7.72 -5.63 -1.23
N GLU A 24 -7.77 -5.37 -2.53
CA GLU A 24 -8.30 -6.33 -3.48
C GLU A 24 -7.30 -7.45 -3.76
N LEU A 25 -6.05 -7.06 -4.00
CA LEU A 25 -4.99 -8.02 -4.29
C LEU A 25 -4.84 -9.02 -3.14
N VAL A 26 -4.58 -8.49 -1.94
CA VAL A 26 -4.41 -9.32 -0.76
C VAL A 26 -5.41 -10.47 -0.75
N VAL A 27 -6.66 -10.16 -1.11
CA VAL A 27 -7.72 -11.16 -1.14
C VAL A 27 -7.40 -12.27 -2.13
N GLN A 28 -6.86 -11.89 -3.28
CA GLN A 28 -6.50 -12.86 -4.32
C GLN A 28 -5.29 -13.69 -3.89
N LYS A 29 -4.41 -13.08 -3.11
CA LYS A 29 -3.21 -13.76 -2.63
C LYS A 29 -3.51 -14.57 -1.37
N GLY A 30 -4.65 -14.28 -0.74
CA GLY A 30 -5.03 -14.99 0.47
C GLY A 30 -4.37 -14.42 1.71
N TRP A 31 -4.30 -13.09 1.79
CA TRP A 31 -3.69 -12.42 2.92
C TRP A 31 -4.69 -11.51 3.63
N ARG A 32 -4.27 -10.97 4.77
CA ARG A 32 -5.13 -10.08 5.54
C ARG A 32 -4.76 -8.62 5.30
N LEU A 33 -5.57 -7.70 5.82
CA LEU A 33 -5.33 -6.28 5.66
C LEU A 33 -3.87 -5.94 5.97
N PRO A 34 -3.31 -4.99 5.21
CA PRO A 34 -1.93 -4.56 5.37
C PRO A 34 -1.72 -3.78 6.66
N GLU A 35 -0.54 -3.93 7.27
CA GLU A 35 -0.22 -3.24 8.51
C GLU A 35 0.54 -1.94 8.23
N TYR A 36 0.31 -0.93 9.05
CA TYR A 36 0.97 0.36 8.89
C TYR A 36 1.41 0.92 10.24
N THR A 37 2.72 1.09 10.41
CA THR A 37 3.27 1.62 11.65
C THR A 37 4.42 2.59 11.37
N VAL A 38 4.33 3.77 11.96
CA VAL A 38 5.36 4.80 11.78
C VAL A 38 6.69 4.34 12.37
N THR A 39 7.68 4.13 11.51
CA THR A 39 9.00 3.69 11.93
C THR A 39 9.88 4.88 12.27
N GLN A 40 10.05 5.79 11.31
CA GLN A 40 10.88 6.97 11.50
C GLN A 40 10.06 8.24 11.32
N GLU A 41 10.51 9.33 11.95
CA GLU A 41 9.82 10.60 11.86
C GLU A 41 10.80 11.76 11.86
N SER A 42 10.86 12.49 10.74
CA SER A 42 11.77 13.61 10.60
C SER A 42 11.07 14.80 9.94
N GLY A 43 11.74 15.94 9.93
CA GLY A 43 11.17 17.14 9.33
C GLY A 43 10.77 18.17 10.36
N PRO A 44 10.91 19.46 9.99
CA PRO A 44 10.57 20.57 10.89
C PRO A 44 9.07 20.71 11.11
N ALA A 45 8.67 21.78 11.78
CA ALA A 45 7.26 22.01 12.06
C ALA A 45 6.50 22.39 10.80
N HIS A 46 7.07 23.31 10.02
CA HIS A 46 6.45 23.75 8.78
C HIS A 46 6.33 22.61 7.79
N ARG A 47 7.34 21.75 7.76
CA ARG A 47 7.34 20.61 6.84
C ARG A 47 7.52 19.30 7.62
N LYS A 48 6.42 18.78 8.14
CA LYS A 48 6.46 17.53 8.90
C LYS A 48 6.44 16.32 7.96
N GLU A 49 7.42 15.44 8.13
CA GLU A 49 7.52 14.24 7.31
C GLU A 49 7.53 12.98 8.17
N PHE A 50 6.61 12.07 7.90
CA PHE A 50 6.51 10.83 8.65
C PHE A 50 6.83 9.63 7.77
N THR A 51 7.69 8.74 8.26
CA THR A 51 8.07 7.55 7.51
C THR A 51 7.44 6.30 8.09
N MET A 52 6.39 5.80 7.45
CA MET A 52 5.70 4.61 7.90
C MET A 52 6.00 3.43 6.99
N THR A 53 6.19 2.26 7.59
CA THR A 53 6.48 1.05 6.84
C THR A 53 5.29 0.10 6.83
N CYS A 54 5.01 -0.48 5.67
CA CYS A 54 3.89 -1.40 5.53
C CYS A 54 4.35 -2.84 5.71
N ARG A 55 3.86 -3.48 6.77
CA ARG A 55 4.22 -4.87 7.07
C ARG A 55 3.20 -5.84 6.48
N VAL A 56 3.58 -6.50 5.39
CA VAL A 56 2.69 -7.46 4.74
C VAL A 56 3.00 -8.89 5.18
N GLU A 57 2.01 -9.76 5.06
CA GLU A 57 2.18 -11.16 5.45
C GLU A 57 3.60 -11.64 5.19
N ARG A 58 3.94 -11.78 3.90
CA ARG A 58 5.26 -12.23 3.51
C ARG A 58 5.99 -11.15 2.71
N PHE A 59 5.67 -9.89 3.00
CA PHE A 59 6.29 -8.77 2.29
C PHE A 59 6.45 -7.57 3.22
N ILE A 60 7.41 -6.71 2.90
CA ILE A 60 7.67 -5.53 3.71
C ILE A 60 8.19 -4.38 2.85
N GLU A 61 7.69 -3.17 3.11
CA GLU A 61 8.10 -1.99 2.37
C GLU A 61 8.01 -0.74 3.24
N ILE A 62 8.93 0.19 3.02
CA ILE A 62 8.95 1.44 3.78
C ILE A 62 8.41 2.59 2.95
N GLY A 63 7.50 3.35 3.55
CA GLY A 63 6.91 4.49 2.86
C GLY A 63 7.05 5.78 3.63
N SER A 64 6.66 6.89 3.01
CA SER A 64 6.75 8.19 3.65
C SER A 64 5.67 9.14 3.11
N GLY A 65 5.31 10.13 3.91
CA GLY A 65 4.30 11.10 3.50
C GLY A 65 4.23 12.29 4.43
N THR A 66 3.97 13.46 3.85
CA THR A 66 3.87 14.69 4.64
C THR A 66 2.95 14.51 5.83
N SER A 67 2.01 13.57 5.72
CA SER A 67 1.06 13.29 6.80
C SER A 67 0.82 11.79 6.94
N LYS A 68 0.62 11.35 8.17
CA LYS A 68 0.37 9.94 8.43
C LYS A 68 -0.60 9.34 7.41
N LYS A 69 -1.75 9.97 7.27
CA LYS A 69 -2.76 9.51 6.32
C LYS A 69 -2.13 9.17 4.98
N LEU A 70 -1.16 9.97 4.56
CA LEU A 70 -0.48 9.75 3.29
C LEU A 70 0.54 8.63 3.41
N ALA A 71 1.48 8.78 4.33
CA ALA A 71 2.51 7.77 4.56
C ALA A 71 1.95 6.37 4.35
N LYS A 72 0.71 6.17 4.79
CA LYS A 72 0.06 4.86 4.65
C LYS A 72 -0.12 4.50 3.19
N ARG A 73 -0.67 5.43 2.42
CA ARG A 73 -0.91 5.21 0.99
C ARG A 73 0.41 5.14 0.23
N ASN A 74 1.41 5.85 0.71
CA ASN A 74 2.72 5.87 0.07
C ASN A 74 3.38 4.49 0.15
N ALA A 75 3.32 3.87 1.32
CA ALA A 75 3.90 2.54 1.51
C ALA A 75 3.14 1.49 0.73
N ALA A 76 1.81 1.58 0.76
CA ALA A 76 0.96 0.63 0.05
C ALA A 76 1.29 0.60 -1.44
N ALA A 77 1.31 1.77 -2.06
CA ALA A 77 1.61 1.88 -3.48
C ALA A 77 2.86 1.08 -3.84
N LYS A 78 3.99 1.45 -3.26
CA LYS A 78 5.25 0.76 -3.50
C LYS A 78 5.08 -0.75 -3.38
N MET A 79 4.36 -1.17 -2.34
CA MET A 79 4.12 -2.59 -2.11
C MET A 79 3.50 -3.24 -3.35
N LEU A 80 2.52 -2.57 -3.94
CA LEU A 80 1.85 -3.08 -5.13
C LEU A 80 2.83 -3.78 -6.06
N LEU A 81 3.90 -3.08 -6.41
CA LEU A 81 4.92 -3.63 -7.29
C LEU A 81 5.76 -4.68 -6.56
N ARG A 82 6.06 -4.42 -5.29
CA ARG A 82 6.85 -5.34 -4.49
C ARG A 82 6.27 -6.75 -4.55
N VAL A 83 5.00 -6.88 -4.17
CA VAL A 83 4.32 -8.17 -4.17
C VAL A 83 4.05 -8.64 -5.60
N SER A 84 3.83 -7.68 -6.51
CA SER A 84 3.55 -8.00 -7.90
C SER A 84 4.81 -8.51 -8.60
N GLY A 85 4.61 -9.30 -9.66
CA GLY A 85 5.74 -9.84 -10.39
C GLY A 85 5.99 -9.10 -11.70
N PRO A 86 5.18 -9.42 -12.71
CA PRO A 86 5.29 -8.79 -14.04
C PRO A 86 4.87 -7.33 -14.03
N SER A 87 5.77 -6.45 -14.47
CA SER A 87 5.48 -5.02 -14.50
C SER A 87 6.26 -4.34 -15.64
N SER A 88 5.53 -3.67 -16.52
CA SER A 88 6.15 -2.97 -17.64
C SER A 88 5.95 -1.47 -17.53
N GLY A 89 6.63 -0.72 -18.40
CA GLY A 89 6.51 0.72 -18.38
C GLY A 89 5.07 1.19 -18.31
N GLY A 1 -9.88 -25.26 -6.75
CA GLY A 1 -9.84 -25.65 -8.15
C GLY A 1 -8.81 -24.85 -8.94
N SER A 2 -8.30 -25.45 -10.00
CA SER A 2 -7.31 -24.78 -10.84
C SER A 2 -7.64 -23.31 -11.03
N SER A 3 -6.67 -22.44 -10.75
CA SER A 3 -6.88 -21.01 -10.89
C SER A 3 -5.54 -20.29 -11.06
N GLY A 4 -5.37 -19.62 -12.19
CA GLY A 4 -4.14 -18.90 -12.45
C GLY A 4 -4.39 -17.56 -13.12
N SER A 5 -3.36 -17.04 -13.81
CA SER A 5 -3.47 -15.76 -14.48
C SER A 5 -3.66 -15.94 -15.99
N SER A 6 -4.72 -15.36 -16.53
CA SER A 6 -5.02 -15.46 -17.95
C SER A 6 -4.65 -14.17 -18.68
N GLY A 7 -4.15 -13.19 -17.92
CA GLY A 7 -3.78 -11.92 -18.51
C GLY A 7 -4.83 -10.85 -18.32
N PRO A 8 -4.81 -10.19 -17.15
CA PRO A 8 -5.77 -9.13 -16.82
C PRO A 8 -5.55 -7.88 -17.65
N VAL A 9 -6.49 -6.94 -17.56
CA VAL A 9 -6.39 -5.68 -18.30
C VAL A 9 -6.48 -4.48 -17.36
N SER A 10 -5.51 -3.58 -17.48
CA SER A 10 -5.48 -2.39 -16.63
C SER A 10 -4.44 -1.40 -17.15
N PRO A 11 -4.77 -0.10 -17.07
CA PRO A 11 -3.90 0.98 -17.52
C PRO A 11 -2.66 1.14 -16.62
N GLN A 12 -1.66 1.85 -17.13
CA GLN A 12 -0.43 2.08 -16.37
C GLN A 12 -0.72 2.81 -15.07
N GLN A 13 -1.49 3.90 -15.16
CA GLN A 13 -1.82 4.69 -13.99
C GLN A 13 -3.04 4.11 -13.28
N SER A 14 -2.83 3.55 -12.09
CA SER A 14 -3.91 2.96 -11.31
C SER A 14 -4.77 4.04 -10.66
N GLU A 15 -5.70 4.59 -11.43
CA GLU A 15 -6.58 5.64 -10.93
C GLU A 15 -7.01 5.35 -9.50
N CYS A 16 -7.49 4.13 -9.26
CA CYS A 16 -7.94 3.73 -7.94
C CYS A 16 -6.79 3.80 -6.93
N ASN A 17 -6.99 4.57 -5.86
CA ASN A 17 -5.98 4.73 -4.83
C ASN A 17 -5.28 3.40 -4.55
N PRO A 18 -4.03 3.48 -4.04
CA PRO A 18 -3.23 2.30 -3.72
C PRO A 18 -3.77 1.55 -2.51
N VAL A 19 -4.13 2.28 -1.46
CA VAL A 19 -4.66 1.68 -0.26
C VAL A 19 -5.87 0.80 -0.57
N GLY A 20 -6.81 1.34 -1.33
CA GLY A 20 -8.00 0.59 -1.69
C GLY A 20 -7.71 -0.49 -2.71
N ALA A 21 -6.53 -0.45 -3.30
CA ALA A 21 -6.13 -1.44 -4.30
C ALA A 21 -5.46 -2.64 -3.64
N LEU A 22 -4.41 -2.38 -2.88
CA LEU A 22 -3.67 -3.44 -2.20
C LEU A 22 -4.62 -4.49 -1.64
N GLN A 23 -5.78 -4.05 -1.18
CA GLN A 23 -6.78 -4.95 -0.63
C GLN A 23 -7.15 -6.04 -1.63
N GLU A 24 -7.40 -5.63 -2.87
CA GLU A 24 -7.75 -6.57 -3.92
C GLU A 24 -6.70 -7.68 -4.06
N LEU A 25 -5.45 -7.30 -3.83
CA LEU A 25 -4.35 -8.26 -3.92
C LEU A 25 -4.40 -9.26 -2.78
N VAL A 26 -4.14 -8.79 -1.57
CA VAL A 26 -4.15 -9.65 -0.39
C VAL A 26 -5.31 -10.65 -0.46
N VAL A 27 -6.49 -10.15 -0.81
CA VAL A 27 -7.68 -11.00 -0.92
C VAL A 27 -7.41 -12.22 -1.80
N GLN A 28 -6.93 -11.98 -3.02
CA GLN A 28 -6.63 -13.05 -3.95
C GLN A 28 -5.50 -13.93 -3.43
N LYS A 29 -4.50 -13.29 -2.81
CA LYS A 29 -3.37 -14.02 -2.26
C LYS A 29 -3.77 -14.82 -1.02
N GLY A 30 -4.84 -14.37 -0.36
CA GLY A 30 -5.32 -15.06 0.82
C GLY A 30 -4.68 -14.51 2.09
N TRP A 31 -4.28 -13.25 2.06
CA TRP A 31 -3.67 -12.61 3.21
C TRP A 31 -4.64 -11.69 3.92
N ARG A 32 -4.23 -11.15 5.06
CA ARG A 32 -5.07 -10.25 5.84
C ARG A 32 -4.65 -8.80 5.65
N LEU A 33 -5.56 -7.87 5.94
CA LEU A 33 -5.27 -6.45 5.81
C LEU A 33 -3.82 -6.15 6.13
N PRO A 34 -3.22 -5.22 5.38
CA PRO A 34 -1.82 -4.82 5.58
C PRO A 34 -1.61 -4.05 6.87
N GLU A 35 -0.38 -4.05 7.38
CA GLU A 35 -0.05 -3.35 8.61
C GLU A 35 0.55 -1.98 8.31
N TYR A 36 0.02 -0.95 8.97
CA TYR A 36 0.51 0.41 8.77
C TYR A 36 0.94 1.03 10.10
N THR A 37 2.23 1.28 10.25
CA THR A 37 2.77 1.87 11.46
C THR A 37 3.94 2.79 11.15
N VAL A 38 4.12 3.81 11.98
CA VAL A 38 5.21 4.77 11.80
C VAL A 38 6.51 4.24 12.40
N THR A 39 7.59 4.34 11.62
CA THR A 39 8.89 3.87 12.08
C THR A 39 9.79 5.03 12.50
N GLN A 40 9.76 6.10 11.72
CA GLN A 40 10.56 7.28 12.00
C GLN A 40 9.79 8.56 11.70
N GLU A 41 10.09 9.63 12.45
CA GLU A 41 9.43 10.90 12.26
C GLU A 41 10.42 12.05 12.32
N SER A 42 10.69 12.64 11.15
CA SER A 42 11.64 13.75 11.06
C SER A 42 10.98 14.97 10.41
N GLY A 43 11.67 16.10 10.47
CA GLY A 43 11.15 17.32 9.87
C GLY A 43 10.49 18.22 10.91
N PRO A 44 10.63 19.54 10.72
CA PRO A 44 10.05 20.53 11.63
C PRO A 44 8.52 20.59 11.53
N ALA A 45 7.94 21.64 12.09
CA ALA A 45 6.49 21.81 12.06
C ALA A 45 6.01 22.22 10.68
N HIS A 46 6.67 23.21 10.09
CA HIS A 46 6.31 23.69 8.75
C HIS A 46 6.42 22.58 7.73
N ARG A 47 7.42 21.72 7.89
CA ARG A 47 7.65 20.61 6.97
C ARG A 47 7.71 19.29 7.73
N LYS A 48 6.55 18.74 8.05
CA LYS A 48 6.47 17.47 8.77
C LYS A 48 6.65 16.29 7.82
N GLU A 49 7.45 15.31 8.24
CA GLU A 49 7.71 14.13 7.43
C GLU A 49 7.66 12.86 8.27
N PHE A 50 6.67 12.01 8.01
CA PHE A 50 6.52 10.77 8.75
C PHE A 50 6.84 9.56 7.86
N THR A 51 7.69 8.68 8.38
CA THR A 51 8.08 7.49 7.64
C THR A 51 7.30 6.27 8.10
N MET A 52 6.35 5.82 7.27
CA MET A 52 5.54 4.66 7.59
C MET A 52 5.92 3.46 6.73
N THR A 53 5.97 2.28 7.35
CA THR A 53 6.33 1.06 6.63
C THR A 53 5.16 0.08 6.61
N CYS A 54 4.94 -0.55 5.46
CA CYS A 54 3.86 -1.51 5.30
C CYS A 54 4.35 -2.93 5.55
N ARG A 55 3.80 -3.58 6.57
CA ARG A 55 4.19 -4.94 6.91
C ARG A 55 3.17 -5.94 6.39
N VAL A 56 3.50 -6.62 5.30
CA VAL A 56 2.61 -7.61 4.69
C VAL A 56 3.01 -9.02 5.10
N GLU A 57 2.06 -9.95 5.01
CA GLU A 57 2.32 -11.34 5.35
C GLU A 57 3.75 -11.73 5.00
N ARG A 58 4.01 -11.91 3.70
CA ARG A 58 5.33 -12.28 3.23
C ARG A 58 5.96 -11.16 2.41
N PHE A 59 5.62 -9.92 2.76
CA PHE A 59 6.15 -8.76 2.06
C PHE A 59 6.33 -7.58 3.01
N ILE A 60 7.32 -6.74 2.73
CA ILE A 60 7.60 -5.58 3.56
C ILE A 60 8.21 -4.45 2.74
N GLU A 61 7.77 -3.22 3.02
CA GLU A 61 8.26 -2.05 2.31
C GLU A 61 8.10 -0.78 3.15
N ILE A 62 9.11 0.07 3.10
CA ILE A 62 9.08 1.32 3.86
C ILE A 62 8.65 2.49 2.98
N GLY A 63 7.87 3.40 3.57
CA GLY A 63 7.40 4.56 2.82
C GLY A 63 7.49 5.84 3.63
N SER A 64 7.10 6.95 3.02
CA SER A 64 7.14 8.25 3.67
C SER A 64 6.06 9.17 3.13
N GLY A 65 5.74 10.22 3.89
CA GLY A 65 4.73 11.17 3.47
C GLY A 65 4.60 12.34 4.43
N THR A 66 4.42 13.53 3.87
CA THR A 66 4.29 14.74 4.66
C THR A 66 3.40 14.49 5.88
N SER A 67 2.33 13.74 5.68
CA SER A 67 1.40 13.43 6.76
C SER A 67 1.19 11.93 6.89
N LYS A 68 1.04 11.46 8.12
CA LYS A 68 0.82 10.03 8.37
C LYS A 68 -0.12 9.43 7.33
N LYS A 69 -1.25 10.08 7.11
CA LYS A 69 -2.23 9.61 6.15
C LYS A 69 -1.58 9.37 4.78
N LEU A 70 -0.89 10.39 4.28
CA LEU A 70 -0.22 10.29 2.99
C LEU A 70 0.77 9.13 2.97
N ALA A 71 1.57 9.02 4.04
CA ALA A 71 2.55 7.96 4.16
C ALA A 71 1.92 6.60 3.85
N LYS A 72 0.89 6.25 4.62
CA LYS A 72 0.20 4.98 4.43
C LYS A 72 0.14 4.60 2.94
N ARG A 73 -0.23 5.56 2.12
CA ARG A 73 -0.32 5.34 0.68
C ARG A 73 1.06 5.10 0.07
N ASN A 74 1.95 6.06 0.26
CA ASN A 74 3.30 5.97 -0.26
C ASN A 74 3.82 4.53 -0.17
N ALA A 75 3.61 3.91 0.98
CA ALA A 75 4.06 2.54 1.21
C ALA A 75 3.19 1.55 0.43
N ALA A 76 1.87 1.72 0.52
CA ALA A 76 0.93 0.85 -0.16
C ALA A 76 1.20 0.83 -1.67
N ALA A 77 1.11 2.01 -2.29
CA ALA A 77 1.33 2.12 -3.73
C ALA A 77 2.51 1.25 -4.16
N LYS A 78 3.66 1.46 -3.52
CA LYS A 78 4.86 0.70 -3.85
C LYS A 78 4.62 -0.80 -3.69
N MET A 79 3.93 -1.17 -2.61
CA MET A 79 3.64 -2.57 -2.35
C MET A 79 2.96 -3.22 -3.55
N LEU A 80 1.98 -2.52 -4.12
CA LEU A 80 1.25 -3.03 -5.27
C LEU A 80 2.20 -3.68 -6.27
N LEU A 81 3.34 -3.04 -6.50
CA LEU A 81 4.34 -3.55 -7.43
C LEU A 81 5.15 -4.68 -6.80
N ARG A 82 5.43 -4.53 -5.51
CA ARG A 82 6.20 -5.53 -4.77
C ARG A 82 5.53 -6.90 -4.85
N VAL A 83 4.30 -6.98 -4.34
CA VAL A 83 3.55 -8.23 -4.35
C VAL A 83 3.08 -8.58 -5.76
N SER A 84 2.69 -7.55 -6.52
CA SER A 84 2.21 -7.74 -7.88
C SER A 84 2.99 -6.87 -8.86
N GLY A 85 4.00 -7.46 -9.49
CA GLY A 85 4.81 -6.72 -10.44
C GLY A 85 4.52 -7.12 -11.88
N PRO A 86 3.47 -6.52 -12.46
CA PRO A 86 3.07 -6.81 -13.85
C PRO A 86 4.08 -6.27 -14.87
N SER A 87 4.71 -7.17 -15.60
CA SER A 87 5.70 -6.78 -16.60
C SER A 87 5.56 -7.65 -17.85
N SER A 88 5.84 -7.05 -19.00
CA SER A 88 5.75 -7.76 -20.27
C SER A 88 7.00 -8.60 -20.52
N GLY A 89 6.95 -9.86 -20.14
CA GLY A 89 8.09 -10.74 -20.33
C GLY A 89 8.76 -10.55 -21.67
N GLY A 1 -11.51 -24.15 -26.55
CA GLY A 1 -10.67 -24.04 -27.72
C GLY A 1 -9.37 -23.30 -27.44
N SER A 2 -9.03 -22.35 -28.30
CA SER A 2 -7.80 -21.58 -28.15
C SER A 2 -8.07 -20.09 -28.36
N SER A 3 -7.34 -19.26 -27.62
CA SER A 3 -7.50 -17.82 -27.71
C SER A 3 -7.27 -17.34 -29.15
N GLY A 4 -7.98 -16.29 -29.54
CA GLY A 4 -7.85 -15.76 -30.88
C GLY A 4 -7.77 -14.25 -30.90
N SER A 5 -6.69 -13.70 -30.34
CA SER A 5 -6.50 -12.26 -30.29
C SER A 5 -5.02 -11.91 -30.23
N SER A 6 -4.72 -10.62 -30.24
CA SER A 6 -3.34 -10.15 -30.18
C SER A 6 -2.81 -10.18 -28.76
N GLY A 7 -3.64 -10.66 -27.84
CA GLY A 7 -3.25 -10.73 -26.45
C GLY A 7 -4.36 -10.34 -25.50
N PRO A 8 -4.41 -10.99 -24.33
CA PRO A 8 -5.43 -10.71 -23.32
C PRO A 8 -5.24 -9.35 -22.66
N VAL A 9 -6.04 -8.38 -23.10
CA VAL A 9 -5.97 -7.03 -22.55
C VAL A 9 -5.72 -7.06 -21.04
N SER A 10 -4.60 -6.50 -20.62
CA SER A 10 -4.26 -6.47 -19.20
C SER A 10 -4.39 -5.06 -18.64
N PRO A 11 -5.63 -4.68 -18.30
CA PRO A 11 -5.93 -3.35 -17.75
C PRO A 11 -5.39 -3.17 -16.33
N GLN A 12 -4.51 -2.20 -16.16
CA GLN A 12 -3.92 -1.92 -14.85
C GLN A 12 -4.33 -0.55 -14.35
N GLN A 13 -4.75 -0.48 -13.09
CA GLN A 13 -5.17 0.76 -12.48
C GLN A 13 -3.98 1.52 -11.91
N SER A 14 -3.99 2.85 -12.05
CA SER A 14 -2.91 3.68 -11.55
C SER A 14 -3.46 4.88 -10.78
N GLU A 15 -4.34 5.64 -11.43
CA GLU A 15 -4.93 6.82 -10.80
C GLU A 15 -5.63 6.44 -9.50
N CYS A 16 -6.23 5.26 -9.48
CA CYS A 16 -6.94 4.78 -8.29
C CYS A 16 -6.00 4.68 -7.10
N ASN A 17 -6.45 5.18 -5.96
CA ASN A 17 -5.65 5.17 -4.74
C ASN A 17 -5.08 3.77 -4.50
N PRO A 18 -3.83 3.73 -3.99
CA PRO A 18 -3.15 2.45 -3.69
C PRO A 18 -3.77 1.72 -2.51
N VAL A 19 -3.98 2.45 -1.42
CA VAL A 19 -4.57 1.86 -0.21
C VAL A 19 -5.78 1.02 -0.56
N GLY A 20 -6.59 1.50 -1.49
CA GLY A 20 -7.79 0.78 -1.90
C GLY A 20 -7.48 -0.31 -2.92
N ALA A 21 -6.32 -0.23 -3.54
CA ALA A 21 -5.91 -1.21 -4.54
C ALA A 21 -5.27 -2.43 -3.87
N LEU A 22 -4.30 -2.18 -3.00
CA LEU A 22 -3.61 -3.27 -2.31
C LEU A 22 -4.61 -4.23 -1.69
N GLN A 23 -5.70 -3.70 -1.15
CA GLN A 23 -6.73 -4.52 -0.52
C GLN A 23 -7.19 -5.63 -1.46
N GLU A 24 -7.07 -5.38 -2.76
CA GLU A 24 -7.47 -6.37 -3.77
C GLU A 24 -6.43 -7.48 -3.87
N LEU A 25 -5.15 -7.10 -3.89
CA LEU A 25 -4.07 -8.06 -4.00
C LEU A 25 -4.06 -9.00 -2.81
N VAL A 26 -4.15 -8.43 -1.60
CA VAL A 26 -4.15 -9.23 -0.38
C VAL A 26 -5.34 -10.19 -0.35
N VAL A 27 -6.53 -9.65 -0.62
CA VAL A 27 -7.74 -10.47 -0.62
C VAL A 27 -7.61 -11.63 -1.59
N GLN A 28 -7.30 -11.32 -2.84
CA GLN A 28 -7.15 -12.34 -3.87
C GLN A 28 -6.02 -13.30 -3.53
N LYS A 29 -4.91 -12.75 -3.06
CA LYS A 29 -3.76 -13.56 -2.68
C LYS A 29 -4.06 -14.42 -1.46
N GLY A 30 -4.97 -13.94 -0.62
CA GLY A 30 -5.34 -14.68 0.59
C GLY A 30 -4.52 -14.27 1.79
N TRP A 31 -4.38 -12.96 2.00
CA TRP A 31 -3.62 -12.44 3.13
C TRP A 31 -4.50 -11.58 4.03
N ARG A 32 -3.91 -11.09 5.11
CA ARG A 32 -4.65 -10.25 6.07
C ARG A 32 -4.35 -8.77 5.82
N LEU A 33 -5.34 -7.93 6.10
CA LEU A 33 -5.19 -6.49 5.92
C LEU A 33 -3.76 -6.05 6.20
N PRO A 34 -3.28 -5.09 5.40
CA PRO A 34 -1.92 -4.55 5.55
C PRO A 34 -1.75 -3.72 6.82
N GLU A 35 -0.58 -3.82 7.44
CA GLU A 35 -0.30 -3.09 8.67
C GLU A 35 0.61 -1.90 8.39
N TYR A 36 0.21 -0.72 8.84
CA TYR A 36 1.00 0.49 8.64
C TYR A 36 1.34 1.15 9.98
N THR A 37 2.64 1.19 10.29
CA THR A 37 3.11 1.79 11.53
C THR A 37 4.25 2.77 11.27
N VAL A 38 4.13 3.96 11.85
CA VAL A 38 5.16 4.99 11.68
C VAL A 38 6.46 4.59 12.38
N THR A 39 7.47 4.22 11.59
CA THR A 39 8.75 3.81 12.12
C THR A 39 9.61 5.04 12.46
N GLN A 40 9.88 5.86 11.47
CA GLN A 40 10.70 7.05 11.66
C GLN A 40 9.87 8.32 11.41
N GLU A 41 10.26 9.40 12.08
CA GLU A 41 9.55 10.67 11.94
C GLU A 41 10.52 11.84 12.00
N SER A 42 10.67 12.55 10.89
CA SER A 42 11.56 13.70 10.81
C SER A 42 10.88 14.89 10.14
N GLY A 43 11.56 16.03 10.16
CA GLY A 43 11.00 17.23 9.57
C GLY A 43 10.37 18.15 10.59
N PRO A 44 10.48 19.47 10.36
CA PRO A 44 9.92 20.48 11.25
C PRO A 44 8.39 20.51 11.23
N ALA A 45 7.81 21.58 11.75
CA ALA A 45 6.36 21.72 11.79
C ALA A 45 5.83 22.19 10.45
N HIS A 46 6.64 22.95 9.72
CA HIS A 46 6.25 23.46 8.41
C HIS A 46 6.43 22.41 7.34
N ARG A 47 7.33 21.46 7.59
CA ARG A 47 7.60 20.39 6.65
C ARG A 47 7.55 19.02 7.33
N LYS A 48 6.46 18.76 8.03
CA LYS A 48 6.28 17.49 8.74
C LYS A 48 6.46 16.31 7.78
N GLU A 49 7.34 15.39 8.15
CA GLU A 49 7.60 14.22 7.33
C GLU A 49 7.60 12.95 8.18
N PHE A 50 6.62 12.08 7.93
CA PHE A 50 6.51 10.83 8.67
C PHE A 50 6.83 9.63 7.78
N THR A 51 7.67 8.74 8.27
CA THR A 51 8.06 7.55 7.53
C THR A 51 7.38 6.30 8.08
N MET A 52 6.34 5.83 7.39
CA MET A 52 5.61 4.65 7.82
C MET A 52 5.94 3.46 6.93
N THR A 53 6.08 2.29 7.54
CA THR A 53 6.40 1.08 6.80
C THR A 53 5.24 0.10 6.83
N CYS A 54 4.98 -0.53 5.69
CA CYS A 54 3.88 -1.49 5.58
C CYS A 54 4.39 -2.92 5.78
N ARG A 55 3.82 -3.61 6.77
CA ARG A 55 4.21 -4.98 7.07
C ARG A 55 3.17 -5.98 6.57
N VAL A 56 3.47 -6.63 5.45
CA VAL A 56 2.56 -7.61 4.87
C VAL A 56 2.93 -9.03 5.29
N GLU A 57 1.97 -9.94 5.19
CA GLU A 57 2.20 -11.34 5.56
C GLU A 57 3.63 -11.75 5.25
N ARG A 58 3.95 -11.83 3.97
CA ARG A 58 5.29 -12.22 3.54
C ARG A 58 5.93 -11.12 2.70
N PHE A 59 5.61 -9.88 3.00
CA PHE A 59 6.15 -8.75 2.26
C PHE A 59 6.33 -7.53 3.17
N ILE A 60 7.29 -6.68 2.83
CA ILE A 60 7.57 -5.49 3.62
C ILE A 60 8.09 -4.35 2.75
N GLU A 61 7.65 -3.13 3.03
CA GLU A 61 8.08 -1.96 2.28
C GLU A 61 7.94 -0.69 3.11
N ILE A 62 8.92 0.19 2.99
CA ILE A 62 8.92 1.44 3.73
C ILE A 62 8.37 2.58 2.88
N GLY A 63 7.48 3.38 3.46
CA GLY A 63 6.91 4.49 2.73
C GLY A 63 7.10 5.82 3.45
N SER A 64 6.89 6.92 2.73
CA SER A 64 7.04 8.24 3.31
C SER A 64 5.88 9.15 2.92
N GLY A 65 5.40 9.93 3.88
CA GLY A 65 4.29 10.83 3.63
C GLY A 65 4.22 11.97 4.62
N THR A 66 4.02 13.19 4.12
CA THR A 66 3.93 14.37 4.97
C THR A 66 3.09 14.08 6.22
N SER A 67 2.07 13.26 6.05
CA SER A 67 1.19 12.91 7.18
C SER A 67 0.97 11.40 7.24
N LYS A 68 0.91 10.87 8.46
CA LYS A 68 0.71 9.45 8.67
C LYS A 68 -0.28 8.89 7.64
N LYS A 69 -1.48 9.46 7.62
CA LYS A 69 -2.51 9.02 6.69
C LYS A 69 -1.95 8.86 5.28
N LEU A 70 -1.11 9.80 4.87
CA LEU A 70 -0.50 9.76 3.55
C LEU A 70 0.58 8.68 3.48
N ALA A 71 1.56 8.78 4.37
CA ALA A 71 2.66 7.81 4.41
C ALA A 71 2.14 6.40 4.17
N LYS A 72 0.90 6.14 4.60
CA LYS A 72 0.30 4.83 4.43
C LYS A 72 0.09 4.51 2.95
N ARG A 73 -0.44 5.49 2.22
CA ARG A 73 -0.70 5.32 0.80
C ARG A 73 0.61 5.17 0.02
N ASN A 74 1.61 5.95 0.40
CA ASN A 74 2.90 5.90 -0.27
C ASN A 74 3.51 4.50 -0.19
N ALA A 75 3.54 3.95 1.03
CA ALA A 75 4.09 2.61 1.24
C ALA A 75 3.33 1.57 0.44
N ALA A 76 1.99 1.60 0.54
CA ALA A 76 1.15 0.66 -0.18
C ALA A 76 1.48 0.65 -1.66
N ALA A 77 1.53 1.85 -2.25
CA ALA A 77 1.82 1.99 -3.67
C ALA A 77 2.97 1.07 -4.08
N LYS A 78 4.15 1.32 -3.51
CA LYS A 78 5.33 0.52 -3.81
C LYS A 78 5.03 -0.97 -3.68
N MET A 79 4.42 -1.35 -2.57
CA MET A 79 4.06 -2.75 -2.33
C MET A 79 3.37 -3.35 -3.54
N LEU A 80 2.40 -2.62 -4.08
CA LEU A 80 1.65 -3.08 -5.25
C LEU A 80 2.57 -3.80 -6.23
N LEU A 81 3.60 -3.11 -6.68
CA LEU A 81 4.55 -3.68 -7.63
C LEU A 81 5.30 -4.85 -7.01
N ARG A 82 5.81 -4.65 -5.80
CA ARG A 82 6.55 -5.69 -5.09
C ARG A 82 5.78 -7.01 -5.13
N VAL A 83 4.60 -7.03 -4.52
CA VAL A 83 3.78 -8.23 -4.48
C VAL A 83 3.34 -8.64 -5.89
N SER A 84 3.25 -7.66 -6.79
CA SER A 84 2.84 -7.92 -8.16
C SER A 84 3.52 -9.17 -8.70
N GLY A 85 2.72 -10.10 -9.22
CA GLY A 85 3.26 -11.33 -9.76
C GLY A 85 2.82 -11.57 -11.20
N PRO A 86 2.92 -12.83 -11.65
CA PRO A 86 2.55 -13.21 -13.00
C PRO A 86 1.04 -13.14 -13.24
N SER A 87 0.60 -13.58 -14.40
CA SER A 87 -0.82 -13.56 -14.75
C SER A 87 -1.61 -14.45 -13.80
N SER A 88 -2.32 -13.82 -12.86
CA SER A 88 -3.13 -14.55 -11.89
C SER A 88 -2.28 -15.61 -11.17
N GLY A 89 -1.07 -15.22 -10.77
CA GLY A 89 -0.19 -16.15 -10.08
C GLY A 89 0.29 -17.27 -10.98
N GLY A 1 -15.10 -11.98 -0.96
CA GLY A 1 -15.34 -12.93 0.11
C GLY A 1 -14.07 -13.65 0.53
N SER A 2 -14.24 -14.83 1.13
CA SER A 2 -13.10 -15.62 1.60
C SER A 2 -12.92 -16.86 0.74
N SER A 3 -14.03 -17.53 0.43
CA SER A 3 -13.99 -18.73 -0.39
C SER A 3 -14.76 -18.54 -1.68
N GLY A 4 -14.19 -19.02 -2.79
CA GLY A 4 -14.85 -18.89 -4.08
C GLY A 4 -14.02 -18.08 -5.05
N SER A 5 -14.68 -17.50 -6.04
CA SER A 5 -14.00 -16.69 -7.06
C SER A 5 -14.55 -15.28 -7.09
N SER A 6 -15.86 -15.17 -7.36
CA SER A 6 -16.51 -13.86 -7.43
C SER A 6 -17.54 -13.71 -6.31
N GLY A 7 -17.63 -12.51 -5.75
CA GLY A 7 -18.58 -12.26 -4.68
C GLY A 7 -19.05 -10.82 -4.65
N PRO A 8 -18.35 -9.99 -3.87
CA PRO A 8 -18.68 -8.56 -3.73
C PRO A 8 -18.39 -7.77 -5.00
N VAL A 9 -19.32 -6.91 -5.38
CA VAL A 9 -19.17 -6.09 -6.57
C VAL A 9 -19.28 -4.61 -6.24
N SER A 10 -18.45 -3.79 -6.89
CA SER A 10 -18.46 -2.35 -6.67
C SER A 10 -18.20 -1.60 -7.96
N PRO A 11 -18.87 -0.45 -8.12
CA PRO A 11 -18.73 0.40 -9.31
C PRO A 11 -17.36 1.06 -9.40
N GLN A 12 -16.81 1.10 -10.60
CA GLN A 12 -15.50 1.70 -10.82
C GLN A 12 -15.51 3.18 -10.44
N GLN A 13 -14.40 3.66 -9.89
CA GLN A 13 -14.29 5.05 -9.46
C GLN A 13 -13.43 5.84 -10.44
N SER A 14 -13.41 7.17 -10.27
CA SER A 14 -12.62 8.03 -11.14
C SER A 14 -11.17 8.07 -10.69
N GLU A 15 -10.96 8.47 -9.44
CA GLU A 15 -9.61 8.56 -8.88
C GLU A 15 -9.10 7.18 -8.46
N CYS A 16 -7.82 6.94 -8.69
CA CYS A 16 -7.21 5.66 -8.34
C CYS A 16 -6.38 5.79 -7.07
N ASN A 17 -6.50 4.81 -6.18
CA ASN A 17 -5.76 4.82 -4.92
C ASN A 17 -5.12 3.45 -4.67
N PRO A 18 -3.91 3.47 -4.07
CA PRO A 18 -3.17 2.24 -3.75
C PRO A 18 -3.83 1.45 -2.63
N VAL A 19 -4.13 2.13 -1.52
CA VAL A 19 -4.76 1.48 -0.37
C VAL A 19 -5.97 0.67 -0.80
N GLY A 20 -6.75 1.21 -1.73
CA GLY A 20 -7.93 0.52 -2.21
C GLY A 20 -7.59 -0.60 -3.17
N ALA A 21 -6.37 -0.60 -3.67
CA ALA A 21 -5.93 -1.62 -4.61
C ALA A 21 -5.35 -2.83 -3.87
N LEU A 22 -4.34 -2.59 -3.05
CA LEU A 22 -3.70 -3.65 -2.28
C LEU A 22 -4.75 -4.50 -1.55
N GLN A 23 -5.86 -3.87 -1.20
CA GLN A 23 -6.93 -4.57 -0.50
C GLN A 23 -7.53 -5.68 -1.36
N GLU A 24 -7.56 -5.43 -2.68
CA GLU A 24 -8.10 -6.41 -3.62
C GLU A 24 -7.11 -7.54 -3.86
N LEU A 25 -5.84 -7.18 -3.98
CA LEU A 25 -4.78 -8.17 -4.22
C LEU A 25 -4.64 -9.11 -3.03
N VAL A 26 -4.31 -8.55 -1.87
CA VAL A 26 -4.15 -9.33 -0.66
C VAL A 26 -5.18 -10.46 -0.59
N VAL A 27 -6.46 -10.10 -0.73
CA VAL A 27 -7.53 -11.07 -0.68
C VAL A 27 -7.31 -12.19 -1.70
N GLN A 28 -6.92 -11.81 -2.91
CA GLN A 28 -6.67 -12.77 -3.98
C GLN A 28 -5.49 -13.68 -3.62
N LYS A 29 -4.51 -13.12 -2.93
CA LYS A 29 -3.32 -13.88 -2.53
C LYS A 29 -3.59 -14.66 -1.24
N GLY A 30 -4.70 -14.34 -0.58
CA GLY A 30 -5.05 -15.02 0.65
C GLY A 30 -4.36 -14.42 1.86
N TRP A 31 -4.22 -13.09 1.87
CA TRP A 31 -3.57 -12.39 2.97
C TRP A 31 -4.55 -11.47 3.68
N ARG A 32 -4.10 -10.88 4.78
CA ARG A 32 -4.95 -9.97 5.54
C ARG A 32 -4.52 -8.52 5.33
N LEU A 33 -5.39 -7.58 5.71
CA LEU A 33 -5.10 -6.16 5.56
C LEU A 33 -3.66 -5.85 5.95
N PRO A 34 -3.03 -4.92 5.22
CA PRO A 34 -1.65 -4.52 5.47
C PRO A 34 -1.50 -3.72 6.76
N GLU A 35 -0.40 -3.92 7.45
CA GLU A 35 -0.14 -3.22 8.71
C GLU A 35 0.65 -1.95 8.46
N TYR A 36 0.16 -0.83 8.99
CA TYR A 36 0.83 0.45 8.83
C TYR A 36 1.24 1.03 10.18
N THR A 37 2.54 1.17 10.38
CA THR A 37 3.08 1.71 11.63
C THR A 37 4.23 2.67 11.37
N VAL A 38 4.14 3.86 11.95
CA VAL A 38 5.18 4.87 11.78
C VAL A 38 6.50 4.41 12.39
N THR A 39 7.51 4.24 11.54
CA THR A 39 8.82 3.79 11.99
C THR A 39 9.70 4.98 12.38
N GLN A 40 9.93 5.87 11.41
CA GLN A 40 10.75 7.04 11.65
C GLN A 40 9.94 8.33 11.46
N GLU A 41 10.36 9.39 12.13
CA GLU A 41 9.68 10.67 12.04
C GLU A 41 10.67 11.83 12.10
N SER A 42 10.77 12.58 11.01
CA SER A 42 11.68 13.71 10.94
C SER A 42 11.01 14.92 10.29
N GLY A 43 11.69 16.06 10.31
CA GLY A 43 11.14 17.26 9.72
C GLY A 43 10.62 18.23 10.77
N PRO A 44 10.79 19.54 10.50
CA PRO A 44 10.33 20.59 11.41
C PRO A 44 8.81 20.69 11.49
N ALA A 45 8.33 21.70 12.20
CA ALA A 45 6.90 21.90 12.35
C ALA A 45 6.26 22.35 11.04
N HIS A 46 6.94 23.27 10.34
CA HIS A 46 6.45 23.77 9.07
C HIS A 46 6.45 22.68 8.00
N ARG A 47 7.47 21.84 8.03
CA ARG A 47 7.59 20.74 7.07
C ARG A 47 7.71 19.40 7.79
N LYS A 48 6.57 18.85 8.19
CA LYS A 48 6.54 17.57 8.88
C LYS A 48 6.58 16.42 7.89
N GLU A 49 7.43 15.44 8.16
CA GLU A 49 7.56 14.27 7.28
C GLU A 49 7.63 12.98 8.09
N PHE A 50 6.61 12.14 7.94
CA PHE A 50 6.55 10.87 8.67
C PHE A 50 6.87 9.71 7.74
N THR A 51 7.62 8.73 8.26
CA THR A 51 7.99 7.56 7.48
C THR A 51 7.37 6.30 8.05
N MET A 52 6.26 5.87 7.44
CA MET A 52 5.56 4.67 7.89
C MET A 52 5.89 3.48 7.00
N THR A 53 6.06 2.32 7.61
CA THR A 53 6.37 1.10 6.87
C THR A 53 5.20 0.13 6.86
N CYS A 54 4.90 -0.41 5.69
CA CYS A 54 3.80 -1.35 5.54
C CYS A 54 4.28 -2.79 5.73
N ARG A 55 3.81 -3.43 6.78
CA ARG A 55 4.19 -4.82 7.07
C ARG A 55 3.16 -5.79 6.53
N VAL A 56 3.54 -6.53 5.48
CA VAL A 56 2.63 -7.50 4.87
C VAL A 56 2.99 -8.92 5.30
N GLU A 57 2.02 -9.82 5.22
CA GLU A 57 2.23 -11.21 5.60
C GLU A 57 3.65 -11.65 5.27
N ARG A 58 3.97 -11.72 3.99
CA ARG A 58 5.29 -12.12 3.55
C ARG A 58 5.94 -11.05 2.68
N PHE A 59 5.60 -9.79 2.96
CA PHE A 59 6.15 -8.67 2.21
C PHE A 59 6.31 -7.44 3.11
N ILE A 60 7.21 -6.55 2.71
CA ILE A 60 7.45 -5.33 3.48
C ILE A 60 7.90 -4.19 2.57
N GLU A 61 7.39 -2.99 2.84
CA GLU A 61 7.73 -1.82 2.05
C GLU A 61 7.67 -0.55 2.90
N ILE A 62 8.69 0.29 2.78
CA ILE A 62 8.75 1.54 3.53
C ILE A 62 8.12 2.68 2.74
N GLY A 63 7.32 3.50 3.44
CA GLY A 63 6.67 4.62 2.79
C GLY A 63 6.94 5.94 3.49
N SER A 64 6.83 7.03 2.76
CA SER A 64 7.08 8.37 3.32
C SER A 64 6.04 9.36 2.83
N GLY A 65 5.67 10.30 3.69
CA GLY A 65 4.69 11.30 3.33
C GLY A 65 4.66 12.47 4.30
N THR A 66 4.11 13.59 3.85
CA THR A 66 4.03 14.78 4.68
C THR A 66 3.10 14.57 5.86
N SER A 67 2.33 13.48 5.81
CA SER A 67 1.39 13.16 6.88
C SER A 67 1.19 11.65 6.98
N LYS A 68 0.80 11.19 8.17
CA LYS A 68 0.57 9.78 8.41
C LYS A 68 -0.34 9.18 7.32
N LYS A 69 -1.53 9.74 7.19
CA LYS A 69 -2.48 9.28 6.19
C LYS A 69 -1.79 9.00 4.86
N LEU A 70 -0.92 9.91 4.45
CA LEU A 70 -0.19 9.77 3.19
C LEU A 70 0.81 8.62 3.27
N ALA A 71 1.80 8.75 4.14
CA ALA A 71 2.81 7.72 4.31
C ALA A 71 2.20 6.32 4.17
N LYS A 72 0.93 6.20 4.56
CA LYS A 72 0.24 4.92 4.47
C LYS A 72 0.02 4.51 3.03
N ARG A 73 -0.55 5.41 2.23
CA ARG A 73 -0.81 5.13 0.83
C ARG A 73 0.50 4.97 0.06
N ASN A 74 1.48 5.79 0.40
CA ASN A 74 2.78 5.72 -0.26
C ASN A 74 3.41 4.34 -0.13
N ALA A 75 3.43 3.83 1.10
CA ALA A 75 4.00 2.51 1.36
C ALA A 75 3.21 1.43 0.64
N ALA A 76 1.88 1.46 0.80
CA ALA A 76 1.01 0.48 0.17
C ALA A 76 1.23 0.45 -1.34
N ALA A 77 1.19 1.62 -1.97
CA ALA A 77 1.38 1.72 -3.42
C ALA A 77 2.58 0.89 -3.86
N LYS A 78 3.76 1.25 -3.36
CA LYS A 78 4.98 0.53 -3.72
C LYS A 78 4.82 -0.97 -3.50
N MET A 79 4.15 -1.34 -2.41
CA MET A 79 3.93 -2.74 -2.08
C MET A 79 3.25 -3.46 -3.25
N LEU A 80 2.27 -2.80 -3.86
CA LEU A 80 1.55 -3.38 -4.99
C LEU A 80 2.50 -4.05 -5.97
N LEU A 81 3.40 -3.26 -6.55
CA LEU A 81 4.38 -3.77 -7.50
C LEU A 81 5.25 -4.84 -6.86
N ARG A 82 5.67 -4.59 -5.62
CA ARG A 82 6.53 -5.53 -4.90
C ARG A 82 5.91 -6.92 -4.91
N VAL A 83 4.67 -7.03 -4.42
CA VAL A 83 3.98 -8.30 -4.37
C VAL A 83 3.62 -8.79 -5.77
N SER A 84 3.27 -7.85 -6.65
CA SER A 84 2.89 -8.18 -8.01
C SER A 84 4.05 -8.86 -8.75
N GLY A 85 3.78 -9.36 -9.95
CA GLY A 85 4.81 -10.02 -10.72
C GLY A 85 4.62 -9.82 -12.21
N PRO A 86 3.96 -10.78 -12.87
CA PRO A 86 3.71 -10.73 -14.31
C PRO A 86 2.70 -9.65 -14.69
N SER A 87 1.83 -9.30 -13.75
CA SER A 87 0.81 -8.28 -13.97
C SER A 87 1.45 -7.01 -14.54
N SER A 88 0.81 -6.45 -15.57
CA SER A 88 1.30 -5.24 -16.21
C SER A 88 1.64 -4.18 -15.16
N GLY A 89 2.54 -3.27 -15.54
CA GLY A 89 2.94 -2.22 -14.63
C GLY A 89 4.44 -2.17 -14.41
N GLY A 1 -10.23 -22.70 -28.39
CA GLY A 1 -10.22 -22.38 -29.80
C GLY A 1 -9.71 -20.97 -30.07
N SER A 2 -9.47 -20.65 -31.34
CA SER A 2 -8.99 -19.33 -31.72
C SER A 2 -9.82 -18.23 -31.06
N SER A 3 -9.16 -17.13 -30.71
CA SER A 3 -9.83 -16.01 -30.07
C SER A 3 -10.61 -15.20 -31.08
N GLY A 4 -11.63 -14.49 -30.61
CA GLY A 4 -12.45 -13.67 -31.50
C GLY A 4 -12.00 -12.22 -31.53
N SER A 5 -10.85 -11.97 -32.14
CA SER A 5 -10.31 -10.62 -32.23
C SER A 5 -10.65 -9.82 -30.97
N SER A 6 -10.46 -10.45 -29.81
CA SER A 6 -10.74 -9.80 -28.54
C SER A 6 -9.65 -10.10 -27.52
N GLY A 7 -8.85 -9.09 -27.20
CA GLY A 7 -7.78 -9.27 -26.24
C GLY A 7 -7.83 -8.26 -25.10
N PRO A 8 -7.44 -8.70 -23.90
CA PRO A 8 -7.44 -7.85 -22.71
C PRO A 8 -6.38 -6.74 -22.77
N VAL A 9 -6.83 -5.50 -22.82
CA VAL A 9 -5.92 -4.36 -22.88
C VAL A 9 -5.66 -3.79 -21.50
N SER A 10 -4.39 -3.75 -21.10
CA SER A 10 -4.01 -3.24 -19.80
C SER A 10 -4.16 -1.72 -19.75
N PRO A 11 -4.50 -1.19 -18.57
CA PRO A 11 -4.67 0.25 -18.36
C PRO A 11 -3.36 1.02 -18.44
N GLN A 12 -3.28 1.98 -19.35
CA GLN A 12 -2.09 2.78 -19.53
C GLN A 12 -1.72 3.51 -18.24
N GLN A 13 -2.72 4.07 -17.57
CA GLN A 13 -2.51 4.78 -16.32
C GLN A 13 -3.67 4.58 -15.35
N SER A 14 -3.41 3.85 -14.27
CA SER A 14 -4.44 3.57 -13.27
C SER A 14 -4.49 4.68 -12.22
N GLU A 15 -5.42 5.61 -12.40
CA GLU A 15 -5.58 6.72 -11.46
C GLU A 15 -6.40 6.29 -10.25
N CYS A 16 -6.07 5.14 -9.70
CA CYS A 16 -6.77 4.62 -8.53
C CYS A 16 -5.93 4.80 -7.26
N ASN A 17 -6.53 4.50 -6.12
CA ASN A 17 -5.84 4.63 -4.84
C ASN A 17 -5.17 3.31 -4.45
N PRO A 18 -3.99 3.43 -3.81
CA PRO A 18 -3.22 2.25 -3.37
C PRO A 18 -3.89 1.51 -2.23
N VAL A 19 -4.28 2.24 -1.19
CA VAL A 19 -4.93 1.66 -0.03
C VAL A 19 -6.12 0.79 -0.45
N GLY A 20 -6.90 1.29 -1.41
CA GLY A 20 -8.05 0.56 -1.88
C GLY A 20 -7.67 -0.58 -2.81
N ALA A 21 -6.46 -0.52 -3.36
CA ALA A 21 -5.98 -1.54 -4.27
C ALA A 21 -5.39 -2.72 -3.50
N LEU A 22 -4.43 -2.44 -2.63
CA LEU A 22 -3.78 -3.48 -1.84
C LEU A 22 -4.82 -4.39 -1.18
N GLN A 23 -5.91 -3.79 -0.72
CA GLN A 23 -6.98 -4.55 -0.09
C GLN A 23 -7.52 -5.63 -1.02
N GLU A 24 -7.47 -5.36 -2.32
CA GLU A 24 -7.96 -6.32 -3.31
C GLU A 24 -6.91 -7.39 -3.58
N LEU A 25 -5.67 -6.97 -3.78
CA LEU A 25 -4.57 -7.89 -4.05
C LEU A 25 -4.44 -8.92 -2.92
N VAL A 26 -4.45 -8.43 -1.68
CA VAL A 26 -4.34 -9.30 -0.52
C VAL A 26 -5.42 -10.38 -0.53
N VAL A 27 -6.67 -9.95 -0.66
CA VAL A 27 -7.80 -10.88 -0.69
C VAL A 27 -7.60 -11.96 -1.76
N GLN A 28 -7.46 -11.51 -3.01
CA GLN A 28 -7.26 -12.43 -4.12
C GLN A 28 -6.08 -13.37 -3.86
N LYS A 29 -4.98 -12.80 -3.38
CA LYS A 29 -3.78 -13.58 -3.08
C LYS A 29 -4.01 -14.49 -1.88
N GLY A 30 -4.93 -14.08 -1.01
CA GLY A 30 -5.23 -14.88 0.17
C GLY A 30 -4.38 -14.47 1.37
N TRP A 31 -4.34 -13.17 1.64
CA TRP A 31 -3.57 -12.65 2.76
C TRP A 31 -4.46 -11.84 3.71
N ARG A 32 -3.87 -11.35 4.79
CA ARG A 32 -4.61 -10.57 5.77
C ARG A 32 -4.37 -9.08 5.57
N LEU A 33 -5.30 -8.26 6.05
CA LEU A 33 -5.19 -6.82 5.93
C LEU A 33 -3.75 -6.35 6.14
N PRO A 34 -3.34 -5.32 5.39
CA PRO A 34 -1.99 -4.77 5.48
C PRO A 34 -1.76 -4.02 6.79
N GLU A 35 -0.53 -4.08 7.28
CA GLU A 35 -0.17 -3.41 8.54
C GLU A 35 0.47 -2.06 8.27
N TYR A 36 0.13 -1.07 9.09
CA TYR A 36 0.66 0.27 8.94
C TYR A 36 1.14 0.82 10.29
N THR A 37 2.43 1.12 10.37
CA THR A 37 3.02 1.64 11.60
C THR A 37 4.16 2.60 11.30
N VAL A 38 4.19 3.74 11.98
CA VAL A 38 5.23 4.73 11.78
C VAL A 38 6.54 4.30 12.44
N THR A 39 7.57 4.12 11.63
CA THR A 39 8.88 3.70 12.13
C THR A 39 9.72 4.90 12.54
N GLN A 40 9.72 5.93 11.70
CA GLN A 40 10.48 7.14 11.97
C GLN A 40 9.65 8.39 11.69
N GLU A 41 10.08 9.51 12.25
CA GLU A 41 9.37 10.78 12.06
C GLU A 41 10.33 11.96 12.16
N SER A 42 10.52 12.66 11.05
CA SER A 42 11.42 13.81 11.01
C SER A 42 10.77 14.98 10.28
N GLY A 43 11.42 16.14 10.33
CA GLY A 43 10.90 17.32 9.67
C GLY A 43 10.38 18.35 10.65
N PRO A 44 10.54 19.64 10.30
CA PRO A 44 10.09 20.74 11.15
C PRO A 44 8.57 20.85 11.21
N ALA A 45 8.09 21.92 11.83
CA ALA A 45 6.65 22.14 11.96
C ALA A 45 6.04 22.54 10.62
N HIS A 46 6.82 23.22 9.79
CA HIS A 46 6.35 23.66 8.48
C HIS A 46 6.41 22.52 7.48
N ARG A 47 7.38 21.63 7.64
CA ARG A 47 7.54 20.49 6.75
C ARG A 47 7.58 19.18 7.53
N LYS A 48 6.41 18.65 7.85
CA LYS A 48 6.31 17.40 8.60
C LYS A 48 6.44 16.20 7.66
N GLU A 49 7.22 15.22 8.09
CA GLU A 49 7.43 14.01 7.29
C GLU A 49 7.47 12.77 8.17
N PHE A 50 6.53 11.86 7.94
CA PHE A 50 6.46 10.62 8.71
C PHE A 50 6.86 9.42 7.86
N THR A 51 7.68 8.55 8.43
CA THR A 51 8.15 7.36 7.74
C THR A 51 7.34 6.13 8.16
N MET A 52 6.33 5.79 7.36
CA MET A 52 5.48 4.64 7.65
C MET A 52 5.90 3.43 6.81
N THR A 53 6.00 2.27 7.44
CA THR A 53 6.39 1.05 6.75
C THR A 53 5.22 0.07 6.67
N CYS A 54 5.06 -0.55 5.51
CA CYS A 54 3.98 -1.51 5.29
C CYS A 54 4.46 -2.93 5.59
N ARG A 55 3.84 -3.58 6.56
CA ARG A 55 4.20 -4.94 6.94
C ARG A 55 3.19 -5.94 6.39
N VAL A 56 3.54 -6.59 5.28
CA VAL A 56 2.67 -7.57 4.65
C VAL A 56 3.04 -8.99 5.06
N GLU A 57 2.10 -9.91 4.91
CA GLU A 57 2.35 -11.30 5.26
C GLU A 57 3.79 -11.69 5.00
N ARG A 58 4.12 -11.88 3.72
CA ARG A 58 5.47 -12.26 3.33
C ARG A 58 6.14 -11.13 2.54
N PHE A 59 5.82 -9.90 2.89
CA PHE A 59 6.38 -8.73 2.23
C PHE A 59 6.53 -7.55 3.20
N ILE A 60 7.56 -6.75 2.99
CA ILE A 60 7.81 -5.60 3.85
C ILE A 60 8.51 -4.48 3.08
N GLU A 61 8.03 -3.25 3.28
CA GLU A 61 8.60 -2.10 2.60
C GLU A 61 8.38 -0.82 3.42
N ILE A 62 9.33 0.09 3.34
CA ILE A 62 9.24 1.35 4.07
C ILE A 62 8.81 2.49 3.15
N GLY A 63 7.89 3.32 3.63
CA GLY A 63 7.41 4.44 2.84
C GLY A 63 7.59 5.78 3.54
N SER A 64 7.17 6.85 2.89
CA SER A 64 7.29 8.18 3.46
C SER A 64 6.21 9.11 2.92
N GLY A 65 5.72 10.00 3.78
CA GLY A 65 4.67 10.93 3.38
C GLY A 65 4.59 12.13 4.30
N THR A 66 4.48 13.32 3.71
CA THR A 66 4.39 14.55 4.49
C THR A 66 3.49 14.37 5.71
N SER A 67 2.39 13.64 5.53
CA SER A 67 1.45 13.39 6.61
C SER A 67 1.15 11.89 6.74
N LYS A 68 1.02 11.43 7.98
CA LYS A 68 0.74 10.03 8.25
C LYS A 68 -0.24 9.46 7.22
N LYS A 69 -1.37 10.14 7.05
CA LYS A 69 -2.39 9.71 6.10
C LYS A 69 -1.77 9.41 4.74
N LEU A 70 -0.90 10.31 4.29
CA LEU A 70 -0.22 10.14 3.00
C LEU A 70 0.70 8.94 3.02
N ALA A 71 1.58 8.89 4.02
CA ALA A 71 2.52 7.78 4.16
C ALA A 71 1.86 6.46 3.85
N LYS A 72 0.78 6.15 4.58
CA LYS A 72 0.06 4.90 4.39
C LYS A 72 -0.09 4.58 2.90
N ARG A 73 -0.50 5.58 2.12
CA ARG A 73 -0.68 5.41 0.68
C ARG A 73 0.66 5.18 -0.01
N ASN A 74 1.66 5.96 0.38
CA ASN A 74 2.99 5.85 -0.20
C ASN A 74 3.55 4.43 -0.03
N ALA A 75 3.45 3.91 1.19
CA ALA A 75 3.94 2.56 1.48
C ALA A 75 3.14 1.51 0.72
N ALA A 76 1.81 1.60 0.82
CA ALA A 76 0.93 0.65 0.15
C ALA A 76 1.20 0.64 -1.35
N ALA A 77 1.11 1.80 -1.98
CA ALA A 77 1.34 1.92 -3.41
C ALA A 77 2.57 1.12 -3.84
N LYS A 78 3.70 1.42 -3.23
CA LYS A 78 4.95 0.73 -3.54
C LYS A 78 4.78 -0.78 -3.39
N MET A 79 4.12 -1.18 -2.31
CA MET A 79 3.89 -2.60 -2.05
C MET A 79 3.24 -3.28 -3.26
N LEU A 80 2.29 -2.60 -3.88
CA LEU A 80 1.60 -3.14 -5.04
C LEU A 80 2.59 -3.70 -6.05
N LEU A 81 3.62 -2.92 -6.36
CA LEU A 81 4.64 -3.34 -7.31
C LEU A 81 5.47 -4.49 -6.75
N ARG A 82 5.84 -4.38 -5.48
CA ARG A 82 6.64 -5.41 -4.83
C ARG A 82 5.94 -6.76 -4.90
N VAL A 83 4.73 -6.82 -4.35
CA VAL A 83 3.95 -8.05 -4.36
C VAL A 83 3.62 -8.50 -5.78
N SER A 84 3.51 -7.54 -6.68
CA SER A 84 3.20 -7.82 -8.08
C SER A 84 3.68 -6.70 -8.99
N GLY A 85 4.59 -7.02 -9.89
CA GLY A 85 5.12 -6.02 -10.80
C GLY A 85 6.30 -6.53 -11.60
N PRO A 86 7.52 -6.28 -11.11
CA PRO A 86 8.75 -6.71 -11.77
C PRO A 86 8.94 -8.23 -11.72
N SER A 87 8.43 -8.91 -12.74
CA SER A 87 8.53 -10.37 -12.81
C SER A 87 9.42 -10.79 -13.97
N SER A 88 9.00 -10.43 -15.18
CA SER A 88 9.76 -10.77 -16.38
C SER A 88 9.96 -9.55 -17.27
N GLY A 89 11.11 -8.91 -17.14
CA GLY A 89 11.41 -7.73 -17.94
C GLY A 89 10.38 -6.63 -17.75
N GLY A 1 -7.53 -31.69 -6.10
CA GLY A 1 -8.74 -32.13 -6.77
C GLY A 1 -9.62 -30.97 -7.19
N SER A 2 -10.46 -30.51 -6.28
CA SER A 2 -11.37 -29.40 -6.57
C SER A 2 -10.59 -28.18 -7.08
N SER A 3 -11.26 -27.37 -7.90
CA SER A 3 -10.63 -26.18 -8.47
C SER A 3 -11.55 -24.98 -8.33
N GLY A 4 -12.76 -25.11 -8.86
CA GLY A 4 -13.71 -24.01 -8.79
C GLY A 4 -13.94 -23.36 -10.14
N SER A 5 -14.52 -22.15 -10.12
CA SER A 5 -14.80 -21.42 -11.35
C SER A 5 -15.03 -19.94 -11.07
N SER A 6 -14.48 -19.09 -11.92
CA SER A 6 -14.62 -17.65 -11.76
C SER A 6 -14.53 -16.93 -13.11
N GLY A 7 -15.08 -15.73 -13.16
CA GLY A 7 -15.05 -14.97 -14.40
C GLY A 7 -13.75 -14.21 -14.59
N PRO A 8 -13.30 -14.08 -15.84
CA PRO A 8 -12.06 -13.39 -16.18
C PRO A 8 -12.15 -11.88 -15.96
N VAL A 9 -11.54 -11.40 -14.89
CA VAL A 9 -11.56 -9.97 -14.57
C VAL A 9 -10.37 -9.26 -15.20
N SER A 10 -10.66 -8.25 -16.01
CA SER A 10 -9.63 -7.48 -16.69
C SER A 10 -8.88 -6.60 -15.68
N PRO A 11 -7.57 -6.44 -15.90
CA PRO A 11 -6.71 -5.62 -15.03
C PRO A 11 -7.01 -4.13 -15.16
N GLN A 12 -7.96 -3.79 -16.03
CA GLN A 12 -8.34 -2.40 -16.25
C GLN A 12 -8.26 -1.61 -14.95
N GLN A 13 -7.28 -0.73 -14.86
CA GLN A 13 -7.09 0.10 -13.66
C GLN A 13 -6.13 1.24 -13.94
N SER A 14 -6.43 2.41 -13.38
CA SER A 14 -5.60 3.59 -13.56
C SER A 14 -6.05 4.73 -12.66
N GLU A 15 -5.09 5.55 -12.24
CA GLU A 15 -5.39 6.68 -11.35
C GLU A 15 -6.22 6.22 -10.15
N CYS A 16 -5.99 5.00 -9.71
CA CYS A 16 -6.71 4.44 -8.57
C CYS A 16 -5.85 4.49 -7.31
N ASN A 17 -6.50 4.66 -6.16
CA ASN A 17 -5.81 4.71 -4.89
C ASN A 17 -5.21 3.37 -4.52
N PRO A 18 -3.98 3.39 -3.97
CA PRO A 18 -3.28 2.18 -3.57
C PRO A 18 -3.93 1.50 -2.36
N VAL A 19 -4.19 2.27 -1.32
CA VAL A 19 -4.81 1.74 -0.11
C VAL A 19 -6.01 0.85 -0.44
N GLY A 20 -6.69 1.18 -1.53
CA GLY A 20 -7.84 0.40 -1.95
C GLY A 20 -7.49 -0.68 -2.95
N ALA A 21 -6.30 -0.55 -3.55
CA ALA A 21 -5.84 -1.52 -4.54
C ALA A 21 -5.25 -2.75 -3.86
N LEU A 22 -4.39 -2.52 -2.86
CA LEU A 22 -3.75 -3.61 -2.13
C LEU A 22 -4.78 -4.55 -1.54
N GLN A 23 -5.87 -3.98 -1.02
CA GLN A 23 -6.95 -4.77 -0.42
C GLN A 23 -7.50 -5.78 -1.42
N GLU A 24 -7.35 -5.47 -2.71
CA GLU A 24 -7.84 -6.35 -3.77
C GLU A 24 -6.88 -7.53 -3.99
N LEU A 25 -5.59 -7.23 -3.97
CA LEU A 25 -4.58 -8.25 -4.18
C LEU A 25 -4.53 -9.22 -2.99
N VAL A 26 -4.31 -8.68 -1.81
CA VAL A 26 -4.25 -9.49 -0.60
C VAL A 26 -5.32 -10.60 -0.62
N VAL A 27 -6.54 -10.23 -1.00
CA VAL A 27 -7.64 -11.18 -1.07
C VAL A 27 -7.31 -12.34 -2.01
N GLN A 28 -6.67 -12.01 -3.13
CA GLN A 28 -6.30 -13.03 -4.11
C GLN A 28 -5.07 -13.81 -3.64
N LYS A 29 -4.15 -13.12 -2.99
CA LYS A 29 -2.92 -13.74 -2.48
C LYS A 29 -3.22 -14.57 -1.23
N GLY A 30 -4.30 -14.23 -0.54
CA GLY A 30 -4.66 -14.96 0.65
C GLY A 30 -4.08 -14.34 1.91
N TRP A 31 -4.05 -13.02 1.96
CA TRP A 31 -3.50 -12.31 3.11
C TRP A 31 -4.56 -11.40 3.75
N ARG A 32 -4.26 -10.89 4.94
CA ARG A 32 -5.18 -10.00 5.65
C ARG A 32 -4.79 -8.55 5.45
N LEU A 33 -5.66 -7.64 5.88
CA LEU A 33 -5.42 -6.21 5.75
C LEU A 33 -3.96 -5.88 6.06
N PRO A 34 -3.40 -4.93 5.31
CA PRO A 34 -2.01 -4.49 5.50
C PRO A 34 -1.81 -3.72 6.79
N GLU A 35 -0.62 -3.84 7.38
CA GLU A 35 -0.31 -3.15 8.62
C GLU A 35 0.53 -1.91 8.36
N TYR A 36 0.13 -0.78 8.95
CA TYR A 36 0.84 0.47 8.78
C TYR A 36 1.27 1.05 10.12
N THR A 37 2.58 1.23 10.31
CA THR A 37 3.11 1.77 11.55
C THR A 37 4.25 2.73 11.28
N VAL A 38 4.18 3.92 11.88
CA VAL A 38 5.22 4.92 11.70
C VAL A 38 6.54 4.46 12.30
N THR A 39 7.53 4.24 11.44
CA THR A 39 8.84 3.79 11.87
C THR A 39 9.69 4.96 12.35
N GLN A 40 9.79 5.99 11.53
CA GLN A 40 10.58 7.17 11.86
C GLN A 40 9.82 8.45 11.49
N GLU A 41 10.20 9.56 12.12
CA GLU A 41 9.56 10.84 11.86
C GLU A 41 10.59 11.96 11.77
N SER A 42 10.79 12.48 10.56
CA SER A 42 11.76 13.55 10.34
C SER A 42 11.07 14.79 9.80
N GLY A 43 11.82 15.89 9.75
CA GLY A 43 11.26 17.15 9.25
C GLY A 43 10.87 18.09 10.38
N PRO A 44 11.07 19.39 10.15
CA PRO A 44 10.74 20.42 11.14
C PRO A 44 9.23 20.58 11.33
N ALA A 45 8.84 21.65 12.02
CA ALA A 45 7.43 21.92 12.27
C ALA A 45 6.71 22.33 10.99
N HIS A 46 7.30 23.30 10.28
CA HIS A 46 6.72 23.79 9.03
C HIS A 46 6.56 22.65 8.02
N ARG A 47 7.57 21.79 7.95
CA ARG A 47 7.55 20.67 7.02
C ARG A 47 7.67 19.35 7.77
N LYS A 48 6.53 18.76 8.12
CA LYS A 48 6.51 17.50 8.84
C LYS A 48 6.55 16.31 7.87
N GLU A 49 7.34 15.30 8.21
CA GLU A 49 7.47 14.13 7.37
C GLU A 49 7.49 12.85 8.22
N PHE A 50 6.51 11.97 7.99
CA PHE A 50 6.42 10.73 8.73
C PHE A 50 6.73 9.54 7.83
N THR A 51 7.67 8.70 8.26
CA THR A 51 8.07 7.53 7.50
C THR A 51 7.40 6.27 8.04
N MET A 52 6.30 5.88 7.40
CA MET A 52 5.57 4.69 7.83
C MET A 52 5.88 3.51 6.92
N THR A 53 6.03 2.32 7.51
CA THR A 53 6.33 1.12 6.74
C THR A 53 5.17 0.15 6.77
N CYS A 54 4.88 -0.45 5.62
CA CYS A 54 3.78 -1.41 5.51
C CYS A 54 4.26 -2.83 5.77
N ARG A 55 3.72 -3.45 6.81
CA ARG A 55 4.10 -4.81 7.17
C ARG A 55 3.06 -5.82 6.67
N VAL A 56 3.39 -6.49 5.56
CA VAL A 56 2.48 -7.48 4.99
C VAL A 56 2.89 -8.89 5.39
N GLU A 57 1.93 -9.81 5.33
CA GLU A 57 2.18 -11.20 5.70
C GLU A 57 3.60 -11.61 5.32
N ARG A 58 3.83 -11.78 4.02
CA ARG A 58 5.14 -12.18 3.53
C ARG A 58 5.75 -11.07 2.68
N PHE A 59 5.43 -9.83 3.00
CA PHE A 59 5.95 -8.68 2.27
C PHE A 59 6.16 -7.48 3.19
N ILE A 60 7.13 -6.64 2.86
CA ILE A 60 7.43 -5.46 3.66
C ILE A 60 7.98 -4.33 2.79
N GLU A 61 7.52 -3.11 3.06
CA GLU A 61 7.98 -1.95 2.31
C GLU A 61 7.87 -0.68 3.15
N ILE A 62 8.80 0.24 2.93
CA ILE A 62 8.82 1.49 3.67
C ILE A 62 8.26 2.64 2.83
N GLY A 63 7.42 3.47 3.44
CA GLY A 63 6.83 4.59 2.73
C GLY A 63 7.07 5.91 3.43
N SER A 64 6.72 7.00 2.77
CA SER A 64 6.91 8.34 3.34
C SER A 64 5.77 9.26 2.92
N GLY A 65 5.36 10.12 3.85
CA GLY A 65 4.28 11.06 3.57
C GLY A 65 4.20 12.17 4.59
N THR A 66 4.04 13.40 4.11
CA THR A 66 3.94 14.56 4.99
C THR A 66 3.09 14.25 6.22
N SER A 67 2.06 13.42 6.02
CA SER A 67 1.17 13.05 7.11
C SER A 67 0.91 11.54 7.11
N LYS A 68 0.67 10.99 8.29
CA LYS A 68 0.40 9.56 8.43
C LYS A 68 -0.54 9.08 7.33
N LYS A 69 -1.70 9.71 7.23
CA LYS A 69 -2.68 9.35 6.21
C LYS A 69 -2.01 9.12 4.86
N LEU A 70 -1.00 9.93 4.57
CA LEU A 70 -0.28 9.82 3.30
C LEU A 70 0.73 8.68 3.35
N ALA A 71 1.71 8.79 4.23
CA ALA A 71 2.73 7.76 4.38
C ALA A 71 2.13 6.37 4.20
N LYS A 72 0.90 6.20 4.63
CA LYS A 72 0.21 4.91 4.51
C LYS A 72 -0.05 4.57 3.05
N ARG A 73 -0.66 5.50 2.32
CA ARG A 73 -0.95 5.31 0.91
C ARG A 73 0.33 5.12 0.10
N ASN A 74 1.39 5.81 0.51
CA ASN A 74 2.67 5.73 -0.18
C ASN A 74 3.25 4.32 -0.06
N ALA A 75 3.31 3.81 1.17
CA ALA A 75 3.85 2.47 1.40
C ALA A 75 3.06 1.42 0.64
N ALA A 76 1.74 1.57 0.61
CA ALA A 76 0.88 0.63 -0.09
C ALA A 76 1.16 0.64 -1.60
N ALA A 77 1.18 1.84 -2.18
CA ALA A 77 1.43 1.99 -3.61
C ALA A 77 2.66 1.19 -4.03
N LYS A 78 3.79 1.45 -3.38
CA LYS A 78 5.03 0.75 -3.70
C LYS A 78 4.85 -0.75 -3.56
N MET A 79 4.24 -1.18 -2.47
CA MET A 79 4.00 -2.60 -2.22
C MET A 79 3.34 -3.26 -3.42
N LEU A 80 2.38 -2.56 -4.02
CA LEU A 80 1.67 -3.08 -5.18
C LEU A 80 2.63 -3.76 -6.15
N LEU A 81 3.68 -3.03 -6.54
CA LEU A 81 4.67 -3.56 -7.47
C LEU A 81 5.52 -4.63 -6.79
N ARG A 82 5.83 -4.42 -5.51
CA ARG A 82 6.63 -5.37 -4.76
C ARG A 82 6.02 -6.78 -4.82
N VAL A 83 4.72 -6.85 -4.63
CA VAL A 83 4.01 -8.13 -4.67
C VAL A 83 3.75 -8.57 -6.10
N SER A 84 3.49 -7.60 -6.98
CA SER A 84 3.21 -7.89 -8.37
C SER A 84 4.50 -7.91 -9.19
N GLY A 85 5.22 -9.04 -9.12
CA GLY A 85 6.46 -9.17 -9.86
C GLY A 85 7.61 -8.43 -9.20
N PRO A 86 8.84 -8.76 -9.61
CA PRO A 86 10.05 -8.13 -9.07
C PRO A 86 10.18 -6.67 -9.49
N SER A 87 10.91 -5.90 -8.70
CA SER A 87 11.11 -4.49 -8.99
C SER A 87 11.40 -4.27 -10.47
N SER A 88 12.34 -5.04 -11.00
CA SER A 88 12.72 -4.94 -12.41
C SER A 88 11.93 -5.94 -13.26
N GLY A 89 11.40 -5.45 -14.38
CA GLY A 89 10.62 -6.31 -15.25
C GLY A 89 9.17 -5.90 -15.35
N GLY A 1 -21.37 6.25 4.33
CA GLY A 1 -21.28 4.83 4.09
C GLY A 1 -20.71 4.50 2.72
N SER A 2 -21.28 3.49 2.07
CA SER A 2 -20.81 3.08 0.76
C SER A 2 -19.35 2.62 0.80
N SER A 3 -19.03 1.83 1.81
CA SER A 3 -17.67 1.33 1.98
C SER A 3 -17.41 0.14 1.05
N GLY A 4 -18.37 -0.77 1.00
CA GLY A 4 -18.24 -1.94 0.14
C GLY A 4 -19.49 -2.23 -0.66
N SER A 5 -19.62 -1.60 -1.82
CA SER A 5 -20.78 -1.80 -2.68
C SER A 5 -20.56 -2.97 -3.62
N SER A 6 -19.48 -2.91 -4.40
CA SER A 6 -19.16 -3.96 -5.36
C SER A 6 -20.35 -4.20 -6.31
N GLY A 7 -21.17 -3.19 -6.48
CA GLY A 7 -22.32 -3.31 -7.36
C GLY A 7 -22.29 -2.30 -8.49
N PRO A 8 -22.70 -1.06 -8.20
CA PRO A 8 -22.72 0.03 -9.20
C PRO A 8 -21.33 0.46 -9.61
N VAL A 9 -21.07 0.46 -10.91
CA VAL A 9 -19.78 0.87 -11.44
C VAL A 9 -19.91 2.08 -12.34
N SER A 10 -18.97 3.01 -12.21
CA SER A 10 -18.98 4.23 -13.02
C SER A 10 -17.59 4.56 -13.53
N PRO A 11 -17.51 5.10 -14.76
CA PRO A 11 -16.24 5.46 -15.39
C PRO A 11 -15.59 6.68 -14.73
N GLN A 12 -14.30 6.56 -14.46
CA GLN A 12 -13.56 7.66 -13.82
C GLN A 12 -12.30 8.01 -14.62
N GLN A 13 -11.72 9.15 -14.30
CA GLN A 13 -10.51 9.60 -15.00
C GLN A 13 -9.34 9.73 -14.02
N SER A 14 -9.66 9.80 -12.73
CA SER A 14 -8.63 9.92 -11.70
C SER A 14 -7.98 8.58 -11.42
N GLU A 15 -6.72 8.62 -10.97
CA GLU A 15 -5.97 7.41 -10.66
C GLU A 15 -6.62 6.65 -9.50
N CYS A 16 -6.35 5.35 -9.43
CA CYS A 16 -6.91 4.51 -8.37
C CYS A 16 -6.03 4.54 -7.14
N ASN A 17 -6.64 4.73 -5.97
CA ASN A 17 -5.90 4.78 -4.71
C ASN A 17 -5.28 3.43 -4.40
N PRO A 18 -4.04 3.45 -3.87
CA PRO A 18 -3.31 2.24 -3.51
C PRO A 18 -3.92 1.52 -2.31
N VAL A 19 -4.14 2.28 -1.23
CA VAL A 19 -4.72 1.73 -0.02
C VAL A 19 -5.92 0.83 -0.34
N GLY A 20 -6.77 1.29 -1.25
CA GLY A 20 -7.94 0.52 -1.63
C GLY A 20 -7.62 -0.56 -2.63
N ALA A 21 -6.47 -0.44 -3.28
CA ALA A 21 -6.04 -1.43 -4.27
C ALA A 21 -5.40 -2.64 -3.60
N LEU A 22 -4.42 -2.39 -2.75
CA LEU A 22 -3.73 -3.47 -2.04
C LEU A 22 -4.72 -4.48 -1.49
N GLN A 23 -5.81 -3.99 -0.90
CA GLN A 23 -6.83 -4.85 -0.34
C GLN A 23 -7.27 -5.91 -1.33
N GLU A 24 -7.33 -5.53 -2.61
CA GLU A 24 -7.74 -6.45 -3.67
C GLU A 24 -6.69 -7.55 -3.86
N LEU A 25 -5.42 -7.15 -3.88
CA LEU A 25 -4.33 -8.10 -4.06
C LEU A 25 -4.32 -9.13 -2.95
N VAL A 26 -4.16 -8.67 -1.71
CA VAL A 26 -4.14 -9.55 -0.56
C VAL A 26 -5.23 -10.61 -0.65
N VAL A 27 -6.40 -10.20 -1.13
CA VAL A 27 -7.54 -11.11 -1.27
C VAL A 27 -7.19 -12.28 -2.19
N GLN A 28 -6.43 -11.99 -3.25
CA GLN A 28 -6.03 -13.01 -4.20
C GLN A 28 -4.88 -13.85 -3.65
N LYS A 29 -3.95 -13.19 -2.97
CA LYS A 29 -2.80 -13.87 -2.39
C LYS A 29 -3.21 -14.70 -1.18
N GLY A 30 -4.30 -14.30 -0.54
CA GLY A 30 -4.78 -15.01 0.63
C GLY A 30 -4.17 -14.50 1.92
N TRP A 31 -4.09 -13.18 2.05
CA TRP A 31 -3.53 -12.56 3.24
C TRP A 31 -4.54 -11.65 3.92
N ARG A 32 -4.16 -11.10 5.07
CA ARG A 32 -5.03 -10.20 5.82
C ARG A 32 -4.62 -8.75 5.62
N LEU A 33 -5.52 -7.84 5.97
CA LEU A 33 -5.24 -6.41 5.83
C LEU A 33 -3.79 -6.09 6.17
N PRO A 34 -3.20 -5.14 5.44
CA PRO A 34 -1.81 -4.72 5.65
C PRO A 34 -1.64 -3.96 6.96
N GLU A 35 -0.43 -4.04 7.53
CA GLU A 35 -0.13 -3.36 8.77
C GLU A 35 0.46 -1.99 8.51
N TYR A 36 -0.21 -0.96 9.01
CA TYR A 36 0.23 0.42 8.83
C TYR A 36 0.68 1.02 10.16
N THR A 37 1.98 1.30 10.28
CA THR A 37 2.53 1.89 11.50
C THR A 37 3.73 2.76 11.18
N VAL A 38 3.90 3.83 11.96
CA VAL A 38 5.02 4.74 11.78
C VAL A 38 6.28 4.21 12.43
N THR A 39 7.39 4.25 11.70
CA THR A 39 8.67 3.77 12.21
C THR A 39 9.63 4.92 12.45
N GLN A 40 9.62 5.89 11.54
CA GLN A 40 10.50 7.05 11.65
C GLN A 40 9.72 8.34 11.42
N GLU A 41 10.18 9.42 12.06
CA GLU A 41 9.52 10.71 11.94
C GLU A 41 10.55 11.84 11.94
N SER A 42 10.70 12.50 10.79
CA SER A 42 11.64 13.60 10.65
C SER A 42 10.96 14.84 10.07
N GLY A 43 11.69 15.95 10.05
CA GLY A 43 11.15 17.18 9.52
C GLY A 43 10.74 18.15 10.61
N PRO A 44 10.91 19.45 10.35
CA PRO A 44 10.57 20.50 11.30
C PRO A 44 9.06 20.64 11.50
N ALA A 45 8.65 21.72 12.17
CA ALA A 45 7.24 21.96 12.42
C ALA A 45 6.52 22.41 11.15
N HIS A 46 7.06 23.42 10.50
CA HIS A 46 6.47 23.94 9.26
C HIS A 46 6.35 22.83 8.21
N ARG A 47 7.30 21.90 8.23
CA ARG A 47 7.30 20.80 7.29
C ARG A 47 7.56 19.47 7.99
N LYS A 48 6.47 18.79 8.38
CA LYS A 48 6.58 17.51 9.06
C LYS A 48 6.68 16.37 8.06
N GLU A 49 7.59 15.44 8.32
CA GLU A 49 7.78 14.29 7.45
C GLU A 49 7.67 12.98 8.23
N PHE A 50 6.65 12.19 7.92
CA PHE A 50 6.44 10.92 8.59
C PHE A 50 6.79 9.75 7.67
N THR A 51 7.43 8.73 8.23
CA THR A 51 7.82 7.56 7.46
C THR A 51 7.12 6.30 7.97
N MET A 52 6.10 5.87 7.24
CA MET A 52 5.35 4.68 7.63
C MET A 52 5.75 3.48 6.78
N THR A 53 5.69 2.30 7.37
CA THR A 53 6.05 1.07 6.66
C THR A 53 4.88 0.09 6.63
N CYS A 54 4.77 -0.65 5.53
CA CYS A 54 3.70 -1.64 5.38
C CYS A 54 4.22 -3.04 5.64
N ARG A 55 3.78 -3.64 6.75
CA ARG A 55 4.20 -4.98 7.11
C ARG A 55 3.16 -6.01 6.67
N VAL A 56 3.43 -6.66 5.54
CA VAL A 56 2.51 -7.67 5.02
C VAL A 56 2.94 -9.07 5.45
N GLU A 57 1.99 -10.01 5.41
CA GLU A 57 2.27 -11.39 5.79
C GLU A 57 3.70 -11.79 5.43
N ARG A 58 3.99 -11.85 4.14
CA ARG A 58 5.32 -12.21 3.67
C ARG A 58 5.89 -11.12 2.76
N PHE A 59 5.55 -9.87 3.05
CA PHE A 59 6.02 -8.74 2.26
C PHE A 59 6.19 -7.50 3.12
N ILE A 60 7.08 -6.60 2.70
CA ILE A 60 7.33 -5.38 3.45
C ILE A 60 7.76 -4.25 2.51
N GLU A 61 7.25 -3.05 2.78
CA GLU A 61 7.58 -1.88 1.96
C GLU A 61 7.53 -0.60 2.79
N ILE A 62 8.64 0.13 2.78
CA ILE A 62 8.72 1.38 3.53
C ILE A 62 8.28 2.57 2.68
N GLY A 63 7.50 3.46 3.28
CA GLY A 63 7.02 4.63 2.56
C GLY A 63 7.31 5.92 3.30
N SER A 64 7.00 7.05 2.67
CA SER A 64 7.23 8.35 3.28
C SER A 64 6.12 9.34 2.88
N GLY A 65 5.97 10.38 3.68
CA GLY A 65 4.95 11.38 3.39
C GLY A 65 4.91 12.49 4.43
N THR A 66 4.47 13.67 4.01
CA THR A 66 4.38 14.81 4.91
C THR A 66 3.37 14.57 6.02
N SER A 67 2.42 13.68 5.75
CA SER A 67 1.37 13.37 6.72
C SER A 67 1.18 11.86 6.83
N LYS A 68 0.77 11.40 8.01
CA LYS A 68 0.54 9.98 8.25
C LYS A 68 -0.33 9.38 7.15
N LYS A 69 -1.51 9.94 6.95
CA LYS A 69 -2.43 9.46 5.93
C LYS A 69 -1.69 9.21 4.62
N LEU A 70 -0.77 10.09 4.28
CA LEU A 70 0.01 9.95 3.05
C LEU A 70 0.99 8.79 3.16
N ALA A 71 1.92 8.89 4.10
CA ALA A 71 2.91 7.84 4.31
C ALA A 71 2.33 6.46 4.04
N LYS A 72 1.13 6.23 4.56
CA LYS A 72 0.46 4.95 4.37
C LYS A 72 0.27 4.64 2.90
N ARG A 73 -0.48 5.49 2.20
CA ARG A 73 -0.73 5.31 0.78
C ARG A 73 0.57 5.24 0.00
N ASN A 74 1.62 5.87 0.55
CA ASN A 74 2.92 5.89 -0.10
C ASN A 74 3.57 4.51 -0.05
N ALA A 75 3.46 3.85 1.10
CA ALA A 75 4.04 2.53 1.28
C ALA A 75 3.21 1.46 0.56
N ALA A 76 1.90 1.67 0.53
CA ALA A 76 1.00 0.73 -0.13
C ALA A 76 1.23 0.72 -1.64
N ALA A 77 1.18 1.90 -2.25
CA ALA A 77 1.38 2.02 -3.69
C ALA A 77 2.53 1.14 -4.16
N LYS A 78 3.71 1.37 -3.59
CA LYS A 78 4.90 0.61 -3.95
C LYS A 78 4.67 -0.88 -3.71
N MET A 79 4.10 -1.20 -2.54
CA MET A 79 3.84 -2.58 -2.18
C MET A 79 3.10 -3.31 -3.31
N LEU A 80 2.20 -2.59 -3.97
CA LEU A 80 1.42 -3.17 -5.07
C LEU A 80 2.33 -3.90 -6.05
N LEU A 81 3.30 -3.17 -6.60
CA LEU A 81 4.23 -3.74 -7.57
C LEU A 81 5.04 -4.87 -6.93
N ARG A 82 5.51 -4.63 -5.71
CA ARG A 82 6.30 -5.62 -4.99
C ARG A 82 5.63 -6.99 -5.03
N VAL A 83 4.37 -7.03 -4.59
CA VAL A 83 3.62 -8.27 -4.58
C VAL A 83 3.18 -8.67 -5.98
N SER A 84 2.89 -7.67 -6.81
CA SER A 84 2.45 -7.91 -8.17
C SER A 84 3.28 -9.02 -8.82
N GLY A 85 4.59 -8.82 -8.85
CA GLY A 85 5.47 -9.81 -9.45
C GLY A 85 6.89 -9.29 -9.63
N PRO A 86 7.85 -10.21 -9.82
CA PRO A 86 9.26 -9.87 -10.01
C PRO A 86 9.51 -9.19 -11.35
N SER A 87 8.61 -9.42 -12.31
CA SER A 87 8.74 -8.84 -13.64
C SER A 87 9.29 -7.41 -13.55
N SER A 88 8.57 -6.54 -12.85
CA SER A 88 8.99 -5.16 -12.69
C SER A 88 10.42 -5.07 -12.19
N GLY A 89 10.66 -5.61 -11.00
CA GLY A 89 11.99 -5.58 -10.42
C GLY A 89 12.61 -6.97 -10.33
N GLY A 1 -8.30 -0.99 14.28
CA GLY A 1 -9.64 -1.46 14.55
C GLY A 1 -9.90 -1.72 16.02
N SER A 2 -11.14 -1.54 16.45
CA SER A 2 -11.50 -1.74 17.84
C SER A 2 -12.54 -2.84 17.98
N SER A 3 -12.29 -3.77 18.89
CA SER A 3 -13.20 -4.89 19.12
C SER A 3 -14.56 -4.39 19.64
N GLY A 4 -15.42 -3.97 18.71
CA GLY A 4 -16.73 -3.48 19.10
C GLY A 4 -17.20 -2.34 18.22
N SER A 5 -16.94 -2.45 16.92
CA SER A 5 -17.34 -1.41 15.98
C SER A 5 -17.77 -2.03 14.64
N SER A 6 -18.27 -1.18 13.74
CA SER A 6 -18.72 -1.64 12.44
C SER A 6 -19.02 -0.46 11.52
N GLY A 7 -19.10 -0.73 10.23
CA GLY A 7 -19.37 0.32 9.26
C GLY A 7 -18.43 0.28 8.07
N PRO A 8 -18.94 0.65 6.89
CA PRO A 8 -18.15 0.67 5.66
C PRO A 8 -17.09 1.76 5.66
N VAL A 9 -16.38 1.90 4.55
CA VAL A 9 -15.34 2.91 4.42
C VAL A 9 -14.79 2.95 3.00
N SER A 10 -14.43 4.15 2.54
CA SER A 10 -13.89 4.33 1.20
C SER A 10 -13.23 5.69 1.06
N PRO A 11 -12.13 5.74 0.28
CA PRO A 11 -11.38 6.98 0.06
C PRO A 11 -12.16 7.97 -0.82
N GLN A 12 -12.12 9.24 -0.44
CA GLN A 12 -12.81 10.28 -1.19
C GLN A 12 -11.87 10.95 -2.19
N GLN A 13 -11.68 10.31 -3.34
CA GLN A 13 -10.82 10.84 -4.38
C GLN A 13 -11.12 10.21 -5.74
N SER A 14 -11.10 11.02 -6.78
CA SER A 14 -11.38 10.54 -8.13
C SER A 14 -10.35 9.51 -8.57
N GLU A 15 -9.09 9.94 -8.67
CA GLU A 15 -8.01 9.06 -9.08
C GLU A 15 -7.98 7.81 -8.21
N CYS A 16 -7.49 6.71 -8.79
CA CYS A 16 -7.41 5.44 -8.07
C CYS A 16 -6.54 5.59 -6.82
N ASN A 17 -6.69 4.64 -5.90
CA ASN A 17 -5.93 4.67 -4.65
C ASN A 17 -5.28 3.31 -4.38
N PRO A 18 -4.05 3.34 -3.84
CA PRO A 18 -3.29 2.13 -3.52
C PRO A 18 -3.91 1.35 -2.37
N VAL A 19 -4.17 2.04 -1.26
CA VAL A 19 -4.76 1.41 -0.08
C VAL A 19 -5.95 0.54 -0.46
N GLY A 20 -6.73 1.01 -1.43
CA GLY A 20 -7.89 0.26 -1.87
C GLY A 20 -7.55 -0.81 -2.89
N ALA A 21 -6.40 -0.67 -3.52
CA ALA A 21 -5.94 -1.63 -4.52
C ALA A 21 -5.27 -2.83 -3.86
N LEU A 22 -4.29 -2.56 -3.00
CA LEU A 22 -3.57 -3.61 -2.30
C LEU A 22 -4.52 -4.62 -1.69
N GLN A 23 -5.73 -4.16 -1.37
CA GLN A 23 -6.74 -5.03 -0.77
C GLN A 23 -7.10 -6.17 -1.72
N GLU A 24 -7.52 -5.82 -2.93
CA GLU A 24 -7.89 -6.81 -3.93
C GLU A 24 -6.83 -7.89 -4.05
N LEU A 25 -5.58 -7.51 -3.85
CA LEU A 25 -4.46 -8.45 -3.93
C LEU A 25 -4.51 -9.44 -2.78
N VAL A 26 -4.26 -8.95 -1.57
CA VAL A 26 -4.28 -9.79 -0.38
C VAL A 26 -5.42 -10.81 -0.44
N VAL A 27 -6.55 -10.37 -0.96
CA VAL A 27 -7.72 -11.24 -1.07
C VAL A 27 -7.41 -12.47 -1.91
N GLN A 28 -6.79 -12.26 -3.06
CA GLN A 28 -6.42 -13.36 -3.95
C GLN A 28 -5.27 -14.17 -3.38
N LYS A 29 -4.31 -13.48 -2.78
CA LYS A 29 -3.15 -14.14 -2.18
C LYS A 29 -3.55 -14.92 -0.93
N GLY A 30 -4.61 -14.46 -0.27
CA GLY A 30 -5.08 -15.13 0.93
C GLY A 30 -4.44 -14.57 2.19
N TRP A 31 -4.38 -13.25 2.27
CA TRP A 31 -3.79 -12.59 3.43
C TRP A 31 -4.78 -11.63 4.08
N ARG A 32 -4.40 -11.04 5.20
CA ARG A 32 -5.25 -10.10 5.91
C ARG A 32 -4.80 -8.67 5.67
N LEU A 33 -5.65 -7.71 6.03
CA LEU A 33 -5.35 -6.30 5.85
C LEU A 33 -3.89 -6.02 6.20
N PRO A 34 -3.25 -5.14 5.40
CA PRO A 34 -1.85 -4.75 5.62
C PRO A 34 -1.66 -3.90 6.87
N GLU A 35 -0.43 -3.87 7.38
CA GLU A 35 -0.13 -3.10 8.57
C GLU A 35 0.43 -1.72 8.20
N TYR A 36 -0.02 -0.70 8.93
CA TYR A 36 0.41 0.66 8.68
C TYR A 36 0.87 1.34 9.97
N THR A 37 2.19 1.53 10.10
CA THR A 37 2.75 2.16 11.29
C THR A 37 3.95 3.02 10.92
N VAL A 38 4.18 4.07 11.71
CA VAL A 38 5.31 4.97 11.48
C VAL A 38 6.57 4.46 12.15
N THR A 39 7.62 4.25 11.34
CA THR A 39 8.89 3.76 11.86
C THR A 39 9.86 4.91 12.13
N GLN A 40 9.75 5.97 11.33
CA GLN A 40 10.62 7.13 11.48
C GLN A 40 9.81 8.42 11.43
N GLU A 41 10.24 9.41 12.20
CA GLU A 41 9.56 10.70 12.25
C GLU A 41 10.55 11.84 12.43
N SER A 42 10.77 12.59 11.36
CA SER A 42 11.70 13.72 11.39
C SER A 42 11.10 14.95 10.71
N GLY A 43 11.73 16.10 10.93
CA GLY A 43 11.24 17.34 10.33
C GLY A 43 10.61 18.26 11.35
N PRO A 44 10.82 19.57 11.17
CA PRO A 44 10.28 20.59 12.08
C PRO A 44 8.77 20.72 11.95
N ALA A 45 8.21 21.76 12.57
CA ALA A 45 6.78 22.01 12.53
C ALA A 45 6.35 22.52 11.15
N HIS A 46 7.22 23.29 10.52
CA HIS A 46 6.94 23.84 9.20
C HIS A 46 7.12 22.79 8.11
N ARG A 47 8.01 21.83 8.37
CA ARG A 47 8.28 20.77 7.41
C ARG A 47 8.24 19.41 8.09
N LYS A 48 7.03 18.89 8.30
CA LYS A 48 6.86 17.59 8.93
C LYS A 48 6.99 16.46 7.93
N GLU A 49 7.73 15.42 8.30
CA GLU A 49 7.94 14.28 7.42
C GLU A 49 7.85 12.97 8.21
N PHE A 50 6.83 12.16 7.89
CA PHE A 50 6.62 10.89 8.56
C PHE A 50 7.01 9.73 7.65
N THR A 51 7.60 8.70 8.24
CA THR A 51 8.03 7.53 7.48
C THR A 51 7.24 6.29 7.90
N MET A 52 6.25 5.93 7.09
CA MET A 52 5.42 4.76 7.38
C MET A 52 5.82 3.58 6.51
N THR A 53 5.76 2.38 7.06
CA THR A 53 6.12 1.16 6.33
C THR A 53 4.97 0.16 6.34
N CYS A 54 4.71 -0.44 5.18
CA CYS A 54 3.64 -1.42 5.06
C CYS A 54 4.16 -2.83 5.30
N ARG A 55 3.73 -3.43 6.41
CA ARG A 55 4.16 -4.77 6.76
C ARG A 55 3.14 -5.81 6.29
N VAL A 56 3.51 -6.60 5.29
CA VAL A 56 2.62 -7.62 4.75
C VAL A 56 3.04 -9.02 5.23
N GLU A 57 2.12 -9.96 5.17
CA GLU A 57 2.39 -11.33 5.60
C GLU A 57 3.82 -11.71 5.29
N ARG A 58 4.12 -11.93 4.01
CA ARG A 58 5.46 -12.31 3.58
C ARG A 58 6.08 -11.22 2.72
N PHE A 59 5.72 -9.97 2.99
CA PHE A 59 6.24 -8.84 2.23
C PHE A 59 6.41 -7.61 3.13
N ILE A 60 7.34 -6.74 2.77
CA ILE A 60 7.58 -5.52 3.53
C ILE A 60 8.08 -4.39 2.64
N GLU A 61 7.56 -3.19 2.85
CA GLU A 61 7.96 -2.03 2.06
C GLU A 61 7.88 -0.76 2.89
N ILE A 62 8.88 0.11 2.75
CA ILE A 62 8.93 1.36 3.49
C ILE A 62 8.44 2.53 2.62
N GLY A 63 7.72 3.45 3.24
CA GLY A 63 7.22 4.60 2.51
C GLY A 63 7.44 5.90 3.25
N SER A 64 6.99 7.01 2.66
CA SER A 64 7.16 8.31 3.27
C SER A 64 6.04 9.26 2.83
N GLY A 65 5.75 10.25 3.68
CA GLY A 65 4.70 11.20 3.36
C GLY A 65 4.65 12.35 4.35
N THR A 66 4.20 13.52 3.87
CA THR A 66 4.12 14.70 4.72
C THR A 66 3.20 14.46 5.91
N SER A 67 2.16 13.67 5.69
CA SER A 67 1.20 13.37 6.75
C SER A 67 0.93 11.86 6.83
N LYS A 68 0.72 11.37 8.04
CA LYS A 68 0.45 9.95 8.25
C LYS A 68 -0.49 9.41 7.19
N LYS A 69 -1.66 10.02 7.07
CA LYS A 69 -2.66 9.60 6.08
C LYS A 69 -2.01 9.36 4.73
N LEU A 70 -1.05 10.20 4.38
CA LEU A 70 -0.35 10.07 3.11
C LEU A 70 0.64 8.91 3.14
N ALA A 71 1.64 9.02 4.02
CA ALA A 71 2.64 7.97 4.14
C ALA A 71 2.03 6.59 3.95
N LYS A 72 0.83 6.40 4.48
CA LYS A 72 0.14 5.12 4.35
C LYS A 72 -0.12 4.78 2.88
N ARG A 73 -0.77 5.69 2.17
CA ARG A 73 -1.08 5.49 0.76
C ARG A 73 0.20 5.38 -0.06
N ASN A 74 1.25 6.06 0.39
CA ASN A 74 2.53 6.05 -0.31
C ASN A 74 3.19 4.67 -0.20
N ALA A 75 3.21 4.13 1.01
CA ALA A 75 3.81 2.82 1.25
C ALA A 75 3.07 1.73 0.47
N ALA A 76 1.75 1.69 0.63
CA ALA A 76 0.92 0.71 -0.05
C ALA A 76 1.19 0.72 -1.55
N ALA A 77 1.17 1.91 -2.14
CA ALA A 77 1.40 2.06 -3.57
C ALA A 77 2.59 1.21 -4.03
N LYS A 78 3.75 1.46 -3.43
CA LYS A 78 4.96 0.72 -3.78
C LYS A 78 4.75 -0.78 -3.59
N MET A 79 4.15 -1.15 -2.47
CA MET A 79 3.88 -2.55 -2.16
C MET A 79 3.18 -3.23 -3.33
N LEU A 80 2.17 -2.56 -3.89
CA LEU A 80 1.42 -3.11 -5.01
C LEU A 80 2.34 -3.84 -5.97
N LEU A 81 3.35 -3.14 -6.48
CA LEU A 81 4.30 -3.74 -7.41
C LEU A 81 5.14 -4.81 -6.73
N ARG A 82 5.58 -4.53 -5.51
CA ARG A 82 6.39 -5.47 -4.76
C ARG A 82 5.81 -6.88 -4.85
N VAL A 83 4.55 -7.02 -4.44
CA VAL A 83 3.88 -8.32 -4.48
C VAL A 83 3.49 -8.69 -5.90
N SER A 84 3.13 -7.69 -6.69
CA SER A 84 2.73 -7.92 -8.08
C SER A 84 3.66 -8.92 -8.76
N GLY A 85 3.17 -9.52 -9.84
CA GLY A 85 3.96 -10.50 -10.56
C GLY A 85 3.34 -10.91 -11.88
N PRO A 86 3.57 -10.10 -12.92
CA PRO A 86 3.02 -10.36 -14.26
C PRO A 86 3.67 -11.59 -14.92
N SER A 87 2.94 -12.69 -14.92
CA SER A 87 3.44 -13.93 -15.52
C SER A 87 3.14 -13.97 -17.00
N SER A 88 1.86 -13.77 -17.35
CA SER A 88 1.45 -13.80 -18.75
C SER A 88 2.26 -12.81 -19.58
N GLY A 89 3.36 -13.28 -20.14
CA GLY A 89 4.21 -12.43 -20.96
C GLY A 89 4.90 -13.19 -22.07
N GLY A 1 -3.05 -16.85 -25.15
CA GLY A 1 -2.18 -15.81 -24.63
C GLY A 1 -2.57 -14.43 -25.10
N SER A 2 -3.42 -13.76 -24.33
CA SER A 2 -3.88 -12.42 -24.68
C SER A 2 -3.60 -11.44 -23.55
N SER A 3 -2.47 -10.75 -23.64
CA SER A 3 -2.08 -9.78 -22.62
C SER A 3 -1.39 -8.57 -23.25
N GLY A 4 -1.88 -7.38 -22.93
CA GLY A 4 -1.30 -6.17 -23.47
C GLY A 4 -1.96 -4.92 -22.93
N SER A 5 -2.53 -4.11 -23.82
CA SER A 5 -3.19 -2.87 -23.43
C SER A 5 -4.33 -3.15 -22.46
N SER A 6 -4.11 -2.83 -21.19
CA SER A 6 -5.12 -3.05 -20.16
C SER A 6 -5.21 -1.87 -19.21
N GLY A 7 -6.36 -1.20 -19.21
CA GLY A 7 -6.55 -0.05 -18.35
C GLY A 7 -7.85 0.69 -18.64
N PRO A 8 -8.46 1.25 -17.59
CA PRO A 8 -9.72 2.00 -17.72
C PRO A 8 -9.55 3.32 -18.46
N VAL A 9 -10.50 3.63 -19.33
CA VAL A 9 -10.45 4.87 -20.10
C VAL A 9 -10.52 6.08 -19.18
N SER A 10 -9.36 6.55 -18.73
CA SER A 10 -9.29 7.70 -17.85
C SER A 10 -8.68 8.91 -18.56
N PRO A 11 -9.53 9.63 -19.32
CA PRO A 11 -9.10 10.81 -20.07
C PRO A 11 -8.75 11.98 -19.16
N GLN A 12 -9.21 11.92 -17.92
CA GLN A 12 -8.95 12.98 -16.96
C GLN A 12 -8.17 12.44 -15.76
N GLN A 13 -7.01 13.05 -15.50
CA GLN A 13 -6.17 12.63 -14.39
C GLN A 13 -7.01 12.38 -13.14
N SER A 14 -6.45 11.61 -12.21
CA SER A 14 -7.14 11.28 -10.96
C SER A 14 -6.18 10.67 -9.95
N GLU A 15 -6.26 11.15 -8.71
CA GLU A 15 -5.40 10.66 -7.64
C GLU A 15 -5.45 9.14 -7.56
N CYS A 16 -4.32 8.53 -7.22
CA CYS A 16 -4.24 7.07 -7.10
C CYS A 16 -4.55 6.62 -5.68
N ASN A 17 -5.46 5.66 -5.55
CA ASN A 17 -5.85 5.14 -4.25
C ASN A 17 -5.29 3.74 -4.03
N PRO A 18 -4.04 3.67 -3.55
CA PRO A 18 -3.36 2.41 -3.29
C PRO A 18 -3.96 1.67 -2.09
N VAL A 19 -4.21 2.39 -1.02
CA VAL A 19 -4.79 1.81 0.19
C VAL A 19 -6.00 0.94 -0.15
N GLY A 20 -6.78 1.38 -1.12
CA GLY A 20 -7.96 0.63 -1.52
C GLY A 20 -7.65 -0.43 -2.56
N ALA A 21 -6.48 -0.31 -3.20
CA ALA A 21 -6.07 -1.26 -4.23
C ALA A 21 -5.44 -2.50 -3.60
N LEU A 22 -4.47 -2.28 -2.72
CA LEU A 22 -3.78 -3.39 -2.05
C LEU A 22 -4.79 -4.41 -1.54
N GLN A 23 -5.88 -3.92 -0.95
CA GLN A 23 -6.91 -4.80 -0.41
C GLN A 23 -7.36 -5.82 -1.46
N GLU A 24 -7.38 -5.39 -2.72
CA GLU A 24 -7.79 -6.27 -3.81
C GLU A 24 -6.75 -7.36 -4.04
N LEU A 25 -5.48 -6.99 -3.98
CA LEU A 25 -4.39 -7.94 -4.19
C LEU A 25 -4.34 -8.96 -3.06
N VAL A 26 -4.17 -8.47 -1.84
CA VAL A 26 -4.10 -9.34 -0.67
C VAL A 26 -5.13 -10.45 -0.75
N VAL A 27 -6.39 -10.08 -1.00
CA VAL A 27 -7.47 -11.05 -1.10
C VAL A 27 -7.15 -12.12 -2.13
N GLN A 28 -6.58 -11.71 -3.26
CA GLN A 28 -6.22 -12.65 -4.32
C GLN A 28 -5.14 -13.61 -3.85
N LYS A 29 -4.12 -13.08 -3.19
CA LYS A 29 -3.02 -13.90 -2.67
C LYS A 29 -3.45 -14.67 -1.44
N GLY A 30 -4.50 -14.19 -0.77
CA GLY A 30 -4.99 -14.86 0.42
C GLY A 30 -4.35 -14.32 1.68
N TRP A 31 -4.24 -13.00 1.77
CA TRP A 31 -3.65 -12.36 2.94
C TRP A 31 -4.68 -11.49 3.67
N ARG A 32 -4.29 -10.99 4.83
CA ARG A 32 -5.18 -10.14 5.63
C ARG A 32 -4.82 -8.67 5.46
N LEU A 33 -5.73 -7.79 5.86
CA LEU A 33 -5.51 -6.36 5.76
C LEU A 33 -4.05 -6.00 6.05
N PRO A 34 -3.52 -5.02 5.31
CA PRO A 34 -2.13 -4.58 5.46
C PRO A 34 -1.90 -3.83 6.78
N GLU A 35 -0.70 -3.98 7.33
CA GLU A 35 -0.37 -3.33 8.59
C GLU A 35 0.34 -2.00 8.34
N TYR A 36 -0.03 -0.99 9.12
CA TYR A 36 0.56 0.34 8.97
C TYR A 36 1.07 0.85 10.32
N THR A 37 2.36 1.15 10.38
CA THR A 37 2.97 1.66 11.59
C THR A 37 4.14 2.60 11.28
N VAL A 38 4.23 3.68 12.05
CA VAL A 38 5.29 4.67 11.86
C VAL A 38 6.62 4.15 12.40
N THR A 39 7.65 4.18 11.57
CA THR A 39 8.97 3.72 11.96
C THR A 39 9.83 4.88 12.45
N GLN A 40 9.75 6.01 11.76
CA GLN A 40 10.52 7.19 12.13
C GLN A 40 9.79 8.46 11.72
N GLU A 41 10.23 9.59 12.29
CA GLU A 41 9.61 10.88 11.98
C GLU A 41 10.67 11.98 11.90
N SER A 42 10.75 12.62 10.74
CA SER A 42 11.73 13.69 10.53
C SER A 42 11.07 14.91 9.89
N GLY A 43 11.76 16.03 9.92
CA GLY A 43 11.23 17.26 9.34
C GLY A 43 10.55 18.14 10.37
N PRO A 44 10.65 19.46 10.17
CA PRO A 44 10.05 20.44 11.09
C PRO A 44 8.53 20.44 11.02
N ALA A 45 7.91 21.38 11.74
CA ALA A 45 6.46 21.48 11.75
C ALA A 45 5.92 21.90 10.39
N HIS A 46 6.52 22.92 9.81
CA HIS A 46 6.10 23.42 8.50
C HIS A 46 6.27 22.33 7.44
N ARG A 47 7.37 21.60 7.50
CA ARG A 47 7.64 20.54 6.54
C ARG A 47 7.79 19.19 7.25
N LYS A 48 6.75 18.79 7.97
CA LYS A 48 6.76 17.53 8.70
C LYS A 48 6.85 16.35 7.72
N GLU A 49 7.45 15.25 8.20
CA GLU A 49 7.60 14.06 7.38
C GLU A 49 7.62 12.81 8.24
N PHE A 50 6.64 11.94 8.05
CA PHE A 50 6.54 10.70 8.82
C PHE A 50 6.88 9.49 7.94
N THR A 51 7.80 8.67 8.41
CA THR A 51 8.21 7.49 7.68
C THR A 51 7.44 6.25 8.13
N MET A 52 6.42 5.88 7.37
CA MET A 52 5.60 4.72 7.70
C MET A 52 5.98 3.52 6.83
N THR A 53 5.91 2.33 7.42
CA THR A 53 6.26 1.10 6.71
C THR A 53 5.09 0.13 6.71
N CYS A 54 4.87 -0.52 5.57
CA CYS A 54 3.78 -1.49 5.44
C CYS A 54 4.29 -2.91 5.66
N ARG A 55 3.72 -3.58 6.65
CA ARG A 55 4.12 -4.95 6.97
C ARG A 55 3.10 -5.95 6.44
N VAL A 56 3.54 -6.84 5.56
CA VAL A 56 2.67 -7.85 4.98
C VAL A 56 3.10 -9.25 5.38
N GLU A 57 2.16 -10.20 5.32
CA GLU A 57 2.45 -11.58 5.69
C GLU A 57 3.88 -11.96 5.31
N ARG A 58 4.15 -12.03 4.01
CA ARG A 58 5.47 -12.38 3.52
C ARG A 58 6.04 -11.27 2.65
N PHE A 59 5.68 -10.03 2.97
CA PHE A 59 6.16 -8.88 2.22
C PHE A 59 6.36 -7.67 3.14
N ILE A 60 7.27 -6.79 2.76
CA ILE A 60 7.55 -5.60 3.55
C ILE A 60 8.02 -4.45 2.66
N GLU A 61 7.60 -3.24 2.99
CA GLU A 61 7.97 -2.05 2.23
C GLU A 61 7.89 -0.79 3.09
N ILE A 62 8.79 0.15 2.83
CA ILE A 62 8.81 1.40 3.58
C ILE A 62 8.33 2.56 2.73
N GLY A 63 7.67 3.53 3.38
CA GLY A 63 7.16 4.68 2.67
C GLY A 63 7.31 5.97 3.46
N SER A 64 7.06 7.10 2.81
CA SER A 64 7.18 8.40 3.45
C SER A 64 6.08 9.35 2.98
N GLY A 65 5.53 10.13 3.91
CA GLY A 65 4.49 11.06 3.56
C GLY A 65 4.43 12.24 4.50
N THR A 66 4.27 13.44 3.95
CA THR A 66 4.21 14.66 4.75
C THR A 66 3.28 14.48 5.94
N SER A 67 2.35 13.53 5.84
CA SER A 67 1.39 13.26 6.90
C SER A 67 1.11 11.77 7.01
N LYS A 68 0.83 11.32 8.24
CA LYS A 68 0.54 9.91 8.48
C LYS A 68 -0.37 9.34 7.40
N LYS A 69 -1.52 9.98 7.20
CA LYS A 69 -2.48 9.54 6.20
C LYS A 69 -1.78 9.22 4.88
N LEU A 70 -0.86 10.09 4.49
CA LEU A 70 -0.11 9.90 3.25
C LEU A 70 0.87 8.73 3.37
N ALA A 71 1.80 8.84 4.30
CA ALA A 71 2.79 7.79 4.53
C ALA A 71 2.18 6.42 4.31
N LYS A 72 0.93 6.25 4.71
CA LYS A 72 0.23 4.98 4.54
C LYS A 72 0.02 4.66 3.07
N ARG A 73 -0.60 5.60 2.35
CA ARG A 73 -0.86 5.41 0.92
C ARG A 73 0.45 5.31 0.14
N ASN A 74 1.48 5.96 0.64
CA ASN A 74 2.78 5.97 -0.01
C ASN A 74 3.40 4.57 0.00
N ALA A 75 3.40 3.95 1.18
CA ALA A 75 3.96 2.61 1.34
C ALA A 75 3.14 1.58 0.55
N ALA A 76 1.83 1.58 0.77
CA ALA A 76 0.94 0.65 0.08
C ALA A 76 1.17 0.68 -1.42
N ALA A 77 1.30 1.88 -1.97
CA ALA A 77 1.53 2.05 -3.41
C ALA A 77 2.69 1.19 -3.88
N LYS A 78 3.88 1.47 -3.37
CA LYS A 78 5.08 0.71 -3.75
C LYS A 78 4.85 -0.77 -3.54
N MET A 79 4.07 -1.12 -2.52
CA MET A 79 3.79 -2.52 -2.20
C MET A 79 3.05 -3.18 -3.37
N LEU A 80 2.17 -2.44 -4.02
CA LEU A 80 1.40 -2.96 -5.14
C LEU A 80 2.31 -3.64 -6.15
N LEU A 81 3.50 -3.07 -6.36
CA LEU A 81 4.45 -3.62 -7.30
C LEU A 81 5.31 -4.70 -6.65
N ARG A 82 5.64 -4.49 -5.37
CA ARG A 82 6.45 -5.43 -4.62
C ARG A 82 5.78 -6.80 -4.56
N VAL A 83 4.51 -6.81 -4.19
CA VAL A 83 3.75 -8.06 -4.11
C VAL A 83 3.49 -8.65 -5.49
N SER A 84 3.47 -7.78 -6.50
CA SER A 84 3.22 -8.22 -7.86
C SER A 84 4.53 -8.60 -8.54
N GLY A 85 4.49 -9.68 -9.32
CA GLY A 85 5.67 -10.15 -10.01
C GLY A 85 6.08 -9.22 -11.13
N PRO A 86 5.54 -9.47 -12.34
CA PRO A 86 5.84 -8.65 -13.53
C PRO A 86 5.25 -7.25 -13.43
N SER A 87 5.79 -6.33 -14.22
CA SER A 87 5.33 -4.95 -14.22
C SER A 87 4.57 -4.64 -15.51
N SER A 88 3.46 -3.91 -15.38
CA SER A 88 2.65 -3.54 -16.53
C SER A 88 3.50 -2.90 -17.62
N GLY A 89 4.17 -1.80 -17.27
CA GLY A 89 5.01 -1.11 -18.23
C GLY A 89 5.69 0.11 -17.63
N GLY A 1 -24.34 7.26 18.59
CA GLY A 1 -24.64 8.03 17.39
C GLY A 1 -25.95 8.79 17.50
N SER A 2 -25.91 10.07 17.19
CA SER A 2 -27.10 10.91 17.26
C SER A 2 -28.19 10.38 16.32
N SER A 3 -29.45 10.60 16.71
CA SER A 3 -30.58 10.14 15.91
C SER A 3 -31.01 11.21 14.91
N GLY A 4 -30.44 11.14 13.71
CA GLY A 4 -30.78 12.11 12.68
C GLY A 4 -29.55 12.60 11.92
N SER A 5 -29.46 12.24 10.66
CA SER A 5 -28.33 12.65 9.82
C SER A 5 -28.44 14.12 9.44
N SER A 6 -27.33 14.70 8.98
CA SER A 6 -27.30 16.10 8.58
C SER A 6 -26.33 16.31 7.43
N GLY A 7 -26.75 17.07 6.43
CA GLY A 7 -25.90 17.34 5.29
C GLY A 7 -25.49 16.09 4.55
N PRO A 8 -25.12 16.23 3.28
CA PRO A 8 -24.70 15.11 2.44
C PRO A 8 -23.35 14.53 2.87
N VAL A 9 -22.94 13.45 2.21
CA VAL A 9 -21.68 12.80 2.53
C VAL A 9 -20.75 12.78 1.31
N SER A 10 -19.64 13.51 1.42
CA SER A 10 -18.67 13.58 0.33
C SER A 10 -17.54 12.59 0.54
N PRO A 11 -17.07 11.99 -0.56
CA PRO A 11 -15.98 11.00 -0.53
C PRO A 11 -14.64 11.64 -0.17
N GLN A 12 -14.40 12.83 -0.71
CA GLN A 12 -13.14 13.54 -0.44
C GLN A 12 -11.94 12.62 -0.62
N GLN A 13 -12.01 11.74 -1.62
CA GLN A 13 -10.94 10.81 -1.90
C GLN A 13 -10.70 10.66 -3.40
N SER A 14 -9.45 10.88 -3.81
CA SER A 14 -9.10 10.78 -5.22
C SER A 14 -9.69 9.52 -5.85
N GLU A 15 -9.54 9.39 -7.16
CA GLU A 15 -10.06 8.24 -7.88
C GLU A 15 -9.05 7.09 -7.87
N CYS A 16 -7.76 7.44 -7.89
CA CYS A 16 -6.70 6.44 -7.88
C CYS A 16 -5.97 6.44 -6.54
N ASN A 17 -5.98 5.30 -5.86
CA ASN A 17 -5.32 5.17 -4.56
C ASN A 17 -4.77 3.77 -4.38
N PRO A 18 -3.57 3.67 -3.79
CA PRO A 18 -2.91 2.38 -3.53
C PRO A 18 -3.61 1.58 -2.45
N VAL A 19 -3.91 2.23 -1.32
CA VAL A 19 -4.59 1.57 -0.22
C VAL A 19 -5.82 0.80 -0.70
N GLY A 20 -6.65 1.46 -1.50
CA GLY A 20 -7.85 0.83 -2.01
C GLY A 20 -7.54 -0.23 -3.04
N ALA A 21 -6.29 -0.29 -3.48
CA ALA A 21 -5.87 -1.27 -4.47
C ALA A 21 -5.29 -2.51 -3.82
N LEU A 22 -4.39 -2.31 -2.86
CA LEU A 22 -3.78 -3.42 -2.14
C LEU A 22 -4.81 -4.26 -1.41
N GLN A 23 -5.93 -3.63 -1.06
CA GLN A 23 -7.01 -4.31 -0.36
C GLN A 23 -7.64 -5.39 -1.24
N GLU A 24 -7.63 -5.16 -2.55
CA GLU A 24 -8.20 -6.11 -3.50
C GLU A 24 -7.22 -7.25 -3.75
N LEU A 25 -5.95 -6.92 -3.92
CA LEU A 25 -4.92 -7.91 -4.18
C LEU A 25 -4.81 -8.90 -3.01
N VAL A 26 -4.62 -8.36 -1.81
CA VAL A 26 -4.50 -9.19 -0.62
C VAL A 26 -5.58 -10.28 -0.59
N VAL A 27 -6.83 -9.87 -0.75
CA VAL A 27 -7.94 -10.80 -0.75
C VAL A 27 -7.71 -11.94 -1.73
N GLN A 28 -7.40 -11.59 -2.97
CA GLN A 28 -7.15 -12.58 -4.02
C GLN A 28 -5.97 -13.47 -3.64
N LYS A 29 -5.04 -12.92 -2.88
CA LYS A 29 -3.85 -13.66 -2.45
C LYS A 29 -4.15 -14.46 -1.18
N GLY A 30 -5.23 -14.11 -0.50
CA GLY A 30 -5.60 -14.80 0.72
C GLY A 30 -4.91 -14.23 1.94
N TRP A 31 -4.75 -12.92 1.96
CA TRP A 31 -4.10 -12.25 3.08
C TRP A 31 -5.05 -11.27 3.76
N ARG A 32 -4.59 -10.65 4.84
CA ARG A 32 -5.40 -9.68 5.58
C ARG A 32 -4.87 -8.26 5.38
N LEU A 33 -5.70 -7.28 5.72
CA LEU A 33 -5.32 -5.89 5.58
C LEU A 33 -3.85 -5.68 5.94
N PRO A 34 -3.18 -4.79 5.19
CA PRO A 34 -1.76 -4.48 5.41
C PRO A 34 -1.54 -3.71 6.71
N GLU A 35 -0.37 -3.91 7.32
CA GLU A 35 -0.03 -3.24 8.56
C GLU A 35 0.70 -1.93 8.29
N TYR A 36 0.36 -0.90 9.07
CA TYR A 36 0.97 0.41 8.92
C TYR A 36 1.40 0.98 10.26
N THR A 37 2.71 1.10 10.46
CA THR A 37 3.25 1.63 11.71
C THR A 37 4.42 2.56 11.45
N VAL A 38 4.37 3.75 12.02
CA VAL A 38 5.43 4.73 11.85
C VAL A 38 6.75 4.22 12.41
N THR A 39 7.75 4.12 11.54
CA THR A 39 9.08 3.64 11.94
C THR A 39 10.02 4.79 12.24
N GLN A 40 9.83 5.91 11.54
CA GLN A 40 10.66 7.09 11.74
C GLN A 40 9.83 8.37 11.63
N GLU A 41 10.24 9.39 12.36
CA GLU A 41 9.54 10.67 12.35
C GLU A 41 10.52 11.84 12.30
N SER A 42 10.60 12.49 11.14
CA SER A 42 11.50 13.62 10.96
C SER A 42 10.81 14.76 10.21
N GLY A 43 11.47 15.90 10.15
CA GLY A 43 10.90 17.05 9.47
C GLY A 43 10.49 18.16 10.42
N PRO A 44 10.59 19.41 9.96
CA PRO A 44 10.23 20.57 10.77
C PRO A 44 8.72 20.67 11.02
N ALA A 45 8.29 21.78 11.62
CA ALA A 45 6.89 22.00 11.90
C ALA A 45 6.12 22.35 10.65
N HIS A 46 6.68 23.22 9.83
CA HIS A 46 6.05 23.65 8.59
C HIS A 46 5.86 22.45 7.65
N ARG A 47 6.87 21.60 7.58
CA ARG A 47 6.81 20.42 6.73
C ARG A 47 7.18 19.17 7.50
N LYS A 48 6.19 18.53 8.12
CA LYS A 48 6.41 17.32 8.89
C LYS A 48 6.50 16.10 7.98
N GLU A 49 7.53 15.29 8.18
CA GLU A 49 7.73 14.09 7.37
C GLU A 49 7.55 12.83 8.21
N PHE A 50 6.59 12.00 7.83
CA PHE A 50 6.32 10.76 8.54
C PHE A 50 6.68 9.55 7.69
N THR A 51 7.66 8.78 8.17
CA THR A 51 8.10 7.59 7.46
C THR A 51 7.50 6.32 8.07
N MET A 52 6.43 5.83 7.45
CA MET A 52 5.75 4.63 7.92
C MET A 52 6.12 3.43 7.06
N THR A 53 6.26 2.27 7.69
CA THR A 53 6.60 1.04 6.98
C THR A 53 5.41 0.08 6.93
N CYS A 54 5.25 -0.59 5.79
CA CYS A 54 4.15 -1.53 5.61
C CYS A 54 4.65 -2.97 5.75
N ARG A 55 4.09 -3.68 6.73
CA ARG A 55 4.47 -5.06 6.98
C ARG A 55 3.45 -6.02 6.39
N VAL A 56 3.79 -6.64 5.26
CA VAL A 56 2.90 -7.58 4.59
C VAL A 56 3.24 -9.02 4.98
N GLU A 57 2.27 -9.91 4.80
CA GLU A 57 2.47 -11.33 5.13
C GLU A 57 3.91 -11.74 4.90
N ARG A 58 4.31 -11.80 3.63
CA ARG A 58 5.67 -12.19 3.27
C ARG A 58 6.36 -11.08 2.49
N PHE A 59 6.02 -9.84 2.80
CA PHE A 59 6.61 -8.70 2.14
C PHE A 59 6.77 -7.52 3.09
N ILE A 60 7.72 -6.64 2.81
CA ILE A 60 7.96 -5.47 3.64
C ILE A 60 8.51 -4.31 2.82
N GLU A 61 7.98 -3.11 3.08
CA GLU A 61 8.40 -1.92 2.35
C GLU A 61 8.24 -0.68 3.21
N ILE A 62 9.06 0.33 2.95
CA ILE A 62 9.01 1.58 3.70
C ILE A 62 8.44 2.72 2.85
N GLY A 63 7.48 3.44 3.40
CA GLY A 63 6.88 4.54 2.69
C GLY A 63 7.11 5.88 3.37
N SER A 64 6.64 6.95 2.73
CA SER A 64 6.81 8.30 3.28
C SER A 64 5.65 9.19 2.87
N GLY A 65 5.27 10.10 3.77
CA GLY A 65 4.17 11.00 3.49
C GLY A 65 4.12 12.17 4.45
N THR A 66 3.79 13.35 3.94
CA THR A 66 3.72 14.55 4.76
C THR A 66 2.78 14.34 5.95
N SER A 67 1.97 13.30 5.88
CA SER A 67 1.04 12.98 6.95
C SER A 67 0.78 11.48 7.03
N LYS A 68 0.62 10.99 8.26
CA LYS A 68 0.36 9.56 8.48
C LYS A 68 -0.54 8.99 7.39
N LYS A 69 -1.72 9.56 7.25
CA LYS A 69 -2.67 9.12 6.25
C LYS A 69 -1.98 8.82 4.92
N LEU A 70 -1.12 9.75 4.49
CA LEU A 70 -0.39 9.59 3.25
C LEU A 70 0.66 8.48 3.37
N ALA A 71 1.58 8.64 4.31
CA ALA A 71 2.63 7.65 4.53
C ALA A 71 2.11 6.24 4.29
N LYS A 72 0.84 6.01 4.64
CA LYS A 72 0.23 4.70 4.45
C LYS A 72 0.08 4.37 2.98
N ARG A 73 -0.46 5.31 2.22
CA ARG A 73 -0.67 5.12 0.79
C ARG A 73 0.67 5.00 0.06
N ASN A 74 1.61 5.88 0.41
CA ASN A 74 2.93 5.86 -0.21
C ASN A 74 3.59 4.50 -0.05
N ALA A 75 3.47 3.92 1.14
CA ALA A 75 4.05 2.61 1.41
C ALA A 75 3.34 1.52 0.63
N ALA A 76 2.01 1.52 0.70
CA ALA A 76 1.21 0.52 0.01
C ALA A 76 1.47 0.56 -1.49
N ALA A 77 1.49 1.76 -2.07
CA ALA A 77 1.73 1.92 -3.50
C ALA A 77 2.90 1.07 -3.94
N LYS A 78 4.09 1.39 -3.44
CA LYS A 78 5.30 0.66 -3.79
C LYS A 78 5.10 -0.85 -3.60
N MET A 79 4.49 -1.21 -2.47
CA MET A 79 4.23 -2.62 -2.17
C MET A 79 3.55 -3.31 -3.34
N LEU A 80 2.52 -2.68 -3.88
CA LEU A 80 1.78 -3.23 -5.01
C LEU A 80 2.72 -3.97 -5.96
N LEU A 81 3.78 -3.29 -6.38
CA LEU A 81 4.76 -3.87 -7.29
C LEU A 81 5.61 -4.92 -6.58
N ARG A 82 6.05 -4.59 -5.37
CA ARG A 82 6.89 -5.49 -4.58
C ARG A 82 6.32 -6.90 -4.61
N VAL A 83 5.06 -7.04 -4.19
CA VAL A 83 4.40 -8.34 -4.17
C VAL A 83 4.14 -8.85 -5.58
N SER A 84 3.78 -7.94 -6.47
CA SER A 84 3.49 -8.30 -7.86
C SER A 84 4.74 -8.84 -8.55
N GLY A 85 4.57 -9.95 -9.26
CA GLY A 85 5.69 -10.56 -9.96
C GLY A 85 5.28 -11.20 -11.27
N PRO A 86 6.10 -12.14 -11.76
CA PRO A 86 5.85 -12.85 -13.01
C PRO A 86 4.66 -13.80 -12.90
N SER A 87 4.30 -14.15 -11.68
CA SER A 87 3.18 -15.06 -11.43
C SER A 87 3.55 -16.49 -11.83
N SER A 88 4.83 -16.81 -11.73
CA SER A 88 5.32 -18.14 -12.07
C SER A 88 4.99 -19.14 -10.98
N GLY A 89 5.43 -20.38 -11.16
CA GLY A 89 5.17 -21.42 -10.18
C GLY A 89 4.33 -22.56 -10.73
N GLY A 1 -19.28 -26.13 -12.16
CA GLY A 1 -17.96 -26.72 -12.28
C GLY A 1 -17.16 -26.14 -13.42
N SER A 2 -15.94 -25.70 -13.13
CA SER A 2 -15.07 -25.10 -14.14
C SER A 2 -15.85 -24.16 -15.05
N SER A 3 -16.75 -23.38 -14.45
CA SER A 3 -17.56 -22.44 -15.20
C SER A 3 -16.70 -21.37 -15.85
N GLY A 4 -15.89 -20.68 -15.04
CA GLY A 4 -15.03 -19.65 -15.55
C GLY A 4 -15.78 -18.36 -15.88
N SER A 5 -15.05 -17.26 -15.99
CA SER A 5 -15.66 -15.97 -16.29
C SER A 5 -14.81 -15.19 -17.30
N SER A 6 -15.35 -15.01 -18.50
CA SER A 6 -14.65 -14.29 -19.55
C SER A 6 -14.72 -12.78 -19.33
N GLY A 7 -13.68 -12.23 -18.72
CA GLY A 7 -13.65 -10.81 -18.45
C GLY A 7 -15.00 -10.26 -18.06
N PRO A 8 -15.36 -10.40 -16.78
CA PRO A 8 -16.65 -9.92 -16.26
C PRO A 8 -16.72 -8.40 -16.21
N VAL A 9 -17.87 -7.88 -15.78
CA VAL A 9 -18.07 -6.44 -15.68
C VAL A 9 -17.29 -5.86 -14.51
N SER A 10 -16.53 -4.80 -14.77
CA SER A 10 -15.73 -4.15 -13.74
C SER A 10 -16.17 -2.70 -13.54
N PRO A 11 -16.15 -2.24 -12.29
CA PRO A 11 -16.54 -0.87 -11.94
C PRO A 11 -15.54 0.16 -12.44
N GLN A 12 -16.04 1.36 -12.72
CA GLN A 12 -15.19 2.44 -13.22
C GLN A 12 -14.46 3.11 -12.06
N GLN A 13 -13.15 2.86 -11.96
CA GLN A 13 -12.34 3.45 -10.91
C GLN A 13 -12.14 4.94 -11.13
N SER A 14 -13.12 5.74 -10.70
CA SER A 14 -13.06 7.19 -10.86
C SER A 14 -11.72 7.72 -10.36
N GLU A 15 -11.30 7.26 -9.20
CA GLU A 15 -10.03 7.70 -8.61
C GLU A 15 -9.19 6.50 -8.18
N CYS A 16 -8.02 6.37 -8.77
CA CYS A 16 -7.11 5.27 -8.45
C CYS A 16 -6.42 5.51 -7.10
N ASN A 17 -6.32 4.46 -6.31
CA ASN A 17 -5.68 4.54 -5.00
C ASN A 17 -5.11 3.20 -4.57
N PRO A 18 -3.92 3.22 -3.97
CA PRO A 18 -3.23 2.00 -3.51
C PRO A 18 -3.93 1.38 -2.30
N VAL A 19 -4.20 2.19 -1.29
CA VAL A 19 -4.86 1.73 -0.08
C VAL A 19 -6.06 0.84 -0.42
N GLY A 20 -6.82 1.25 -1.43
CA GLY A 20 -7.99 0.47 -1.84
C GLY A 20 -7.63 -0.67 -2.78
N ALA A 21 -6.49 -0.53 -3.45
CA ALA A 21 -6.04 -1.56 -4.39
C ALA A 21 -5.46 -2.76 -3.65
N LEU A 22 -4.43 -2.51 -2.83
CA LEU A 22 -3.79 -3.57 -2.06
C LEU A 22 -4.83 -4.45 -1.38
N GLN A 23 -5.88 -3.82 -0.86
CA GLN A 23 -6.95 -4.56 -0.18
C GLN A 23 -7.55 -5.61 -1.10
N GLU A 24 -7.63 -5.30 -2.38
CA GLU A 24 -8.19 -6.23 -3.36
C GLU A 24 -7.19 -7.34 -3.69
N LEU A 25 -5.92 -6.98 -3.74
CA LEU A 25 -4.86 -7.94 -4.06
C LEU A 25 -4.73 -8.98 -2.93
N VAL A 26 -4.64 -8.51 -1.71
CA VAL A 26 -4.52 -9.39 -0.55
C VAL A 26 -5.52 -10.52 -0.62
N VAL A 27 -6.72 -10.22 -1.12
CA VAL A 27 -7.78 -11.22 -1.25
C VAL A 27 -7.39 -12.30 -2.26
N GLN A 28 -6.72 -11.90 -3.33
CA GLN A 28 -6.30 -12.84 -4.36
C GLN A 28 -5.15 -13.72 -3.85
N LYS A 29 -4.22 -13.11 -3.13
CA LYS A 29 -3.08 -13.84 -2.58
C LYS A 29 -3.48 -14.62 -1.34
N GLY A 30 -4.50 -14.14 -0.63
CA GLY A 30 -4.95 -14.81 0.57
C GLY A 30 -4.22 -14.35 1.81
N TRP A 31 -4.07 -13.04 1.96
CA TRP A 31 -3.38 -12.47 3.11
C TRP A 31 -4.33 -11.63 3.96
N ARG A 32 -3.83 -11.14 5.09
CA ARG A 32 -4.64 -10.33 5.99
C ARG A 32 -4.34 -8.85 5.81
N LEU A 33 -5.31 -8.01 6.15
CA LEU A 33 -5.14 -6.56 6.02
C LEU A 33 -3.70 -6.15 6.30
N PRO A 34 -3.20 -5.18 5.53
CA PRO A 34 -1.83 -4.67 5.68
C PRO A 34 -1.64 -3.88 6.97
N GLU A 35 -0.41 -3.86 7.47
CA GLU A 35 -0.10 -3.14 8.70
C GLU A 35 0.48 -1.76 8.39
N TYR A 36 -0.07 -0.74 9.05
CA TYR A 36 0.39 0.63 8.84
C TYR A 36 0.84 1.25 10.16
N THR A 37 2.15 1.46 10.29
CA THR A 37 2.71 2.05 11.49
C THR A 37 3.90 2.95 11.17
N VAL A 38 4.09 3.98 11.98
CA VAL A 38 5.19 4.92 11.77
C VAL A 38 6.46 4.45 12.48
N THR A 39 7.52 4.28 11.71
CA THR A 39 8.79 3.82 12.27
C THR A 39 9.72 5.00 12.55
N GLN A 40 9.56 6.08 11.79
CA GLN A 40 10.37 7.27 11.97
C GLN A 40 9.58 8.53 11.66
N GLU A 41 10.09 9.68 12.11
CA GLU A 41 9.42 10.95 11.89
C GLU A 41 10.43 12.10 11.84
N SER A 42 10.69 12.61 10.64
CA SER A 42 11.63 13.70 10.47
C SER A 42 10.96 14.92 9.87
N GLY A 43 11.68 16.03 9.81
CA GLY A 43 11.13 17.26 9.27
C GLY A 43 10.75 18.25 10.34
N PRO A 44 10.93 19.55 10.04
CA PRO A 44 10.60 20.62 10.98
C PRO A 44 9.10 20.78 11.20
N ALA A 45 8.71 21.80 11.96
CA ALA A 45 7.31 22.06 12.23
C ALA A 45 6.55 22.42 10.96
N HIS A 46 7.19 23.23 10.11
CA HIS A 46 6.58 23.65 8.85
C HIS A 46 6.51 22.49 7.87
N ARG A 47 7.57 21.70 7.82
CA ARG A 47 7.63 20.56 6.92
C ARG A 47 7.74 19.25 7.69
N LYS A 48 6.61 18.72 8.13
CA LYS A 48 6.58 17.48 8.88
C LYS A 48 6.59 16.28 7.94
N GLU A 49 7.39 15.27 8.31
CA GLU A 49 7.51 14.06 7.50
C GLU A 49 7.51 12.81 8.38
N PHE A 50 6.60 11.89 8.07
CA PHE A 50 6.49 10.65 8.85
C PHE A 50 6.80 9.44 7.96
N THR A 51 7.70 8.59 8.44
CA THR A 51 8.09 7.39 7.70
C THR A 51 7.27 6.18 8.15
N MET A 52 6.33 5.77 7.31
CA MET A 52 5.48 4.63 7.61
C MET A 52 5.87 3.42 6.78
N THR A 53 5.82 2.24 7.39
CA THR A 53 6.18 1.00 6.70
C THR A 53 5.00 0.05 6.65
N CYS A 54 4.77 -0.54 5.49
CA CYS A 54 3.67 -1.48 5.31
C CYS A 54 4.14 -2.91 5.54
N ARG A 55 3.71 -3.50 6.66
CA ARG A 55 4.08 -4.86 7.01
C ARG A 55 3.05 -5.85 6.49
N VAL A 56 3.38 -6.52 5.39
CA VAL A 56 2.49 -7.51 4.79
C VAL A 56 2.85 -8.93 5.23
N GLU A 57 1.89 -9.83 5.14
CA GLU A 57 2.10 -11.22 5.53
C GLU A 57 3.53 -11.65 5.21
N ARG A 58 3.81 -11.85 3.93
CA ARG A 58 5.14 -12.27 3.49
C ARG A 58 5.81 -11.17 2.66
N PHE A 59 5.47 -9.93 2.96
CA PHE A 59 6.04 -8.79 2.23
C PHE A 59 6.22 -7.60 3.15
N ILE A 60 7.17 -6.73 2.81
CA ILE A 60 7.44 -5.54 3.61
C ILE A 60 7.96 -4.40 2.74
N GLU A 61 7.43 -3.20 2.97
CA GLU A 61 7.85 -2.03 2.21
C GLU A 61 7.82 -0.78 3.08
N ILE A 62 8.78 0.11 2.86
CA ILE A 62 8.87 1.35 3.62
C ILE A 62 8.48 2.55 2.76
N GLY A 63 7.68 3.46 3.33
CA GLY A 63 7.27 4.63 2.59
C GLY A 63 7.44 5.91 3.40
N SER A 64 7.06 7.03 2.81
CA SER A 64 7.18 8.33 3.48
C SER A 64 6.09 9.29 3.01
N GLY A 65 5.60 10.11 3.93
CA GLY A 65 4.55 11.06 3.60
C GLY A 65 4.47 12.20 4.60
N THR A 66 4.18 13.40 4.11
CA THR A 66 4.05 14.57 4.96
C THR A 66 3.18 14.28 6.18
N SER A 67 2.23 13.37 6.01
CA SER A 67 1.31 13.01 7.09
C SER A 67 1.03 11.50 7.07
N LYS A 68 0.80 10.93 8.25
CA LYS A 68 0.51 9.52 8.37
C LYS A 68 -0.42 9.06 7.25
N LYS A 69 -1.66 9.55 7.28
CA LYS A 69 -2.65 9.18 6.27
C LYS A 69 -1.99 9.01 4.90
N LEU A 70 -1.09 9.93 4.57
CA LEU A 70 -0.39 9.88 3.29
C LEU A 70 0.64 8.75 3.28
N ALA A 71 1.53 8.78 4.25
CA ALA A 71 2.57 7.76 4.37
C ALA A 71 2.02 6.37 4.08
N LYS A 72 0.80 6.11 4.55
CA LYS A 72 0.15 4.83 4.34
C LYS A 72 0.03 4.51 2.86
N ARG A 73 -0.59 5.42 2.11
CA ARG A 73 -0.76 5.24 0.68
C ARG A 73 0.59 5.13 -0.03
N ASN A 74 1.56 5.91 0.44
CA ASN A 74 2.89 5.90 -0.15
C ASN A 74 3.49 4.50 -0.13
N ALA A 75 3.43 3.85 1.04
CA ALA A 75 3.96 2.50 1.19
C ALA A 75 3.15 1.50 0.39
N ALA A 76 1.83 1.59 0.50
CA ALA A 76 0.94 0.69 -0.22
C ALA A 76 1.22 0.70 -1.72
N ALA A 77 1.29 1.90 -2.28
CA ALA A 77 1.55 2.05 -3.70
C ALA A 77 2.77 1.24 -4.12
N LYS A 78 3.91 1.49 -3.47
CA LYS A 78 5.14 0.79 -3.78
C LYS A 78 4.96 -0.72 -3.60
N MET A 79 4.24 -1.10 -2.56
CA MET A 79 3.99 -2.52 -2.28
C MET A 79 3.35 -3.20 -3.48
N LEU A 80 2.36 -2.56 -4.07
CA LEU A 80 1.68 -3.12 -5.24
C LEU A 80 2.67 -3.82 -6.17
N LEU A 81 3.73 -3.11 -6.53
CA LEU A 81 4.75 -3.66 -7.41
C LEU A 81 5.59 -4.71 -6.68
N ARG A 82 6.06 -4.35 -5.49
CA ARG A 82 6.87 -5.27 -4.69
C ARG A 82 6.36 -6.70 -4.80
N VAL A 83 5.06 -6.87 -4.59
CA VAL A 83 4.43 -8.19 -4.66
C VAL A 83 4.27 -8.64 -6.11
N SER A 84 3.98 -7.67 -6.99
CA SER A 84 3.80 -7.98 -8.41
C SER A 84 4.75 -7.16 -9.27
N GLY A 85 5.89 -7.75 -9.59
CA GLY A 85 6.89 -7.07 -10.40
C GLY A 85 6.49 -7.00 -11.87
N PRO A 86 7.49 -6.82 -12.74
CA PRO A 86 7.26 -6.73 -14.19
C PRO A 86 6.85 -8.07 -14.79
N SER A 87 5.72 -8.08 -15.50
CA SER A 87 5.23 -9.29 -16.13
C SER A 87 6.15 -9.76 -17.25
N SER A 88 5.96 -11.00 -17.69
CA SER A 88 6.79 -11.55 -18.76
C SER A 88 6.76 -10.66 -19.99
N GLY A 89 5.56 -10.18 -20.34
CA GLY A 89 5.42 -9.33 -21.50
C GLY A 89 4.03 -8.73 -21.61
N GLY A 1 -14.98 -12.83 23.37
CA GLY A 1 -15.28 -12.47 22.00
C GLY A 1 -16.05 -11.17 21.90
N SER A 2 -15.48 -10.21 21.16
CA SER A 2 -16.13 -8.90 21.00
C SER A 2 -15.76 -8.29 19.65
N SER A 3 -16.54 -7.30 19.23
CA SER A 3 -16.30 -6.63 17.94
C SER A 3 -15.33 -5.47 18.11
N GLY A 4 -14.35 -5.40 17.22
CA GLY A 4 -13.37 -4.33 17.29
C GLY A 4 -13.80 -3.10 16.51
N SER A 5 -14.13 -2.03 17.24
CA SER A 5 -14.57 -0.79 16.62
C SER A 5 -13.38 0.16 16.41
N SER A 6 -12.27 -0.39 15.94
CA SER A 6 -11.07 0.40 15.71
C SER A 6 -11.36 1.54 14.73
N GLY A 7 -12.09 1.23 13.67
CA GLY A 7 -12.42 2.24 12.68
C GLY A 7 -12.56 1.67 11.28
N PRO A 8 -13.77 1.18 10.96
CA PRO A 8 -14.06 0.59 9.65
C PRO A 8 -14.07 1.62 8.53
N VAL A 9 -13.22 1.42 7.53
CA VAL A 9 -13.14 2.33 6.40
C VAL A 9 -13.92 1.82 5.21
N SER A 10 -13.98 2.62 4.14
CA SER A 10 -14.71 2.23 2.94
C SER A 10 -13.82 1.42 2.01
N PRO A 11 -14.44 0.53 1.23
CA PRO A 11 -13.73 -0.34 0.29
C PRO A 11 -13.16 0.44 -0.90
N GLN A 12 -13.95 1.39 -1.41
CA GLN A 12 -13.54 2.20 -2.54
C GLN A 12 -14.41 3.45 -2.67
N GLN A 13 -13.79 4.56 -3.03
CA GLN A 13 -14.52 5.81 -3.19
C GLN A 13 -14.55 6.24 -4.66
N SER A 14 -14.90 5.30 -5.53
CA SER A 14 -14.97 5.58 -6.97
C SER A 14 -13.79 6.44 -7.41
N GLU A 15 -12.62 6.17 -6.86
CA GLU A 15 -11.42 6.92 -7.19
C GLU A 15 -10.18 6.01 -7.20
N CYS A 16 -9.08 6.54 -7.72
CA CYS A 16 -7.84 5.78 -7.80
C CYS A 16 -7.02 5.96 -6.52
N ASN A 17 -6.65 4.84 -5.89
CA ASN A 17 -5.87 4.89 -4.66
C ASN A 17 -5.23 3.53 -4.38
N PRO A 18 -4.01 3.55 -3.82
CA PRO A 18 -3.27 2.34 -3.49
C PRO A 18 -3.90 1.57 -2.32
N VAL A 19 -4.17 2.27 -1.23
CA VAL A 19 -4.77 1.66 -0.06
C VAL A 19 -6.00 0.83 -0.43
N GLY A 20 -6.78 1.35 -1.39
CA GLY A 20 -7.96 0.64 -1.83
C GLY A 20 -7.66 -0.45 -2.84
N ALA A 21 -6.50 -0.34 -3.49
CA ALA A 21 -6.09 -1.31 -4.48
C ALA A 21 -5.49 -2.55 -3.83
N LEU A 22 -4.47 -2.34 -3.00
CA LEU A 22 -3.81 -3.45 -2.31
C LEU A 22 -4.83 -4.42 -1.74
N GLN A 23 -5.89 -3.89 -1.14
CA GLN A 23 -6.95 -4.72 -0.56
C GLN A 23 -7.41 -5.78 -1.56
N GLU A 24 -7.45 -5.41 -2.82
CA GLU A 24 -7.87 -6.34 -3.87
C GLU A 24 -6.85 -7.45 -4.07
N LEU A 25 -5.58 -7.08 -4.11
CA LEU A 25 -4.50 -8.04 -4.30
C LEU A 25 -4.48 -9.06 -3.17
N VAL A 26 -4.33 -8.58 -1.94
CA VAL A 26 -4.30 -9.45 -0.77
C VAL A 26 -5.37 -10.54 -0.87
N VAL A 27 -6.55 -10.16 -1.33
CA VAL A 27 -7.65 -11.10 -1.48
C VAL A 27 -7.31 -12.20 -2.48
N GLN A 28 -6.61 -11.82 -3.55
CA GLN A 28 -6.22 -12.77 -4.57
C GLN A 28 -5.11 -13.69 -4.07
N LYS A 29 -4.19 -13.14 -3.30
CA LYS A 29 -3.09 -13.92 -2.75
C LYS A 29 -3.53 -14.69 -1.51
N GLY A 30 -4.62 -14.27 -0.91
CA GLY A 30 -5.13 -14.93 0.28
C GLY A 30 -4.45 -14.46 1.55
N TRP A 31 -4.29 -13.14 1.67
CA TRP A 31 -3.66 -12.55 2.85
C TRP A 31 -4.64 -11.69 3.62
N ARG A 32 -4.19 -11.13 4.74
CA ARG A 32 -5.03 -10.28 5.57
C ARG A 32 -4.62 -8.82 5.44
N LEU A 33 -5.48 -7.93 5.92
CA LEU A 33 -5.21 -6.49 5.87
C LEU A 33 -3.77 -6.19 6.29
N PRO A 34 -3.10 -5.31 5.53
CA PRO A 34 -1.72 -4.91 5.81
C PRO A 34 -1.60 -4.07 7.08
N GLU A 35 -0.40 -4.04 7.66
CA GLU A 35 -0.16 -3.27 8.88
C GLU A 35 0.42 -1.90 8.54
N TYR A 36 0.10 -0.91 9.36
CA TYR A 36 0.58 0.45 9.16
C TYR A 36 1.08 1.06 10.47
N THR A 37 2.38 1.29 10.55
CA THR A 37 2.98 1.86 11.75
C THR A 37 4.14 2.79 11.39
N VAL A 38 4.29 3.87 12.15
CA VAL A 38 5.36 4.83 11.91
C VAL A 38 6.68 4.33 12.47
N THR A 39 7.71 4.32 11.64
CA THR A 39 9.04 3.86 12.05
C THR A 39 9.96 5.03 12.34
N GLN A 40 9.88 6.06 11.49
CA GLN A 40 10.73 7.24 11.66
C GLN A 40 9.90 8.51 11.46
N GLU A 41 10.45 9.64 11.90
CA GLU A 41 9.77 10.92 11.78
C GLU A 41 10.77 12.06 11.68
N SER A 42 10.91 12.62 10.48
CA SER A 42 11.84 13.72 10.25
C SER A 42 11.13 14.93 9.68
N GLY A 43 11.85 16.05 9.58
CA GLY A 43 11.25 17.27 9.05
C GLY A 43 10.65 18.14 10.13
N PRO A 44 10.74 19.47 9.95
CA PRO A 44 10.20 20.43 10.92
C PRO A 44 8.68 20.44 10.95
N ALA A 45 8.11 21.48 11.54
CA ALA A 45 6.66 21.60 11.64
C ALA A 45 6.05 22.00 10.30
N HIS A 46 6.68 22.94 9.62
CA HIS A 46 6.20 23.41 8.32
C HIS A 46 6.41 22.33 7.25
N ARG A 47 7.31 21.40 7.52
CA ARG A 47 7.61 20.32 6.58
C ARG A 47 7.63 18.97 7.29
N LYS A 48 6.60 18.71 8.09
CA LYS A 48 6.51 17.45 8.82
C LYS A 48 6.57 16.25 7.87
N GLU A 49 7.33 15.24 8.26
CA GLU A 49 7.47 14.04 7.44
C GLU A 49 7.55 12.79 8.31
N PHE A 50 6.64 11.85 8.06
CA PHE A 50 6.59 10.61 8.83
C PHE A 50 6.87 9.41 7.93
N THR A 51 7.81 8.56 8.36
CA THR A 51 8.17 7.37 7.59
C THR A 51 7.39 6.15 8.07
N MET A 52 6.31 5.83 7.37
CA MET A 52 5.48 4.68 7.73
C MET A 52 5.83 3.48 6.85
N THR A 53 5.92 2.31 7.48
CA THR A 53 6.24 1.08 6.76
C THR A 53 5.05 0.12 6.76
N CYS A 54 4.78 -0.45 5.59
CA CYS A 54 3.67 -1.38 5.45
C CYS A 54 4.14 -2.82 5.63
N ARG A 55 3.62 -3.49 6.65
CA ARG A 55 3.99 -4.87 6.94
C ARG A 55 2.97 -5.84 6.36
N VAL A 56 3.45 -6.82 5.60
CA VAL A 56 2.58 -7.81 4.98
C VAL A 56 2.97 -9.23 5.41
N GLU A 57 2.02 -10.15 5.32
CA GLU A 57 2.27 -11.54 5.69
C GLU A 57 3.70 -11.94 5.36
N ARG A 58 4.02 -11.97 4.07
CA ARG A 58 5.36 -12.34 3.62
C ARG A 58 5.97 -11.24 2.76
N PHE A 59 5.63 -10.00 3.08
CA PHE A 59 6.14 -8.85 2.33
C PHE A 59 6.30 -7.64 3.25
N ILE A 60 7.24 -6.76 2.91
CA ILE A 60 7.49 -5.56 3.69
C ILE A 60 8.00 -4.43 2.81
N GLU A 61 7.52 -3.22 3.08
CA GLU A 61 7.94 -2.04 2.31
C GLU A 61 7.84 -0.78 3.15
N ILE A 62 8.85 0.08 3.04
CA ILE A 62 8.88 1.33 3.79
C ILE A 62 8.38 2.49 2.93
N GLY A 63 7.57 3.36 3.54
CA GLY A 63 7.04 4.50 2.82
C GLY A 63 7.28 5.81 3.56
N SER A 64 6.93 6.92 2.92
CA SER A 64 7.12 8.23 3.51
C SER A 64 6.04 9.21 3.03
N GLY A 65 5.54 10.02 3.95
CA GLY A 65 4.52 10.99 3.59
C GLY A 65 4.46 12.16 4.55
N THR A 66 4.39 13.37 4.01
CA THR A 66 4.34 14.58 4.82
C THR A 66 3.45 14.38 6.05
N SER A 67 2.38 13.61 5.88
CA SER A 67 1.45 13.35 6.97
C SER A 67 1.14 11.85 7.07
N LYS A 68 0.93 11.38 8.29
CA LYS A 68 0.63 9.97 8.52
C LYS A 68 -0.35 9.44 7.47
N LYS A 69 -1.51 10.09 7.39
CA LYS A 69 -2.54 9.68 6.43
C LYS A 69 -1.91 9.39 5.07
N LEU A 70 -0.94 10.21 4.67
CA LEU A 70 -0.28 10.03 3.38
C LEU A 70 0.71 8.87 3.44
N ALA A 71 1.69 8.97 4.34
CA ALA A 71 2.68 7.92 4.50
C ALA A 71 2.07 6.53 4.31
N LYS A 72 0.88 6.35 4.85
CA LYS A 72 0.17 5.07 4.74
C LYS A 72 -0.04 4.70 3.27
N ARG A 73 -0.71 5.57 2.54
CA ARG A 73 -0.99 5.33 1.13
C ARG A 73 0.31 5.20 0.33
N ASN A 74 1.34 5.93 0.77
CA ASN A 74 2.63 5.90 0.10
C ASN A 74 3.27 4.51 0.20
N ALA A 75 3.24 3.95 1.40
CA ALA A 75 3.81 2.62 1.63
C ALA A 75 3.05 1.56 0.85
N ALA A 76 1.73 1.60 0.93
CA ALA A 76 0.89 0.63 0.22
C ALA A 76 1.14 0.69 -1.28
N ALA A 77 1.21 1.91 -1.82
CA ALA A 77 1.44 2.11 -3.25
C ALA A 77 2.64 1.28 -3.73
N LYS A 78 3.82 1.60 -3.20
CA LYS A 78 5.04 0.89 -3.57
C LYS A 78 4.86 -0.61 -3.41
N MET A 79 4.19 -1.01 -2.34
CA MET A 79 3.96 -2.43 -2.07
C MET A 79 3.21 -3.09 -3.24
N LEU A 80 2.33 -2.33 -3.87
CA LEU A 80 1.55 -2.84 -5.01
C LEU A 80 2.46 -3.54 -6.00
N LEU A 81 3.58 -2.89 -6.35
CA LEU A 81 4.53 -3.46 -7.30
C LEU A 81 5.35 -4.56 -6.64
N ARG A 82 5.83 -4.30 -5.43
CA ARG A 82 6.64 -5.28 -4.71
C ARG A 82 5.99 -6.65 -4.75
N VAL A 83 4.75 -6.73 -4.29
CA VAL A 83 4.02 -8.00 -4.27
C VAL A 83 3.69 -8.46 -5.69
N SER A 84 3.47 -7.50 -6.59
CA SER A 84 3.15 -7.82 -7.97
C SER A 84 4.42 -8.17 -8.76
N GLY A 85 4.83 -9.43 -8.66
CA GLY A 85 6.02 -9.87 -9.36
C GLY A 85 6.11 -9.29 -10.76
N PRO A 86 7.36 -9.04 -11.21
CA PRO A 86 7.61 -8.48 -12.54
C PRO A 86 7.30 -9.46 -13.66
N SER A 87 7.10 -8.95 -14.86
CA SER A 87 6.79 -9.78 -16.02
C SER A 87 7.11 -9.05 -17.32
N SER A 88 7.86 -9.72 -18.20
CA SER A 88 8.23 -9.12 -19.47
C SER A 88 7.13 -9.31 -20.51
N GLY A 89 6.43 -8.23 -20.82
CA GLY A 89 5.35 -8.30 -21.78
C GLY A 89 4.71 -6.95 -22.05
N GLY A 1 -21.94 -13.39 10.08
CA GLY A 1 -22.28 -12.06 9.64
C GLY A 1 -23.57 -11.55 10.25
N SER A 2 -24.68 -11.79 9.58
CA SER A 2 -25.99 -11.35 10.05
C SER A 2 -27.04 -12.43 9.82
N SER A 3 -27.90 -12.61 10.81
CA SER A 3 -28.97 -13.61 10.72
C SER A 3 -29.54 -13.67 9.32
N GLY A 4 -29.53 -14.87 8.73
CA GLY A 4 -30.05 -15.05 7.39
C GLY A 4 -28.96 -15.08 6.34
N SER A 5 -28.89 -14.04 5.53
CA SER A 5 -27.88 -13.95 4.47
C SER A 5 -27.66 -12.49 4.06
N SER A 6 -26.40 -12.16 3.77
CA SER A 6 -26.05 -10.80 3.36
C SER A 6 -25.11 -10.82 2.16
N GLY A 7 -25.62 -10.40 1.01
CA GLY A 7 -24.82 -10.38 -0.20
C GLY A 7 -24.86 -9.04 -0.89
N PRO A 8 -24.27 -8.01 -0.26
CA PRO A 8 -24.23 -6.65 -0.80
C PRO A 8 -23.31 -6.54 -2.01
N VAL A 9 -23.12 -5.32 -2.50
CA VAL A 9 -22.27 -5.08 -3.65
C VAL A 9 -21.12 -4.15 -3.30
N SER A 10 -20.06 -4.19 -4.11
CA SER A 10 -18.88 -3.35 -3.87
C SER A 10 -19.23 -1.88 -4.09
N PRO A 11 -18.62 -1.00 -3.28
CA PRO A 11 -18.83 0.44 -3.36
C PRO A 11 -18.24 1.05 -4.62
N GLN A 12 -18.63 2.29 -4.92
CA GLN A 12 -18.12 2.98 -6.11
C GLN A 12 -16.92 3.85 -5.75
N GLN A 13 -15.91 3.81 -6.61
CA GLN A 13 -14.70 4.60 -6.39
C GLN A 13 -14.66 5.82 -7.30
N SER A 14 -14.18 6.94 -6.77
CA SER A 14 -14.11 8.17 -7.55
C SER A 14 -12.74 8.31 -8.22
N GLU A 15 -11.68 8.11 -7.43
CA GLU A 15 -10.32 8.20 -7.95
C GLU A 15 -9.50 6.98 -7.56
N CYS A 16 -8.35 6.81 -8.22
CA CYS A 16 -7.48 5.68 -7.94
C CYS A 16 -6.71 5.88 -6.64
N ASN A 17 -6.46 4.78 -5.94
CA ASN A 17 -5.73 4.85 -4.66
C ASN A 17 -5.11 3.50 -4.33
N PRO A 18 -3.91 3.53 -3.75
CA PRO A 18 -3.17 2.32 -3.37
C PRO A 18 -3.83 1.60 -2.20
N VAL A 19 -4.10 2.35 -1.13
CA VAL A 19 -4.73 1.78 0.05
C VAL A 19 -5.95 0.94 -0.31
N GLY A 20 -6.73 1.42 -1.27
CA GLY A 20 -7.91 0.70 -1.70
C GLY A 20 -7.60 -0.39 -2.70
N ALA A 21 -6.45 -0.28 -3.35
CA ALA A 21 -6.03 -1.26 -4.34
C ALA A 21 -5.42 -2.49 -3.67
N LEU A 22 -4.35 -2.27 -2.91
CA LEU A 22 -3.68 -3.36 -2.21
C LEU A 22 -4.68 -4.33 -1.62
N GLN A 23 -5.72 -3.80 -0.97
CA GLN A 23 -6.74 -4.62 -0.36
C GLN A 23 -7.31 -5.63 -1.36
N GLU A 24 -7.47 -5.18 -2.60
CA GLU A 24 -8.00 -6.05 -3.65
C GLU A 24 -7.07 -7.22 -3.92
N LEU A 25 -5.77 -6.98 -3.74
CA LEU A 25 -4.76 -8.01 -3.95
C LEU A 25 -4.76 -9.03 -2.82
N VAL A 26 -4.45 -8.56 -1.62
CA VAL A 26 -4.41 -9.42 -0.44
C VAL A 26 -5.56 -10.43 -0.47
N VAL A 27 -6.75 -9.95 -0.78
CA VAL A 27 -7.94 -10.81 -0.85
C VAL A 27 -7.76 -11.90 -1.91
N GLN A 28 -7.13 -11.53 -3.01
CA GLN A 28 -6.90 -12.47 -4.10
C GLN A 28 -5.83 -13.50 -3.72
N LYS A 29 -4.84 -13.05 -2.97
CA LYS A 29 -3.75 -13.93 -2.53
C LYS A 29 -4.16 -14.73 -1.30
N GLY A 30 -5.14 -14.22 -0.57
CA GLY A 30 -5.60 -14.89 0.63
C GLY A 30 -4.85 -14.46 1.87
N TRP A 31 -4.50 -13.18 1.94
CA TRP A 31 -3.78 -12.65 3.08
C TRP A 31 -4.69 -11.79 3.95
N ARG A 32 -4.13 -11.27 5.05
CA ARG A 32 -4.90 -10.43 5.96
C ARG A 32 -4.55 -8.96 5.76
N LEU A 33 -5.49 -8.09 6.13
CA LEU A 33 -5.29 -6.65 6.00
C LEU A 33 -3.84 -6.27 6.28
N PRO A 34 -3.31 -5.30 5.52
CA PRO A 34 -1.93 -4.82 5.70
C PRO A 34 -1.74 -4.05 7.00
N GLU A 35 -0.58 -4.22 7.61
CA GLU A 35 -0.27 -3.54 8.87
C GLU A 35 0.49 -2.24 8.60
N TYR A 36 0.01 -1.15 9.19
CA TYR A 36 0.65 0.15 9.02
C TYR A 36 1.13 0.69 10.36
N THR A 37 2.42 1.01 10.43
CA THR A 37 3.01 1.54 11.65
C THR A 37 4.08 2.58 11.34
N VAL A 38 4.15 3.62 12.16
CA VAL A 38 5.13 4.69 11.98
C VAL A 38 6.47 4.31 12.62
N THR A 39 7.51 4.24 11.79
CA THR A 39 8.84 3.90 12.29
C THR A 39 9.61 5.16 12.68
N GLN A 40 9.87 6.02 11.72
CA GLN A 40 10.59 7.25 11.97
C GLN A 40 9.72 8.48 11.70
N GLU A 41 10.03 9.59 12.35
CA GLU A 41 9.28 10.81 12.18
C GLU A 41 10.16 12.04 12.41
N SER A 42 10.47 12.75 11.33
CA SER A 42 11.32 13.93 11.41
C SER A 42 10.73 15.08 10.59
N GLY A 43 11.32 16.26 10.72
CA GLY A 43 10.84 17.41 9.98
C GLY A 43 10.20 18.45 10.88
N PRO A 44 10.36 19.74 10.53
CA PRO A 44 9.81 20.85 11.30
C PRO A 44 8.29 20.91 11.21
N ALA A 45 7.70 21.87 11.92
CA ALA A 45 6.25 22.04 11.92
C ALA A 45 5.74 22.40 10.54
N HIS A 46 6.46 23.28 9.86
CA HIS A 46 6.09 23.72 8.51
C HIS A 46 6.23 22.58 7.51
N ARG A 47 7.32 21.82 7.64
CA ARG A 47 7.59 20.70 6.75
C ARG A 47 7.69 19.39 7.53
N LYS A 48 6.54 18.84 7.90
CA LYS A 48 6.50 17.59 8.66
C LYS A 48 6.73 16.39 7.73
N GLU A 49 7.46 15.40 8.24
CA GLU A 49 7.77 14.21 7.46
C GLU A 49 7.64 12.95 8.33
N PHE A 50 6.77 12.04 7.90
CA PHE A 50 6.55 10.79 8.63
C PHE A 50 7.02 9.59 7.82
N THR A 51 7.63 8.62 8.50
CA THR A 51 8.12 7.42 7.84
C THR A 51 7.32 6.20 8.27
N MET A 52 6.36 5.80 7.44
CA MET A 52 5.53 4.63 7.73
C MET A 52 5.93 3.44 6.86
N THR A 53 5.98 2.26 7.47
CA THR A 53 6.35 1.05 6.74
C THR A 53 5.17 0.08 6.66
N CYS A 54 4.95 -0.48 5.48
CA CYS A 54 3.87 -1.43 5.27
C CYS A 54 4.34 -2.86 5.46
N ARG A 55 3.77 -3.54 6.46
CA ARG A 55 4.15 -4.91 6.74
C ARG A 55 3.14 -5.89 6.13
N VAL A 56 3.65 -6.85 5.35
CA VAL A 56 2.80 -7.84 4.71
C VAL A 56 3.21 -9.26 5.11
N GLU A 57 2.28 -10.19 4.97
CA GLU A 57 2.55 -11.59 5.32
C GLU A 57 4.00 -11.95 5.03
N ARG A 58 4.37 -11.97 3.76
CA ARG A 58 5.73 -12.31 3.36
C ARG A 58 6.34 -11.18 2.53
N PHE A 59 5.94 -9.95 2.83
CA PHE A 59 6.44 -8.78 2.10
C PHE A 59 6.59 -7.59 3.03
N ILE A 60 7.52 -6.70 2.71
CA ILE A 60 7.75 -5.51 3.51
C ILE A 60 8.25 -4.34 2.65
N GLU A 61 7.76 -3.15 2.94
CA GLU A 61 8.15 -1.96 2.19
C GLU A 61 8.07 -0.71 3.07
N ILE A 62 9.10 0.12 3.01
CA ILE A 62 9.13 1.35 3.79
C ILE A 62 8.63 2.54 2.97
N GLY A 63 7.75 3.33 3.57
CA GLY A 63 7.21 4.50 2.89
C GLY A 63 7.34 5.76 3.71
N SER A 64 7.10 6.90 3.08
CA SER A 64 7.18 8.19 3.75
C SER A 64 6.20 9.20 3.15
N GLY A 65 6.06 10.34 3.81
CA GLY A 65 5.16 11.37 3.33
C GLY A 65 5.08 12.55 4.26
N THR A 66 4.41 13.61 3.81
CA THR A 66 4.26 14.82 4.61
C THR A 66 3.31 14.60 5.78
N SER A 67 2.50 13.55 5.69
CA SER A 67 1.55 13.22 6.73
C SER A 67 1.29 11.72 6.79
N LYS A 68 1.13 11.20 8.01
CA LYS A 68 0.89 9.78 8.20
C LYS A 68 -0.09 9.25 7.16
N LYS A 69 -1.21 9.93 7.00
CA LYS A 69 -2.22 9.53 6.03
C LYS A 69 -1.59 9.25 4.67
N LEU A 70 -0.62 10.07 4.29
CA LEU A 70 0.06 9.90 3.01
C LEU A 70 1.03 8.73 3.06
N ALA A 71 2.04 8.83 3.91
CA ALA A 71 3.03 7.77 4.07
C ALA A 71 2.38 6.40 3.90
N LYS A 72 1.18 6.24 4.43
CA LYS A 72 0.46 4.98 4.34
C LYS A 72 0.20 4.61 2.88
N ARG A 73 -0.42 5.52 2.15
CA ARG A 73 -0.74 5.29 0.74
C ARG A 73 0.54 5.08 -0.08
N ASN A 74 1.60 5.79 0.31
CA ASN A 74 2.88 5.70 -0.38
C ASN A 74 3.47 4.29 -0.24
N ALA A 75 3.46 3.77 0.97
CA ALA A 75 4.00 2.44 1.24
C ALA A 75 3.18 1.38 0.51
N ALA A 76 1.86 1.49 0.58
CA ALA A 76 0.98 0.54 -0.07
C ALA A 76 1.18 0.55 -1.58
N ALA A 77 1.19 1.74 -2.17
CA ALA A 77 1.38 1.88 -3.61
C ALA A 77 2.56 1.05 -4.09
N LYS A 78 3.75 1.36 -3.58
CA LYS A 78 4.96 0.63 -3.96
C LYS A 78 4.79 -0.87 -3.73
N MET A 79 4.17 -1.22 -2.61
CA MET A 79 3.95 -2.62 -2.27
C MET A 79 3.17 -3.33 -3.38
N LEU A 80 2.29 -2.60 -4.03
CA LEU A 80 1.49 -3.15 -5.11
C LEU A 80 2.36 -3.86 -6.14
N LEU A 81 3.40 -3.17 -6.58
CA LEU A 81 4.32 -3.73 -7.57
C LEU A 81 5.21 -4.80 -6.94
N ARG A 82 5.73 -4.51 -5.75
CA ARG A 82 6.59 -5.45 -5.04
C ARG A 82 6.00 -6.85 -5.07
N VAL A 83 4.75 -6.97 -4.65
CA VAL A 83 4.07 -8.27 -4.62
C VAL A 83 3.67 -8.70 -6.03
N SER A 84 3.48 -7.72 -6.92
CA SER A 84 3.08 -8.01 -8.29
C SER A 84 4.30 -8.46 -9.11
N GLY A 85 4.10 -9.48 -9.94
CA GLY A 85 5.18 -9.98 -10.77
C GLY A 85 4.75 -10.23 -12.19
N PRO A 86 5.71 -10.61 -13.05
CA PRO A 86 5.45 -10.88 -14.47
C PRO A 86 4.62 -12.14 -14.67
N SER A 87 3.40 -11.98 -15.16
CA SER A 87 2.51 -13.11 -15.40
C SER A 87 2.67 -13.63 -16.82
N SER A 88 3.12 -14.88 -16.94
CA SER A 88 3.32 -15.50 -18.25
C SER A 88 1.98 -15.91 -18.86
N GLY A 89 1.45 -15.06 -19.74
CA GLY A 89 0.18 -15.36 -20.38
C GLY A 89 -0.88 -14.33 -20.06
#